data_5SJJ
#
_entry.id   5SJJ
#
_cell.length_a   136.490
_cell.length_b   136.490
_cell.length_c   236.140
_cell.angle_alpha   90.000
_cell.angle_beta   90.000
_cell.angle_gamma   120.000
#
_symmetry.space_group_name_H-M   'H 3'
#
loop_
_entity.id
_entity.type
_entity.pdbx_description
1 polymer "cAMP and cAMP-inhibited cGMP 3',5'-cyclic phosphodiesterase 10A"
2 non-polymer 'ZINC ION'
3 non-polymer 'MAGNESIUM ION'
4 non-polymer GLYCEROL
5 non-polymer N~4~-ethyl-5-[3-(trifluoromethyl)phenyl]-7H-pyrrolo[2,3-d]pyrimidine-2,4-diamine
6 water water
#
_entity_poly.entity_id   1
_entity_poly.type   'polypeptide(L)'
_entity_poly.pdbx_seq_one_letter_code
;GSSICTSEEWQGLMQFTLPVRLCKEIELFHFDIGPFENMWPGIFVYMVHRSCGTSCFELEKL(CME)RFIMSVKKNYRRV
PYHNWKHAVTVAHCMYAILQNNHTLFTDLERKGLLIACLCHDLDHRGFSNSYLQKFDHPLAALYSTSTMEQHHFSQTVSI
LQLEGHNIFSTLSSSEYEQVLEIIRKAIIATDLALYFGNRKQLEEMYQTGSLNLNNQSHRDRVIGLMMTACDLCSVTKLW
PVTKLTANDIYAEFWAEGDEMKKLGIQPIPMMDRDKKDEVPQGQLGFYNAVAIPCYTTLTQILPPTEPLLKACRDNLSQW
EKVIRGEETATWISSPSVAQKAAASED
;
_entity_poly.pdbx_strand_id   A,B,C,D
#
loop_
_chem_comp.id
_chem_comp.type
_chem_comp.name
_chem_comp.formula
GOL non-polymer GLYCEROL 'C3 H8 O3'
K3O non-polymer N~4~-ethyl-5-[3-(trifluoromethyl)phenyl]-7H-pyrrolo[2,3-d]pyrimidine-2,4-diamine 'C15 H14 F3 N5'
MG non-polymer 'MAGNESIUM ION' 'Mg 2'
ZN non-polymer 'ZINC ION' 'Zn 2'
#
# COMPACT_ATOMS: atom_id res chain seq x y z
N GLY A 12 -13.15 24.60 38.80
CA GLY A 12 -14.26 24.19 39.71
C GLY A 12 -15.63 24.66 39.22
N LEU A 13 -15.69 25.80 38.50
CA LEU A 13 -16.88 26.34 37.72
C LEU A 13 -16.85 25.87 36.26
N MET A 14 -16.26 24.70 36.00
CA MET A 14 -15.92 24.21 34.64
C MET A 14 -16.58 22.87 34.33
N GLN A 15 -17.92 22.82 34.48
CA GLN A 15 -18.82 21.75 33.99
C GLN A 15 -18.39 21.30 32.59
N PHE A 16 -18.13 20.01 32.42
CA PHE A 16 -18.30 19.29 31.13
C PHE A 16 -19.78 19.23 30.73
N THR A 17 -20.05 19.40 29.44
CA THR A 17 -21.41 19.28 28.83
C THR A 17 -21.29 18.48 27.53
N LEU A 18 -22.34 17.76 27.23
CA LEU A 18 -22.34 16.93 26.03
C LEU A 18 -23.45 17.45 25.14
N PRO A 19 -23.34 17.15 23.84
CA PRO A 19 -24.45 17.41 22.95
C PRO A 19 -25.74 16.87 23.52
N VAL A 20 -26.82 17.41 23.00
CA VAL A 20 -28.18 17.11 23.52
C VAL A 20 -28.48 15.62 23.44
N ARG A 21 -28.30 14.94 22.31
CA ARG A 21 -28.62 13.50 22.22
C ARG A 21 -27.84 12.71 23.28
N LEU A 22 -26.56 13.04 23.52
CA LEU A 22 -25.72 12.32 24.52
C LEU A 22 -26.10 12.71 25.96
N CYS A 23 -26.33 14.01 26.21
CA CYS A 23 -26.79 14.50 27.53
CA CYS A 23 -26.85 14.55 27.50
C CYS A 23 -28.00 13.64 27.92
N LYS A 24 -28.92 13.38 26.99
CA LYS A 24 -30.12 12.58 27.35
C LYS A 24 -29.87 11.09 27.41
N GLU A 25 -29.37 10.51 26.33
CA GLU A 25 -29.25 9.03 26.22
CA GLU A 25 -29.20 9.04 26.22
C GLU A 25 -28.16 8.56 27.22
N ILE A 26 -27.19 9.39 27.64
CA ILE A 26 -26.17 8.89 28.63
C ILE A 26 -26.86 8.47 29.95
N GLU A 27 -28.12 8.84 30.18
CA GLU A 27 -28.79 8.57 31.46
C GLU A 27 -29.45 7.21 31.46
N LEU A 28 -29.61 6.63 30.27
CA LEU A 28 -30.26 5.34 30.03
C LEU A 28 -29.24 4.20 30.09
N PHE A 29 -29.69 3.02 30.51
CA PHE A 29 -28.84 1.85 30.79
C PHE A 29 -28.20 1.40 29.48
N HIS A 30 -28.89 1.60 28.36
CA HIS A 30 -28.53 0.96 27.05
C HIS A 30 -27.75 1.94 26.16
N PHE A 31 -27.36 3.09 26.70
CA PHE A 31 -26.43 4.01 26.01
C PHE A 31 -25.25 3.22 25.41
N ASP A 32 -24.91 3.52 24.17
CA ASP A 32 -23.63 3.15 23.51
C ASP A 32 -22.72 4.38 23.44
N ILE A 33 -21.47 4.33 23.88
CA ILE A 33 -20.62 5.53 23.93
C ILE A 33 -20.16 6.00 22.53
N GLY A 34 -20.34 5.19 21.50
CA GLY A 34 -20.07 5.66 20.15
C GLY A 34 -18.65 5.34 19.70
N PRO A 35 -18.37 5.60 18.41
CA PRO A 35 -17.08 5.32 17.77
C PRO A 35 -16.06 6.46 17.86
N PHE A 36 -16.37 7.57 18.48
CA PHE A 36 -15.39 8.66 18.58
C PHE A 36 -14.58 8.55 19.88
N GLU A 37 -13.45 7.80 19.87
CA GLU A 37 -12.54 7.55 21.02
C GLU A 37 -12.26 8.83 21.80
N ASN A 38 -12.20 9.95 21.09
CA ASN A 38 -11.66 11.18 21.66
C ASN A 38 -12.70 11.78 22.56
N MET A 39 -13.96 11.39 22.44
CA MET A 39 -14.99 11.86 23.43
C MET A 39 -15.01 11.00 24.70
N TRP A 40 -14.37 9.82 24.75
CA TRP A 40 -14.66 8.89 25.86
C TRP A 40 -14.14 9.44 27.18
N PRO A 41 -12.97 10.13 27.23
CA PRO A 41 -12.50 10.80 28.45
C PRO A 41 -13.47 11.85 29.00
N GLY A 42 -14.01 12.68 28.12
CA GLY A 42 -15.03 13.68 28.52
C GLY A 42 -16.32 13.04 29.05
N ILE A 43 -16.77 11.97 28.42
CA ILE A 43 -17.99 11.22 28.84
C ILE A 43 -17.78 10.70 30.26
N PHE A 44 -16.64 10.05 30.53
CA PHE A 44 -16.30 9.53 31.89
C PHE A 44 -16.29 10.67 32.89
N VAL A 45 -15.66 11.81 32.57
CA VAL A 45 -15.51 12.92 33.56
C VAL A 45 -16.89 13.46 33.86
N TYR A 46 -17.72 13.56 32.81
CA TYR A 46 -19.13 14.03 32.95
C TYR A 46 -19.85 13.13 33.93
N MET A 47 -19.60 11.82 33.85
CA MET A 47 -20.32 10.83 34.71
C MET A 47 -19.83 11.00 36.17
N VAL A 48 -18.53 11.14 36.34
CA VAL A 48 -17.90 11.33 37.67
C VAL A 48 -18.52 12.58 38.29
N HIS A 49 -18.61 13.67 37.52
CA HIS A 49 -19.08 14.97 38.04
C HIS A 49 -20.55 14.86 38.46
N ARG A 50 -21.38 14.08 37.74
CA ARG A 50 -22.84 14.03 37.97
C ARG A 50 -23.14 12.98 39.04
N SER A 51 -22.24 12.00 39.17
CA SER A 51 -22.36 10.83 40.07
C SER A 51 -21.78 11.10 41.47
N CYS A 52 -20.80 11.97 41.52
CA CYS A 52 -19.92 12.10 42.68
C CYS A 52 -19.88 13.55 43.14
N GLY A 53 -19.70 14.46 42.18
CA GLY A 53 -19.55 15.91 42.35
C GLY A 53 -18.39 16.43 41.48
N THR A 54 -18.42 17.72 41.16
CA THR A 54 -17.27 18.43 40.52
C THR A 54 -16.09 18.58 41.49
N SER A 55 -16.37 18.35 42.77
CA SER A 55 -15.46 18.50 43.94
C SER A 55 -14.68 17.21 44.25
N CYS A 56 -15.22 16.04 43.90
CA CYS A 56 -14.67 14.74 44.39
CA CYS A 56 -14.69 14.70 44.31
C CYS A 56 -13.21 14.57 43.93
N PHE A 57 -12.83 15.08 42.75
CA PHE A 57 -11.47 14.90 42.18
C PHE A 57 -10.94 16.22 41.65
N GLU A 58 -9.62 16.34 41.59
CA GLU A 58 -8.88 17.48 40.97
C GLU A 58 -8.82 17.25 39.45
N LEU A 59 -9.51 18.08 38.69
CA LEU A 59 -9.64 17.97 37.24
C LEU A 59 -8.32 17.64 36.56
N GLU A 60 -7.23 18.33 36.88
CA GLU A 60 -5.92 18.12 36.20
C GLU A 60 -5.43 16.68 36.45
N LYS A 61 -5.52 16.23 37.71
CA LYS A 61 -5.03 14.90 38.20
C LYS A 61 -5.88 13.77 37.61
N LEU A 62 -7.18 13.99 37.46
CA LEU A 62 -8.16 13.00 36.98
C LEU A 62 -7.88 12.76 35.49
N CME A 63 -7.71 13.82 34.72
CA CME A 63 -7.41 13.73 33.28
CB CME A 63 -7.43 15.08 32.60
SG CME A 63 -9.13 15.68 32.34
SD CME A 63 -9.92 14.37 30.93
CE CME A 63 -9.69 15.07 29.25
CZ CME A 63 -11.03 15.35 28.58
OH CME A 63 -10.94 15.86 27.24
C CME A 63 -6.12 12.95 33.08
O CME A 63 -6.03 12.10 32.15
N ARG A 64 -5.16 13.24 33.92
CA ARG A 64 -3.84 12.60 33.82
C ARG A 64 -3.97 11.11 34.19
N PHE A 65 -4.82 10.77 35.15
CA PHE A 65 -5.13 9.36 35.51
C PHE A 65 -5.82 8.63 34.34
N ILE A 66 -6.93 9.19 33.84
CA ILE A 66 -7.69 8.65 32.68
C ILE A 66 -6.71 8.38 31.52
N MET A 67 -5.84 9.32 31.19
CA MET A 67 -4.98 9.16 29.97
C MET A 67 -3.92 8.07 30.21
N SER A 68 -3.42 7.92 31.43
CA SER A 68 -2.50 6.82 31.70
C SER A 68 -3.26 5.50 31.68
N VAL A 69 -4.51 5.51 32.18
CA VAL A 69 -5.30 4.26 32.26
C VAL A 69 -5.51 3.84 30.82
N LYS A 70 -5.93 4.75 29.98
CA LYS A 70 -6.13 4.44 28.54
C LYS A 70 -4.86 3.82 27.91
N LYS A 71 -3.73 4.51 28.03
CA LYS A 71 -2.42 4.03 27.57
C LYS A 71 -2.22 2.60 28.04
N ASN A 72 -2.74 2.13 29.19
CA ASN A 72 -2.35 0.80 29.74
C ASN A 72 -3.37 -0.30 29.40
N TYR A 73 -4.29 0.00 28.52
CA TYR A 73 -5.23 -0.95 27.87
C TYR A 73 -4.60 -1.25 26.52
N ARG A 74 -4.88 -2.38 25.93
CA ARG A 74 -4.14 -2.80 24.74
C ARG A 74 -5.09 -2.88 23.56
N ARG A 75 -4.54 -3.16 22.39
CA ARG A 75 -5.34 -3.13 21.16
C ARG A 75 -5.86 -4.54 20.91
N VAL A 76 -6.76 -5.01 21.76
CA VAL A 76 -7.35 -6.36 21.68
C VAL A 76 -8.78 -6.13 21.19
N PRO A 77 -9.41 -7.15 20.57
CA PRO A 77 -10.72 -6.93 19.96
C PRO A 77 -11.83 -6.54 20.96
N TYR A 78 -11.76 -7.02 22.18
CA TYR A 78 -12.89 -6.84 23.13
C TYR A 78 -12.47 -6.11 24.41
N HIS A 79 -11.49 -6.64 25.13
CA HIS A 79 -11.04 -6.21 26.47
C HIS A 79 -10.15 -4.99 26.33
N ASN A 80 -10.71 -3.96 25.73
CA ASN A 80 -10.00 -2.69 25.37
C ASN A 80 -10.61 -1.49 26.09
N TRP A 81 -10.11 -0.33 25.76
CA TRP A 81 -10.45 0.98 26.36
C TRP A 81 -11.95 1.22 26.22
N LYS A 82 -12.53 0.89 25.08
CA LYS A 82 -13.98 1.06 24.89
C LYS A 82 -14.70 0.19 25.94
N HIS A 83 -14.25 -1.06 26.19
CA HIS A 83 -14.94 -1.95 27.17
C HIS A 83 -14.93 -1.24 28.54
N ALA A 84 -13.78 -0.68 28.91
CA ALA A 84 -13.56 -0.02 30.24
C ALA A 84 -14.62 1.07 30.45
N VAL A 85 -14.73 1.93 29.46
CA VAL A 85 -15.60 3.12 29.56
C VAL A 85 -17.04 2.64 29.50
N THR A 86 -17.34 1.63 28.70
CA THR A 86 -18.71 1.05 28.63
C THR A 86 -19.17 0.50 29.99
N VAL A 87 -18.29 -0.22 30.68
CA VAL A 87 -18.56 -0.90 31.98
C VAL A 87 -18.78 0.21 33.00
N ALA A 88 -17.96 1.26 32.88
CA ALA A 88 -18.06 2.44 33.78
C ALA A 88 -19.38 3.17 33.53
N HIS A 89 -19.85 3.24 32.29
CA HIS A 89 -21.14 3.93 32.06
C HIS A 89 -22.28 3.12 32.72
N CYS A 90 -22.35 1.79 32.56
CA CYS A 90 -23.40 0.97 33.23
C CYS A 90 -23.38 1.18 34.76
N MET A 91 -22.21 1.26 35.40
CA MET A 91 -22.10 1.55 36.86
C MET A 91 -22.76 2.92 37.12
N TYR A 92 -22.48 3.89 36.25
CA TYR A 92 -22.98 5.29 36.40
C TYR A 92 -24.50 5.26 36.43
N ALA A 93 -25.09 4.52 35.49
CA ALA A 93 -26.56 4.37 35.37
C ALA A 93 -27.11 3.64 36.58
N ILE A 94 -26.40 2.67 37.15
CA ILE A 94 -26.92 2.00 38.40
C ILE A 94 -26.90 3.03 39.54
N LEU A 95 -25.78 3.67 39.69
CA LEU A 95 -25.57 4.61 40.80
C LEU A 95 -26.59 5.74 40.72
N GLN A 96 -26.94 6.20 39.53
CA GLN A 96 -27.79 7.41 39.39
C GLN A 96 -29.26 7.06 39.65
N ASN A 97 -29.62 5.83 39.42
CA ASN A 97 -30.99 5.32 39.64
C ASN A 97 -31.11 4.86 41.12
N ASN A 98 -30.03 4.91 41.92
CA ASN A 98 -29.99 4.37 43.30
C ASN A 98 -29.28 5.40 44.18
N HIS A 99 -29.65 6.65 43.96
CA HIS A 99 -29.11 7.91 44.55
C HIS A 99 -28.62 7.66 45.98
N THR A 100 -29.53 7.29 46.87
CA THR A 100 -29.31 7.42 48.32
C THR A 100 -28.64 6.18 48.88
N LEU A 101 -28.59 5.08 48.15
CA LEU A 101 -28.07 3.80 48.65
C LEU A 101 -26.56 3.80 48.85
N PHE A 102 -25.80 4.76 48.34
CA PHE A 102 -24.32 4.54 48.25
C PHE A 102 -23.55 5.67 48.89
N THR A 103 -22.49 5.32 49.60
CA THR A 103 -21.63 6.29 50.33
C THR A 103 -20.81 7.12 49.35
N ASP A 104 -20.12 8.09 49.89
CA ASP A 104 -19.37 9.12 49.12
C ASP A 104 -18.13 8.41 48.54
N LEU A 105 -17.49 7.60 49.39
CA LEU A 105 -16.34 6.75 49.02
C LEU A 105 -16.77 5.74 47.95
N GLU A 106 -17.95 5.15 48.08
CA GLU A 106 -18.37 4.08 47.15
C GLU A 106 -18.53 4.68 45.74
N ARG A 107 -19.06 5.89 45.66
CA ARG A 107 -19.40 6.54 44.38
C ARG A 107 -18.08 6.84 43.67
N LYS A 108 -17.06 7.30 44.42
CA LYS A 108 -15.67 7.59 43.96
C LYS A 108 -15.00 6.29 43.47
N GLY A 109 -14.99 5.25 44.30
CA GLY A 109 -14.23 4.02 44.10
C GLY A 109 -14.74 3.25 42.90
N LEU A 110 -16.05 3.16 42.73
CA LEU A 110 -16.69 2.20 41.80
C LEU A 110 -16.52 2.65 40.32
N LEU A 111 -16.60 3.93 40.03
CA LEU A 111 -16.46 4.37 38.62
C LEU A 111 -15.01 4.19 38.22
N ILE A 112 -14.12 4.37 39.17
CA ILE A 112 -12.67 4.19 38.97
C ILE A 112 -12.43 2.69 38.80
N ALA A 113 -13.08 1.88 39.62
CA ALA A 113 -12.79 0.44 39.60
C ALA A 113 -13.15 -0.06 38.20
N CYS A 114 -14.25 0.46 37.67
CA CYS A 114 -14.86 -0.03 36.44
C CYS A 114 -13.94 0.40 35.31
N LEU A 115 -13.40 1.63 35.39
CA LEU A 115 -12.50 2.11 34.32
C LEU A 115 -11.21 1.26 34.32
N CYS A 116 -10.78 0.78 35.48
CA CYS A 116 -9.49 0.07 35.66
C CYS A 116 -9.62 -1.47 35.65
N HIS A 117 -10.82 -2.03 35.52
CA HIS A 117 -11.02 -3.46 35.90
C HIS A 117 -10.32 -4.43 34.96
N ASP A 118 -9.98 -4.02 33.75
CA ASP A 118 -9.31 -4.95 32.80
C ASP A 118 -7.98 -4.34 32.34
N LEU A 119 -7.40 -3.41 33.11
CA LEU A 119 -6.07 -2.86 32.83
C LEU A 119 -5.07 -3.94 32.37
N ASP A 120 -4.46 -3.72 31.20
CA ASP A 120 -3.34 -4.55 30.68
C ASP A 120 -3.84 -5.97 30.36
N HIS A 121 -5.12 -6.12 30.05
CA HIS A 121 -5.68 -7.37 29.50
C HIS A 121 -5.02 -7.68 28.16
N ARG A 122 -4.68 -8.96 27.93
CA ARG A 122 -3.98 -9.38 26.71
C ARG A 122 -4.93 -10.17 25.80
N GLY A 123 -6.21 -10.32 26.17
CA GLY A 123 -7.26 -11.05 25.46
C GLY A 123 -7.27 -12.53 25.78
N PHE A 124 -6.71 -12.93 26.91
CA PHE A 124 -6.71 -14.35 27.33
C PHE A 124 -7.30 -14.54 28.72
N SER A 125 -7.99 -15.67 28.86
CA SER A 125 -8.62 -16.16 30.12
C SER A 125 -7.56 -16.62 31.13
N ASN A 126 -7.99 -16.73 32.40
CA ASN A 126 -7.16 -17.19 33.52
C ASN A 126 -6.66 -18.58 33.14
N SER A 127 -7.58 -19.42 32.61
CA SER A 127 -7.28 -20.81 32.19
C SER A 127 -6.08 -20.86 31.28
N TYR A 128 -6.12 -20.02 30.23
CA TYR A 128 -5.03 -19.99 29.21
C TYR A 128 -3.70 -19.71 29.91
N LEU A 129 -3.67 -18.67 30.76
CA LEU A 129 -2.44 -18.25 31.48
C LEU A 129 -1.91 -19.47 32.26
N GLN A 130 -2.78 -20.18 32.96
CA GLN A 130 -2.41 -21.36 33.79
C GLN A 130 -1.84 -22.46 32.90
N LYS A 131 -2.49 -22.75 31.79
CA LYS A 131 -2.02 -23.80 30.87
C LYS A 131 -0.74 -23.39 30.14
N PHE A 132 -0.57 -22.12 29.83
CA PHE A 132 0.68 -21.65 29.19
C PHE A 132 1.82 -21.67 30.23
N ASP A 133 1.47 -21.64 31.51
CA ASP A 133 2.44 -21.46 32.60
C ASP A 133 2.99 -20.02 32.53
N HIS A 134 2.10 -19.04 32.37
CA HIS A 134 2.49 -17.62 32.41
C HIS A 134 2.94 -17.27 33.82
N PRO A 135 4.03 -16.47 33.96
CA PRO A 135 4.51 -15.97 35.24
C PRO A 135 3.42 -15.35 36.14
N LEU A 136 2.37 -14.80 35.56
CA LEU A 136 1.28 -14.18 36.39
C LEU A 136 0.53 -15.28 37.13
N ALA A 137 0.49 -16.49 36.56
CA ALA A 137 -0.17 -17.65 37.16
C ALA A 137 0.65 -18.14 38.36
N ALA A 138 1.96 -17.89 38.39
CA ALA A 138 2.83 -18.24 39.54
C ALA A 138 2.61 -17.18 40.62
N LEU A 139 2.54 -15.93 40.24
CA LEU A 139 2.38 -14.87 41.23
C LEU A 139 0.97 -14.89 41.84
N TYR A 140 -0.08 -15.24 41.09
CA TYR A 140 -1.48 -15.27 41.62
C TYR A 140 -2.17 -16.56 41.18
N SER A 141 -2.33 -17.50 42.12
CA SER A 141 -2.90 -18.84 41.84
C SER A 141 -4.36 -18.68 41.47
N THR A 142 -5.08 -17.71 42.03
CA THR A 142 -6.51 -17.54 41.67
C THR A 142 -6.78 -16.11 41.23
N SER A 143 -7.83 -15.98 40.41
CA SER A 143 -8.27 -14.70 39.84
C SER A 143 -7.05 -14.01 39.21
N THR A 144 -6.30 -14.74 38.40
CA THR A 144 -4.92 -14.35 38.03
C THR A 144 -4.96 -12.92 37.45
N MET A 145 -5.71 -12.73 36.38
CA MET A 145 -5.71 -11.46 35.64
C MET A 145 -6.31 -10.38 36.52
N GLU A 146 -7.31 -10.69 37.32
CA GLU A 146 -7.96 -9.61 38.14
C GLU A 146 -6.99 -9.07 39.19
N GLN A 147 -6.10 -9.90 39.74
CA GLN A 147 -5.14 -9.41 40.76
C GLN A 147 -4.08 -8.58 40.02
N HIS A 148 -3.78 -8.98 38.80
CA HIS A 148 -2.96 -8.15 37.89
C HIS A 148 -3.63 -6.80 37.61
N HIS A 149 -4.90 -6.78 37.20
CA HIS A 149 -5.62 -5.49 36.92
C HIS A 149 -5.55 -4.59 38.14
N PHE A 150 -5.77 -5.12 39.33
CA PHE A 150 -5.75 -4.29 40.56
C PHE A 150 -4.33 -3.70 40.78
N SER A 151 -3.33 -4.58 40.69
CA SER A 151 -1.89 -4.27 40.71
C SER A 151 -1.54 -3.11 39.78
N GLN A 152 -1.96 -3.18 38.52
CA GLN A 152 -1.76 -2.06 37.54
C GLN A 152 -2.49 -0.76 37.95
N THR A 153 -3.64 -0.89 38.61
CA THR A 153 -4.44 0.26 39.10
C THR A 153 -3.67 1.00 40.20
N VAL A 154 -3.12 0.27 41.15
CA VAL A 154 -2.27 0.84 42.23
C VAL A 154 -1.03 1.50 41.62
N SER A 155 -0.31 0.81 40.75
CA SER A 155 0.88 1.35 40.02
C SER A 155 0.60 2.74 39.46
N ILE A 156 -0.50 2.87 38.74
CA ILE A 156 -0.86 4.15 38.08
C ILE A 156 -1.22 5.16 39.15
N LEU A 157 -1.88 4.76 40.23
CA LEU A 157 -2.23 5.71 41.35
C LEU A 157 -0.97 6.31 41.94
N GLN A 158 0.16 5.58 41.81
CA GLN A 158 1.45 5.94 42.46
C GLN A 158 2.37 6.72 41.55
N LEU A 159 2.06 6.83 40.27
CA LEU A 159 2.73 7.80 39.36
C LEU A 159 2.56 9.20 39.93
N GLU A 160 3.54 10.03 39.63
CA GLU A 160 3.53 11.47 39.97
C GLU A 160 2.35 12.15 39.32
N GLY A 161 1.64 12.92 40.13
CA GLY A 161 0.54 13.79 39.70
C GLY A 161 -0.73 13.00 39.42
N HIS A 162 -0.79 11.73 39.86
CA HIS A 162 -1.86 10.74 39.49
C HIS A 162 -2.64 10.31 40.71
N ASN A 163 -2.34 10.87 41.89
CA ASN A 163 -3.15 10.51 43.08
C ASN A 163 -4.36 11.43 43.17
N ILE A 164 -5.41 10.92 42.58
CA ILE A 164 -6.76 11.52 42.54
C ILE A 164 -7.39 11.38 43.92
N PHE A 165 -6.82 10.60 44.83
CA PHE A 165 -7.40 10.37 46.20
C PHE A 165 -6.63 11.21 47.23
N SER A 166 -5.71 12.06 46.78
CA SER A 166 -4.75 12.84 47.60
C SER A 166 -5.44 13.51 48.80
N THR A 167 -6.69 13.97 48.68
CA THR A 167 -7.37 14.72 49.77
C THR A 167 -8.09 13.76 50.72
N LEU A 168 -8.00 12.46 50.56
CA LEU A 168 -8.63 11.54 51.54
C LEU A 168 -7.63 11.40 52.68
N SER A 169 -8.08 11.10 53.90
CA SER A 169 -7.22 10.69 55.04
C SER A 169 -6.58 9.33 54.72
N SER A 170 -5.61 8.93 55.52
CA SER A 170 -4.96 7.59 55.43
C SER A 170 -6.03 6.46 55.52
N SER A 171 -7.06 6.65 56.35
CA SER A 171 -8.20 5.74 56.67
C SER A 171 -9.10 5.58 55.46
N GLU A 172 -9.55 6.72 54.95
CA GLU A 172 -10.52 6.82 53.83
C GLU A 172 -9.86 6.28 52.55
N TYR A 173 -8.62 6.69 52.30
CA TYR A 173 -7.76 6.23 51.19
C TYR A 173 -7.75 4.69 51.19
N GLU A 174 -7.51 4.07 52.34
CA GLU A 174 -7.35 2.58 52.47
C GLU A 174 -8.72 1.91 52.25
N GLN A 175 -9.79 2.51 52.75
CA GLN A 175 -11.15 1.99 52.46
C GLN A 175 -11.47 2.04 50.97
N VAL A 176 -11.15 3.15 50.31
CA VAL A 176 -11.48 3.29 48.86
C VAL A 176 -10.64 2.28 48.07
N LEU A 177 -9.35 2.09 48.35
CA LEU A 177 -8.53 1.13 47.57
C LEU A 177 -9.07 -0.27 47.85
N GLU A 178 -9.66 -0.50 49.01
CA GLU A 178 -10.22 -1.83 49.37
C GLU A 178 -11.56 -2.07 48.67
N ILE A 179 -12.39 -1.04 48.52
CA ILE A 179 -13.56 -1.09 47.61
C ILE A 179 -13.12 -1.49 46.18
N ILE A 180 -12.12 -0.80 45.66
CA ILE A 180 -11.66 -0.96 44.27
C ILE A 180 -11.15 -2.39 44.18
N ARG A 181 -10.43 -2.87 45.19
CA ARG A 181 -9.77 -4.19 45.08
C ARG A 181 -10.90 -5.23 44.99
N LYS A 182 -11.84 -5.20 45.93
CA LYS A 182 -12.92 -6.23 45.94
C LYS A 182 -13.72 -6.11 44.63
N ALA A 183 -14.00 -4.88 44.17
CA ALA A 183 -14.80 -4.66 42.96
C ALA A 183 -14.08 -5.28 41.77
N ILE A 184 -12.76 -5.17 41.69
CA ILE A 184 -12.05 -5.72 40.52
C ILE A 184 -11.96 -7.26 40.62
N ILE A 185 -11.67 -7.85 41.77
CA ILE A 185 -11.69 -9.34 41.93
C ILE A 185 -13.05 -9.90 41.52
N ALA A 186 -14.15 -9.26 41.94
CA ALA A 186 -15.51 -9.74 41.64
C ALA A 186 -15.73 -9.90 40.12
N THR A 187 -14.92 -9.28 39.28
CA THR A 187 -15.10 -9.38 37.82
C THR A 187 -14.53 -10.70 37.33
N ASP A 188 -13.86 -11.46 38.18
CA ASP A 188 -13.57 -12.88 37.86
C ASP A 188 -14.91 -13.63 37.78
N LEU A 189 -15.39 -13.96 36.58
CA LEU A 189 -16.71 -14.63 36.46
C LEU A 189 -16.82 -15.97 37.27
N ALA A 190 -15.70 -16.67 37.53
CA ALA A 190 -15.67 -17.90 38.30
C ALA A 190 -16.22 -17.58 39.68
N LEU A 191 -16.06 -16.36 40.17
CA LEU A 191 -16.50 -16.03 41.56
C LEU A 191 -17.98 -15.64 41.60
N TYR A 192 -18.56 -15.35 40.45
CA TYR A 192 -19.92 -14.77 40.32
C TYR A 192 -21.00 -15.79 40.78
N PHE A 193 -20.89 -17.04 40.37
CA PHE A 193 -21.95 -18.08 40.55
C PHE A 193 -22.24 -18.22 42.05
N GLY A 194 -21.22 -18.42 42.88
CA GLY A 194 -21.45 -18.58 44.32
C GLY A 194 -21.91 -17.28 44.92
N ASN A 195 -21.49 -16.15 44.37
CA ASN A 195 -21.82 -14.83 44.91
C ASN A 195 -23.32 -14.69 44.71
N ARG A 196 -23.77 -14.98 43.51
CA ARG A 196 -25.22 -14.82 43.23
C ARG A 196 -26.07 -15.82 44.05
N LYS A 197 -25.69 -17.11 44.19
CA LYS A 197 -26.41 -18.12 45.02
C LYS A 197 -26.59 -17.55 46.43
N GLN A 198 -25.54 -17.02 47.01
CA GLN A 198 -25.56 -16.59 48.41
C GLN A 198 -26.49 -15.41 48.51
N LEU A 199 -26.46 -14.58 47.51
CA LEU A 199 -27.26 -13.34 47.54
C LEU A 199 -28.73 -13.73 47.38
N GLU A 200 -29.03 -14.70 46.52
CA GLU A 200 -30.39 -15.17 46.22
C GLU A 200 -30.95 -15.70 47.57
N GLU A 201 -30.18 -16.57 48.25
CA GLU A 201 -30.59 -17.16 49.55
C GLU A 201 -30.80 -16.05 50.54
N MET A 202 -29.88 -15.11 50.66
CA MET A 202 -30.01 -14.05 51.69
C MET A 202 -31.29 -13.27 51.45
N TYR A 203 -31.61 -13.03 50.19
CA TYR A 203 -32.73 -12.13 49.83
C TYR A 203 -34.07 -12.80 50.17
N GLN A 204 -34.16 -14.12 49.95
CA GLN A 204 -35.38 -14.95 50.10
C GLN A 204 -35.66 -15.41 51.54
N THR A 205 -34.63 -15.61 52.35
CA THR A 205 -34.77 -15.88 53.80
C THR A 205 -34.79 -14.54 54.51
N GLY A 206 -34.70 -13.43 53.75
CA GLY A 206 -34.83 -12.05 54.27
C GLY A 206 -33.70 -11.62 55.18
N SER A 207 -32.59 -12.37 55.20
CA SER A 207 -31.37 -12.02 55.96
C SER A 207 -30.54 -10.88 55.29
N LEU A 208 -30.90 -10.34 54.12
CA LEU A 208 -30.02 -9.37 53.43
C LEU A 208 -30.09 -8.05 54.15
N ASN A 209 -28.93 -7.55 54.53
CA ASN A 209 -28.73 -6.38 55.41
C ASN A 209 -27.60 -5.52 54.84
N LEU A 210 -27.95 -4.45 54.14
CA LEU A 210 -26.97 -3.54 53.48
C LEU A 210 -26.14 -2.77 54.53
N ASN A 211 -26.43 -2.89 55.81
CA ASN A 211 -25.57 -2.30 56.89
C ASN A 211 -24.38 -3.21 57.19
N ASN A 212 -24.54 -4.51 56.98
CA ASN A 212 -23.46 -5.51 57.03
C ASN A 212 -22.50 -5.26 55.85
N GLN A 213 -21.31 -4.76 56.18
CA GLN A 213 -20.25 -4.56 55.19
C GLN A 213 -20.12 -5.83 54.33
N SER A 214 -20.13 -6.99 54.94
CA SER A 214 -19.93 -8.28 54.24
C SER A 214 -21.05 -8.53 53.21
N HIS A 215 -22.22 -7.92 53.40
CA HIS A 215 -23.38 -7.98 52.47
C HIS A 215 -23.17 -6.95 51.34
N ARG A 216 -22.81 -5.72 51.69
CA ARG A 216 -22.55 -4.68 50.70
C ARG A 216 -21.52 -5.14 49.70
N ASP A 217 -20.45 -5.74 50.20
CA ASP A 217 -19.37 -6.32 49.38
C ASP A 217 -20.03 -7.21 48.33
N ARG A 218 -20.98 -8.07 48.70
CA ARG A 218 -21.50 -9.07 47.72
C ARG A 218 -22.39 -8.36 46.69
N VAL A 219 -23.15 -7.39 47.15
CA VAL A 219 -24.06 -6.57 46.31
C VAL A 219 -23.18 -5.83 45.30
N ILE A 220 -22.07 -5.25 45.75
CA ILE A 220 -21.15 -4.51 44.83
C ILE A 220 -20.52 -5.51 43.86
N GLY A 221 -20.17 -6.71 44.29
CA GLY A 221 -19.63 -7.70 43.35
C GLY A 221 -20.62 -8.00 42.25
N LEU A 222 -21.90 -8.09 42.57
CA LEU A 222 -22.94 -8.41 41.55
C LEU A 222 -23.12 -7.24 40.57
N MET A 223 -23.17 -6.03 41.07
CA MET A 223 -23.15 -4.78 40.27
C MET A 223 -21.97 -4.88 39.28
N MET A 224 -20.79 -5.34 39.74
CA MET A 224 -19.59 -5.43 38.87
C MET A 224 -19.83 -6.48 37.80
N THR A 225 -20.39 -7.64 38.12
CA THR A 225 -20.65 -8.67 37.10
C THR A 225 -21.62 -8.05 36.07
N ALA A 226 -22.68 -7.42 36.56
CA ALA A 226 -23.74 -6.79 35.75
C ALA A 226 -23.15 -5.78 34.77
N CYS A 227 -22.36 -4.83 35.28
CA CYS A 227 -21.71 -3.82 34.42
C CYS A 227 -20.78 -4.54 33.43
N ASP A 228 -20.04 -5.51 33.90
CA ASP A 228 -19.06 -6.22 33.05
C ASP A 228 -19.75 -6.93 31.89
N LEU A 229 -20.95 -7.48 32.11
CA LEU A 229 -21.69 -8.36 31.13
C LEU A 229 -22.62 -7.49 30.26
N CYS A 230 -22.61 -6.18 30.46
CA CYS A 230 -23.68 -5.27 29.99
C CYS A 230 -23.79 -5.21 28.47
N SER A 231 -22.95 -5.86 27.66
CA SER A 231 -23.22 -5.93 26.22
C SER A 231 -24.62 -6.57 26.02
N VAL A 232 -25.07 -7.42 26.95
CA VAL A 232 -26.33 -8.21 26.77
C VAL A 232 -27.54 -7.34 27.15
N THR A 233 -27.34 -6.08 27.59
CA THR A 233 -28.44 -5.21 28.06
C THR A 233 -28.61 -4.05 27.09
N LYS A 234 -27.95 -4.16 25.93
CA LYS A 234 -28.00 -3.09 24.89
C LYS A 234 -29.10 -3.42 23.87
N LEU A 235 -29.37 -2.50 22.97
CA LEU A 235 -30.29 -2.82 21.89
C LEU A 235 -29.60 -3.80 20.95
N TRP A 236 -30.40 -4.66 20.35
CA TRP A 236 -29.96 -5.85 19.56
C TRP A 236 -28.78 -5.55 18.64
N PRO A 237 -28.79 -4.43 17.87
CA PRO A 237 -27.69 -4.15 16.93
C PRO A 237 -26.35 -3.96 17.64
N VAL A 238 -26.37 -3.29 18.80
CA VAL A 238 -25.12 -3.15 19.62
C VAL A 238 -24.69 -4.55 20.15
N THR A 239 -25.66 -5.31 20.67
CA THR A 239 -25.42 -6.62 21.30
C THR A 239 -24.81 -7.54 20.25
N LYS A 240 -25.40 -7.52 19.07
CA LYS A 240 -25.03 -8.43 17.98
C LYS A 240 -23.60 -8.12 17.51
N LEU A 241 -23.23 -6.86 17.37
CA LEU A 241 -21.91 -6.49 16.82
C LEU A 241 -20.86 -6.63 17.92
N THR A 242 -21.19 -6.35 19.18
CA THR A 242 -20.27 -6.63 20.31
C THR A 242 -19.95 -8.14 20.41
N ALA A 243 -20.92 -9.03 20.15
CA ALA A 243 -20.68 -10.48 20.26
C ALA A 243 -19.53 -10.85 19.32
N ASN A 244 -19.47 -10.18 18.17
CA ASN A 244 -18.39 -10.43 17.19
C ASN A 244 -17.03 -10.15 17.83
N ASP A 245 -16.91 -9.09 18.62
CA ASP A 245 -15.61 -8.75 19.24
C ASP A 245 -15.29 -9.82 20.29
N ILE A 246 -16.30 -10.20 21.07
CA ILE A 246 -16.10 -11.19 22.15
C ILE A 246 -15.58 -12.48 21.52
N TYR A 247 -16.24 -12.97 20.49
CA TYR A 247 -15.85 -14.29 19.91
C TYR A 247 -14.49 -14.22 19.20
N ALA A 248 -14.10 -13.04 18.68
CA ALA A 248 -12.79 -12.90 18.00
C ALA A 248 -11.68 -13.13 19.03
N GLU A 249 -11.89 -12.67 20.24
CA GLU A 249 -10.91 -12.93 21.32
C GLU A 249 -10.96 -14.41 21.66
N PHE A 250 -12.18 -14.96 21.80
CA PHE A 250 -12.31 -16.38 22.25
C PHE A 250 -11.59 -17.27 21.24
N TRP A 251 -11.83 -17.03 19.98
CA TRP A 251 -11.24 -17.92 18.93
C TRP A 251 -9.71 -17.79 18.80
N ALA A 252 -9.16 -16.61 19.12
CA ALA A 252 -7.71 -16.38 19.08
C ALA A 252 -7.13 -17.20 20.23
N GLU A 253 -7.80 -17.20 21.38
CA GLU A 253 -7.36 -18.06 22.49
C GLU A 253 -7.45 -19.54 22.07
N GLY A 254 -8.55 -19.97 21.48
CA GLY A 254 -8.71 -21.35 21.00
C GLY A 254 -7.53 -21.75 20.14
N ASP A 255 -7.12 -20.80 19.28
CA ASP A 255 -5.96 -21.04 18.40
C ASP A 255 -4.72 -21.28 19.31
N GLU A 256 -4.53 -20.44 20.34
CA GLU A 256 -3.34 -20.56 21.21
C GLU A 256 -3.41 -21.85 22.02
N MET A 257 -4.61 -22.26 22.44
CA MET A 257 -4.83 -23.61 23.06
C MET A 257 -4.38 -24.71 22.07
N LYS A 258 -4.76 -24.63 20.80
CA LYS A 258 -4.37 -25.68 19.84
C LYS A 258 -2.86 -25.72 19.68
N LYS A 259 -2.18 -24.60 19.75
CA LYS A 259 -0.71 -24.57 19.70
C LYS A 259 -0.06 -25.18 20.92
N LEU A 260 -0.71 -25.20 22.08
CA LEU A 260 -0.19 -25.91 23.28
C LEU A 260 -0.53 -27.39 23.18
N GLY A 261 -1.27 -27.82 22.15
CA GLY A 261 -1.68 -29.22 21.93
C GLY A 261 -2.90 -29.59 22.78
N ILE A 262 -3.87 -28.68 22.94
CA ILE A 262 -5.07 -28.80 23.80
C ILE A 262 -6.34 -28.42 22.98
N GLN A 263 -7.25 -29.36 22.76
CA GLN A 263 -8.55 -29.03 22.14
C GLN A 263 -9.16 -27.93 22.98
N PRO A 264 -9.46 -26.76 22.44
CA PRO A 264 -10.15 -25.77 23.26
C PRO A 264 -11.62 -26.17 23.50
N ILE A 265 -12.27 -25.59 24.50
CA ILE A 265 -13.76 -25.70 24.61
C ILE A 265 -14.40 -25.12 23.35
N PRO A 266 -15.59 -25.61 22.92
CA PRO A 266 -16.20 -25.15 21.68
C PRO A 266 -16.45 -23.62 21.64
N MET A 267 -16.66 -22.99 22.81
CA MET A 267 -16.86 -21.52 22.90
C MET A 267 -15.68 -20.82 22.20
N MET A 268 -14.50 -21.44 22.22
CA MET A 268 -13.23 -20.82 21.81
C MET A 268 -12.76 -21.45 20.50
N ASP A 269 -13.53 -22.40 19.97
CA ASP A 269 -13.09 -23.12 18.77
C ASP A 269 -13.79 -22.42 17.62
N ARG A 270 -13.00 -21.90 16.70
CA ARG A 270 -13.57 -21.14 15.58
C ARG A 270 -14.07 -22.12 14.53
N ASP A 271 -13.83 -23.43 14.70
CA ASP A 271 -14.36 -24.45 13.76
C ASP A 271 -15.83 -24.71 14.10
N LYS A 272 -16.25 -24.28 15.29
CA LYS A 272 -17.59 -24.50 15.88
C LYS A 272 -18.32 -23.15 15.95
N LYS A 273 -18.17 -22.33 14.91
CA LYS A 273 -18.86 -21.01 14.74
C LYS A 273 -20.38 -21.17 14.71
N ASP A 274 -20.84 -22.23 14.03
CA ASP A 274 -22.25 -22.68 13.89
C ASP A 274 -22.93 -22.80 15.26
N GLU A 275 -22.21 -23.10 16.36
CA GLU A 275 -22.86 -23.36 17.68
C GLU A 275 -23.09 -22.03 18.46
N VAL A 276 -22.74 -20.89 17.87
CA VAL A 276 -22.65 -19.61 18.63
C VAL A 276 -24.02 -19.28 19.23
N PRO A 277 -25.09 -19.24 18.41
CA PRO A 277 -26.41 -18.87 18.92
C PRO A 277 -26.91 -19.77 20.06
N GLN A 278 -26.58 -21.07 20.04
CA GLN A 278 -27.05 -21.98 21.12
C GLN A 278 -26.26 -21.68 22.44
N GLY A 279 -24.96 -21.44 22.28
CA GLY A 279 -24.04 -20.91 23.30
C GLY A 279 -24.50 -19.60 23.92
N GLN A 280 -24.89 -18.62 23.11
CA GLN A 280 -25.53 -17.36 23.59
C GLN A 280 -26.76 -17.68 24.47
N LEU A 281 -27.68 -18.50 23.97
CA LEU A 281 -28.82 -19.04 24.82
C LEU A 281 -28.37 -19.55 26.19
N GLY A 282 -27.36 -20.43 26.24
CA GLY A 282 -26.94 -21.04 27.52
C GLY A 282 -26.51 -19.97 28.47
N PHE A 283 -25.78 -19.01 27.90
CA PHE A 283 -25.12 -17.87 28.59
C PHE A 283 -26.22 -16.98 29.20
N TYR A 284 -27.21 -16.66 28.37
CA TYR A 284 -28.35 -15.84 28.83
C TYR A 284 -29.07 -16.57 29.99
N ASN A 285 -29.31 -17.88 29.74
CA ASN A 285 -30.06 -18.82 30.67
C ASN A 285 -29.24 -19.10 31.96
N ALA A 286 -27.94 -19.45 31.85
CA ALA A 286 -27.12 -19.83 33.04
C ALA A 286 -26.49 -18.64 33.76
N VAL A 287 -26.28 -17.52 33.04
CA VAL A 287 -25.46 -16.43 33.65
C VAL A 287 -26.22 -15.12 33.67
N ALA A 288 -26.53 -14.61 32.47
CA ALA A 288 -26.96 -13.21 32.25
C ALA A 288 -28.31 -12.93 32.94
N ILE A 289 -29.33 -13.74 32.66
CA ILE A 289 -30.71 -13.50 33.23
C ILE A 289 -30.69 -13.62 34.76
N PRO A 290 -30.13 -14.71 35.31
CA PRO A 290 -30.01 -14.87 36.78
C PRO A 290 -29.38 -13.66 37.46
N CYS A 291 -28.34 -13.11 36.81
CA CYS A 291 -27.53 -11.97 37.28
C CYS A 291 -28.39 -10.71 37.36
N TYR A 292 -29.09 -10.37 36.30
CA TYR A 292 -29.91 -9.12 36.28
C TYR A 292 -31.17 -9.32 37.14
N THR A 293 -31.72 -10.54 37.16
CA THR A 293 -32.88 -10.88 38.05
C THR A 293 -32.54 -10.66 39.54
N THR A 294 -31.52 -11.36 40.04
CA THR A 294 -31.07 -11.19 41.44
C THR A 294 -30.75 -9.73 41.69
N LEU A 295 -30.13 -9.02 40.72
CA LEU A 295 -29.72 -7.60 40.93
C LEU A 295 -30.97 -6.75 41.06
N THR A 296 -31.95 -7.03 40.24
CA THR A 296 -33.24 -6.29 40.21
C THR A 296 -34.03 -6.48 41.53
N GLN A 297 -34.02 -7.69 42.08
CA GLN A 297 -34.60 -8.06 43.41
C GLN A 297 -33.96 -7.20 44.50
N ILE A 298 -32.64 -7.01 44.43
CA ILE A 298 -31.90 -6.25 45.48
C ILE A 298 -32.08 -4.76 45.21
N LEU A 299 -32.03 -4.36 43.93
CA LEU A 299 -32.04 -2.92 43.49
C LEU A 299 -33.09 -2.76 42.40
N PRO A 300 -34.37 -2.69 42.81
CA PRO A 300 -35.50 -2.55 41.88
C PRO A 300 -35.25 -1.62 40.71
N PRO A 301 -34.76 -0.38 40.87
CA PRO A 301 -34.57 0.49 39.72
C PRO A 301 -33.64 0.00 38.57
N THR A 302 -32.97 -1.16 38.70
CA THR A 302 -32.08 -1.73 37.67
C THR A 302 -32.89 -2.64 36.73
N GLU A 303 -34.22 -2.58 36.81
CA GLU A 303 -35.08 -3.51 36.05
C GLU A 303 -34.87 -3.40 34.53
N PRO A 304 -34.53 -2.21 34.03
CA PRO A 304 -34.29 -2.03 32.60
C PRO A 304 -33.16 -2.92 32.05
N LEU A 305 -32.17 -3.29 32.88
CA LEU A 305 -31.09 -4.21 32.45
C LEU A 305 -31.70 -5.57 32.25
N LEU A 306 -32.59 -5.97 33.18
CA LEU A 306 -33.24 -7.31 33.06
C LEU A 306 -34.11 -7.36 31.80
N LYS A 307 -34.84 -6.29 31.60
CA LYS A 307 -35.78 -6.20 30.48
C LYS A 307 -34.99 -6.28 29.16
N ALA A 308 -33.91 -5.48 29.06
CA ALA A 308 -33.07 -5.41 27.83
C ALA A 308 -32.46 -6.81 27.57
N CYS A 309 -32.01 -7.47 28.62
CA CYS A 309 -31.46 -8.82 28.49
C CYS A 309 -32.53 -9.79 27.98
N ARG A 310 -33.71 -9.79 28.60
CA ARG A 310 -34.81 -10.69 28.13
CA ARG A 310 -34.88 -10.62 28.16
C ARG A 310 -35.05 -10.41 26.63
N ASP A 311 -35.06 -9.15 26.21
CA ASP A 311 -35.29 -8.78 24.78
C ASP A 311 -34.25 -9.46 23.88
N ASN A 312 -32.98 -9.37 24.27
CA ASN A 312 -31.87 -9.98 23.51
C ASN A 312 -31.97 -11.51 23.57
N LEU A 313 -32.50 -12.10 24.65
CA LEU A 313 -32.57 -13.61 24.67
C LEU A 313 -33.53 -13.99 23.54
N SER A 314 -34.58 -13.21 23.49
CA SER A 314 -35.65 -13.45 22.51
C SER A 314 -35.08 -13.28 21.09
N GLN A 315 -34.24 -12.25 20.83
CA GLN A 315 -33.55 -12.10 19.51
C GLN A 315 -32.61 -13.29 19.17
N TRP A 316 -31.84 -13.86 20.10
CA TRP A 316 -31.06 -15.11 19.84
C TRP A 316 -32.00 -16.29 19.57
N GLU A 317 -33.12 -16.36 20.28
CA GLU A 317 -34.03 -17.49 19.96
C GLU A 317 -34.53 -17.40 18.51
N LYS A 318 -34.86 -16.19 18.03
CA LYS A 318 -35.19 -15.98 16.61
C LYS A 318 -34.01 -16.28 15.71
N VAL A 319 -32.78 -16.08 16.14
CA VAL A 319 -31.64 -16.45 15.24
C VAL A 319 -31.69 -17.96 15.02
N ILE A 320 -31.99 -18.71 16.07
CA ILE A 320 -31.96 -20.19 15.96
C ILE A 320 -33.06 -20.66 15.01
N ARG A 321 -34.24 -20.08 15.10
CA ARG A 321 -35.42 -20.47 14.29
C ARG A 321 -35.29 -19.91 12.88
N GLY A 322 -34.16 -19.28 12.60
CA GLY A 322 -33.83 -18.75 11.27
C GLY A 322 -34.72 -17.60 10.85
N GLU A 323 -35.48 -17.00 11.75
CA GLU A 323 -36.21 -15.71 11.50
C GLU A 323 -35.15 -14.56 11.46
N GLU A 324 -33.84 -14.92 11.51
CA GLU A 324 -32.68 -14.04 11.19
C GLU A 324 -31.36 -14.71 11.60
N GLN B 11 22.56 25.90 -1.02
CA GLN B 11 22.08 24.57 -1.54
C GLN B 11 20.60 24.67 -1.93
N GLY B 12 20.28 24.95 -3.22
CA GLY B 12 18.90 25.17 -3.72
C GLY B 12 18.70 24.77 -5.19
N LEU B 13 19.73 24.09 -5.72
CA LEU B 13 19.72 23.36 -7.02
C LEU B 13 19.63 21.85 -6.70
N MET B 14 18.82 21.46 -5.70
CA MET B 14 18.55 20.04 -5.29
C MET B 14 17.23 19.58 -5.89
N GLN B 15 17.24 19.14 -7.15
CA GLN B 15 16.05 18.54 -7.80
C GLN B 15 15.73 17.19 -7.10
N PHE B 16 14.47 16.94 -6.79
CA PHE B 16 14.04 15.58 -6.44
C PHE B 16 13.99 14.77 -7.72
N THR B 17 14.44 13.53 -7.61
CA THR B 17 14.47 12.51 -8.67
C THR B 17 13.74 11.27 -8.15
N LEU B 18 13.09 10.56 -9.04
CA LEU B 18 12.37 9.31 -8.77
C LEU B 18 13.03 8.17 -9.53
N PRO B 19 12.89 6.92 -9.07
CA PRO B 19 13.25 5.78 -9.88
C PRO B 19 12.65 5.87 -11.29
N VAL B 20 13.28 5.25 -12.25
CA VAL B 20 12.89 5.37 -13.68
C VAL B 20 11.41 5.04 -13.82
N ARG B 21 10.90 3.89 -13.32
CA ARG B 21 9.49 3.51 -13.58
C ARG B 21 8.52 4.53 -12.99
N LEU B 22 8.83 5.17 -11.87
CA LEU B 22 7.93 6.18 -11.26
C LEU B 22 8.08 7.47 -12.08
N CYS B 23 9.32 7.87 -12.36
CA CYS B 23 9.56 9.13 -13.13
CA CYS B 23 9.57 9.09 -13.16
C CYS B 23 8.60 9.09 -14.36
N LYS B 24 8.45 7.95 -15.04
CA LYS B 24 7.70 7.84 -16.31
C LYS B 24 6.20 7.61 -16.09
N GLU B 25 5.82 6.90 -15.04
CA GLU B 25 4.42 6.50 -14.75
C GLU B 25 3.70 7.72 -14.14
N ILE B 26 4.39 8.58 -13.39
CA ILE B 26 3.73 9.59 -12.51
C ILE B 26 2.99 10.59 -13.40
N GLU B 27 3.42 10.65 -14.66
CA GLU B 27 2.89 11.63 -15.61
C GLU B 27 1.56 11.10 -16.11
N LEU B 28 1.33 9.79 -16.03
CA LEU B 28 0.04 9.17 -16.40
C LEU B 28 -1.03 9.41 -15.31
N PHE B 29 -2.26 9.59 -15.76
CA PHE B 29 -3.44 9.87 -14.92
C PHE B 29 -3.70 8.66 -14.03
N HIS B 30 -3.41 7.45 -14.52
CA HIS B 30 -3.81 6.19 -13.83
C HIS B 30 -2.68 5.68 -12.91
N PHE B 31 -1.67 6.49 -12.67
CA PHE B 31 -0.52 6.19 -11.77
C PHE B 31 -1.05 5.82 -10.39
N ASP B 32 -0.56 4.71 -9.84
CA ASP B 32 -0.77 4.29 -8.43
C ASP B 32 0.50 4.65 -7.68
N ILE B 33 0.37 5.28 -6.50
CA ILE B 33 1.56 5.70 -5.73
C ILE B 33 2.26 4.55 -4.96
N GLY B 34 1.70 3.37 -4.98
CA GLY B 34 2.36 2.19 -4.38
C GLY B 34 2.29 2.12 -2.86
N PRO B 35 2.74 0.96 -2.30
CA PRO B 35 2.63 0.67 -0.88
C PRO B 35 3.74 1.16 0.05
N PHE B 36 4.79 1.81 -0.45
CA PHE B 36 5.89 2.35 0.38
C PHE B 36 5.52 3.77 0.87
N GLU B 37 4.94 3.85 2.08
CA GLU B 37 4.50 5.10 2.75
C GLU B 37 5.65 6.09 2.83
N ASN B 38 6.88 5.60 2.96
CA ASN B 38 8.08 6.44 3.22
C ASN B 38 8.45 7.16 1.93
N MET B 39 7.96 6.71 0.79
CA MET B 39 8.23 7.38 -0.50
C MET B 39 7.21 8.50 -0.79
N TRP B 40 6.03 8.53 -0.16
CA TRP B 40 4.92 9.41 -0.62
C TRP B 40 5.33 10.88 -0.47
N PRO B 41 5.97 11.32 0.63
CA PRO B 41 6.39 12.71 0.75
C PRO B 41 7.25 13.13 -0.43
N GLY B 42 8.14 12.24 -0.84
CA GLY B 42 9.11 12.64 -1.86
C GLY B 42 8.39 12.81 -3.19
N ILE B 43 7.47 11.90 -3.49
CA ILE B 43 6.54 11.96 -4.66
C ILE B 43 5.79 13.28 -4.64
N PHE B 44 5.22 13.65 -3.51
CA PHE B 44 4.49 14.96 -3.41
C PHE B 44 5.43 16.13 -3.70
N VAL B 45 6.62 16.15 -3.06
CA VAL B 45 7.60 17.27 -3.27
C VAL B 45 8.03 17.31 -4.74
N TYR B 46 8.37 16.16 -5.33
CA TYR B 46 8.63 16.05 -6.79
C TYR B 46 7.47 16.68 -7.57
N MET B 47 6.22 16.35 -7.20
CA MET B 47 5.06 16.87 -7.93
C MET B 47 5.03 18.37 -7.78
N VAL B 48 5.27 18.90 -6.58
CA VAL B 48 5.28 20.37 -6.37
C VAL B 48 6.39 21.03 -7.20
N HIS B 49 7.55 20.39 -7.34
CA HIS B 49 8.77 21.05 -7.87
C HIS B 49 8.58 21.21 -9.37
N ARG B 50 8.01 20.21 -10.06
CA ARG B 50 7.71 20.22 -11.52
C ARG B 50 6.41 20.98 -11.81
N SER B 51 5.56 21.15 -10.83
CA SER B 51 4.18 21.67 -11.01
C SER B 51 4.21 23.17 -10.87
N CYS B 52 4.94 23.74 -9.91
CA CYS B 52 4.94 25.21 -9.81
C CYS B 52 6.34 25.79 -9.66
N GLY B 53 7.38 24.99 -9.38
CA GLY B 53 8.78 25.49 -9.29
C GLY B 53 9.52 25.03 -8.04
N THR B 54 10.84 24.93 -8.16
CA THR B 54 11.82 24.62 -7.07
C THR B 54 11.73 25.69 -6.00
N SER B 55 11.34 26.85 -6.43
CA SER B 55 11.45 28.13 -5.68
C SER B 55 10.06 28.50 -5.13
N CYS B 56 9.01 27.72 -5.45
CA CYS B 56 7.63 27.92 -4.93
C CYS B 56 7.70 27.91 -3.40
N PHE B 57 8.58 27.09 -2.79
CA PHE B 57 8.49 26.76 -1.35
C PHE B 57 9.89 26.49 -0.77
N GLU B 58 10.14 27.05 0.40
CA GLU B 58 11.33 26.73 1.21
C GLU B 58 11.14 25.26 1.58
N LEU B 59 12.08 24.43 1.10
CA LEU B 59 12.07 22.97 1.25
C LEU B 59 11.91 22.51 2.69
N GLU B 60 12.64 23.09 3.64
CA GLU B 60 12.63 22.69 5.07
CA GLU B 60 12.64 22.67 5.06
C GLU B 60 11.22 22.80 5.62
N LYS B 61 10.59 23.99 5.43
CA LYS B 61 9.18 24.31 5.83
C LYS B 61 8.20 23.37 5.10
N LEU B 62 8.40 23.16 3.80
CA LEU B 62 7.47 22.28 3.06
C LEU B 62 7.48 20.89 3.70
N CME B 63 8.65 20.33 3.93
CA CME B 63 8.79 18.96 4.47
CB CME B 63 10.21 18.43 4.37
SG CME B 63 10.74 17.92 2.69
SD CME B 63 9.66 16.12 2.44
CE CME B 63 10.59 14.70 3.11
CZ CME B 63 11.58 14.03 2.18
OH CME B 63 12.70 13.62 2.93
C CME B 63 8.21 18.97 5.88
O CME B 63 7.55 18.01 6.21
N ARG B 64 8.31 20.07 6.59
CA ARG B 64 7.81 20.16 7.99
C ARG B 64 6.25 20.14 7.99
N PHE B 65 5.68 20.92 7.10
CA PHE B 65 4.25 20.97 6.75
C PHE B 65 3.73 19.56 6.40
N ILE B 66 4.32 18.94 5.38
CA ILE B 66 3.93 17.60 4.85
C ILE B 66 3.85 16.61 6.03
N MET B 67 4.88 16.59 6.90
CA MET B 67 4.96 15.57 7.94
C MET B 67 3.91 15.82 9.02
N SER B 68 3.57 17.09 9.29
CA SER B 68 2.48 17.42 10.26
C SER B 68 1.11 17.10 9.62
N VAL B 69 0.92 17.34 8.33
CA VAL B 69 -0.29 16.85 7.63
C VAL B 69 -0.38 15.32 7.80
N LYS B 70 0.66 14.54 7.46
CA LYS B 70 0.62 13.06 7.59
C LYS B 70 0.11 12.71 8.99
N LYS B 71 0.69 13.32 9.98
CA LYS B 71 0.43 13.03 11.40
C LYS B 71 -1.05 13.23 11.68
N ASN B 72 -1.75 14.06 10.93
CA ASN B 72 -3.13 14.52 11.26
C ASN B 72 -4.20 13.81 10.39
N TYR B 73 -3.79 12.83 9.63
CA TYR B 73 -4.65 11.80 9.02
C TYR B 73 -4.64 10.55 9.89
N ARG B 74 -5.73 9.81 9.87
CA ARG B 74 -5.94 8.71 10.81
C ARG B 74 -5.78 7.39 10.08
N ARG B 75 -5.84 6.32 10.84
CA ARG B 75 -5.66 4.96 10.31
C ARG B 75 -7.01 4.40 9.97
N VAL B 76 -7.63 4.98 8.97
CA VAL B 76 -8.97 4.55 8.48
C VAL B 76 -8.72 3.78 7.18
N PRO B 77 -9.69 2.93 6.77
CA PRO B 77 -9.53 2.07 5.59
C PRO B 77 -9.32 2.85 4.29
N TYR B 78 -9.90 4.05 4.18
CA TYR B 78 -9.93 4.79 2.89
C TYR B 78 -9.55 6.27 2.99
N HIS B 79 -10.20 7.08 3.86
CA HIS B 79 -9.92 8.54 3.99
C HIS B 79 -8.68 8.78 4.84
N ASN B 80 -7.58 8.31 4.28
CA ASN B 80 -6.30 8.20 5.02
C ASN B 80 -5.22 8.96 4.22
N TRP B 81 -3.98 8.89 4.66
CA TRP B 81 -2.84 9.64 4.05
C TRP B 81 -2.59 9.21 2.60
N LYS B 82 -2.75 7.93 2.30
CA LYS B 82 -2.55 7.45 0.92
C LYS B 82 -3.53 8.16 -0.04
N HIS B 83 -4.80 8.30 0.37
CA HIS B 83 -5.90 8.91 -0.42
C HIS B 83 -5.51 10.38 -0.62
N ALA B 84 -5.03 11.09 0.42
CA ALA B 84 -4.62 12.50 0.31
C ALA B 84 -3.61 12.68 -0.81
N VAL B 85 -2.54 11.88 -0.85
CA VAL B 85 -1.43 11.98 -1.83
C VAL B 85 -1.94 11.55 -3.20
N THR B 86 -2.82 10.57 -3.23
CA THR B 86 -3.40 10.05 -4.50
C THR B 86 -4.23 11.13 -5.18
N VAL B 87 -4.95 11.87 -4.38
CA VAL B 87 -5.82 12.92 -4.89
C VAL B 87 -4.91 14.06 -5.39
N ALA B 88 -3.82 14.36 -4.70
CA ALA B 88 -2.92 15.43 -5.13
C ALA B 88 -2.20 14.97 -6.40
N HIS B 89 -1.84 13.69 -6.54
CA HIS B 89 -1.30 13.21 -7.80
C HIS B 89 -2.31 13.47 -8.93
N CYS B 90 -3.59 13.17 -8.75
CA CYS B 90 -4.56 13.41 -9.85
C CYS B 90 -4.55 14.90 -10.24
N MET B 91 -4.49 15.79 -9.28
CA MET B 91 -4.45 17.24 -9.56
C MET B 91 -3.15 17.56 -10.28
N TYR B 92 -2.06 16.90 -9.93
CA TYR B 92 -0.74 17.16 -10.53
C TYR B 92 -0.90 16.92 -12.04
N ALA B 93 -1.52 15.81 -12.40
CA ALA B 93 -1.65 15.32 -13.77
C ALA B 93 -2.57 16.26 -14.55
N ILE B 94 -3.67 16.71 -13.95
CA ILE B 94 -4.54 17.73 -14.59
C ILE B 94 -3.70 18.97 -14.87
N LEU B 95 -2.98 19.44 -13.87
CA LEU B 95 -2.27 20.76 -13.92
C LEU B 95 -1.11 20.70 -14.93
N GLN B 96 -0.43 19.58 -14.99
CA GLN B 96 0.68 19.34 -15.93
C GLN B 96 0.16 19.31 -17.37
N ASN B 97 -1.08 18.87 -17.61
CA ASN B 97 -1.72 18.81 -18.94
C ASN B 97 -2.50 20.09 -19.31
N ASN B 98 -2.47 21.12 -18.49
CA ASN B 98 -3.19 22.37 -18.81
C ASN B 98 -2.40 23.49 -18.17
N HIS B 99 -1.09 23.51 -18.41
CA HIS B 99 -0.15 24.29 -17.57
C HIS B 99 -0.36 25.79 -17.80
N THR B 100 -0.79 26.18 -18.99
CA THR B 100 -1.07 27.60 -19.33
C THR B 100 -2.34 28.13 -18.68
N LEU B 101 -3.34 27.28 -18.40
CA LEU B 101 -4.67 27.73 -17.88
C LEU B 101 -4.58 28.36 -16.48
N PHE B 102 -3.62 27.99 -15.62
CA PHE B 102 -3.70 28.34 -14.19
C PHE B 102 -2.60 29.31 -13.75
N THR B 103 -2.93 30.16 -12.79
CA THR B 103 -2.03 31.15 -12.18
C THR B 103 -1.08 30.43 -11.24
N ASP B 104 -0.07 31.19 -10.82
CA ASP B 104 1.05 30.68 -9.99
C ASP B 104 0.44 30.22 -8.65
N LEU B 105 -0.30 31.14 -8.01
CA LEU B 105 -1.03 30.95 -6.74
C LEU B 105 -1.90 29.71 -6.86
N GLU B 106 -2.61 29.58 -7.97
CA GLU B 106 -3.58 28.46 -8.15
C GLU B 106 -2.77 27.15 -8.09
N ARG B 107 -1.67 27.03 -8.82
CA ARG B 107 -0.80 25.80 -8.82
C ARG B 107 -0.27 25.47 -7.40
N LYS B 108 -0.03 26.53 -6.63
CA LYS B 108 0.42 26.49 -5.22
C LYS B 108 -0.66 25.97 -4.28
N GLY B 109 -1.85 26.59 -4.28
CA GLY B 109 -2.96 26.24 -3.36
C GLY B 109 -3.55 24.85 -3.67
N LEU B 110 -3.59 24.50 -4.96
CA LEU B 110 -4.38 23.33 -5.41
C LEU B 110 -3.66 22.03 -4.99
N LEU B 111 -2.32 21.89 -5.15
CA LEU B 111 -1.67 20.66 -4.68
C LEU B 111 -1.74 20.63 -3.15
N ILE B 112 -1.73 21.78 -2.46
CA ILE B 112 -1.76 21.84 -0.97
C ILE B 112 -3.18 21.48 -0.51
N ALA B 113 -4.18 22.02 -1.19
CA ALA B 113 -5.58 21.76 -0.86
C ALA B 113 -5.91 20.25 -0.95
N CYS B 114 -5.45 19.63 -2.02
CA CYS B 114 -5.58 18.18 -2.25
C CYS B 114 -4.90 17.39 -1.12
N LEU B 115 -3.72 17.79 -0.68
CA LEU B 115 -3.05 17.03 0.40
C LEU B 115 -3.83 17.15 1.70
N CYS B 116 -4.42 18.31 1.93
CA CYS B 116 -5.10 18.67 3.20
C CYS B 116 -6.61 18.40 3.16
N HIS B 117 -7.21 17.96 2.04
CA HIS B 117 -8.69 17.99 1.85
C HIS B 117 -9.47 17.07 2.76
N ASP B 118 -8.84 16.06 3.37
CA ASP B 118 -9.56 15.10 4.27
C ASP B 118 -8.92 15.07 5.66
N LEU B 119 -8.20 16.14 6.04
CA LEU B 119 -7.40 16.19 7.28
C LEU B 119 -8.30 15.76 8.44
N ASP B 120 -7.85 14.79 9.25
CA ASP B 120 -8.55 14.37 10.48
C ASP B 120 -9.88 13.72 10.17
N HIS B 121 -10.03 13.15 8.97
CA HIS B 121 -11.23 12.30 8.67
C HIS B 121 -11.31 11.14 9.65
N ARG B 122 -12.51 10.71 10.04
CA ARG B 122 -12.66 9.62 11.05
C ARG B 122 -13.32 8.38 10.45
N GLY B 123 -13.66 8.44 9.15
CA GLY B 123 -14.27 7.37 8.33
C GLY B 123 -15.79 7.54 8.27
N PHE B 124 -16.30 8.71 8.63
CA PHE B 124 -17.77 8.90 8.74
C PHE B 124 -18.18 10.14 7.95
N SER B 125 -19.37 10.02 7.38
CA SER B 125 -20.03 11.01 6.51
C SER B 125 -20.62 12.14 7.35
N ASN B 126 -21.06 13.17 6.66
CA ASN B 126 -21.70 14.37 7.28
C ASN B 126 -23.04 13.94 7.93
N SER B 127 -23.77 13.01 7.29
CA SER B 127 -25.06 12.51 7.84
C SER B 127 -24.77 11.82 9.16
N TYR B 128 -23.78 10.93 9.22
CA TYR B 128 -23.52 10.20 10.49
C TYR B 128 -23.26 11.25 11.63
N LEU B 129 -22.32 12.18 11.46
CA LEU B 129 -21.98 13.23 12.46
C LEU B 129 -23.26 13.98 12.85
N GLN B 130 -24.17 14.26 11.91
CA GLN B 130 -25.47 14.92 12.20
C GLN B 130 -26.31 13.98 13.07
N LYS B 131 -26.53 12.73 12.66
CA LYS B 131 -27.42 11.83 13.44
C LYS B 131 -26.82 11.49 14.79
N PHE B 132 -25.51 11.49 14.90
CA PHE B 132 -24.84 11.11 16.16
C PHE B 132 -24.91 12.27 17.14
N ASP B 133 -25.07 13.47 16.59
CA ASP B 133 -25.04 14.75 17.32
C ASP B 133 -23.59 15.02 17.70
N HIS B 134 -22.65 14.85 16.76
CA HIS B 134 -21.20 15.13 16.99
C HIS B 134 -21.00 16.63 17.20
N PRO B 135 -20.10 17.06 18.12
CA PRO B 135 -19.79 18.47 18.30
C PRO B 135 -19.43 19.22 16.99
N LEU B 136 -18.86 18.55 15.98
CA LEU B 136 -18.54 19.25 14.73
C LEU B 136 -19.86 19.58 14.00
N ALA B 137 -20.93 18.81 14.11
CA ALA B 137 -22.20 19.11 13.42
C ALA B 137 -22.81 20.40 13.99
N ALA B 138 -22.52 20.77 15.23
CA ALA B 138 -23.08 22.00 15.82
C ALA B 138 -22.25 23.20 15.37
N LEU B 139 -20.97 22.98 15.21
CA LEU B 139 -20.01 24.01 14.79
C LEU B 139 -20.20 24.27 13.30
N TYR B 140 -20.56 23.27 12.50
CA TYR B 140 -20.67 23.38 11.04
C TYR B 140 -21.87 22.59 10.52
N SER B 141 -22.93 23.32 10.20
CA SER B 141 -24.28 22.78 9.88
C SER B 141 -24.24 22.21 8.47
N THR B 142 -23.44 22.81 7.60
CA THR B 142 -23.26 22.29 6.24
C THR B 142 -21.80 22.00 6.01
N SER B 143 -21.60 21.02 5.16
CA SER B 143 -20.25 20.58 4.78
C SER B 143 -19.45 20.39 6.07
N THR B 144 -20.04 19.73 7.05
CA THR B 144 -19.45 19.65 8.41
C THR B 144 -17.98 19.21 8.32
N MET B 145 -17.71 18.05 7.69
CA MET B 145 -16.34 17.48 7.77
C MET B 145 -15.45 18.42 6.96
N GLU B 146 -15.96 18.94 5.85
CA GLU B 146 -15.10 19.73 4.94
C GLU B 146 -14.75 21.07 5.60
N GLN B 147 -15.62 21.66 6.43
CA GLN B 147 -15.27 22.90 7.17
C GLN B 147 -14.17 22.53 8.20
N HIS B 148 -14.27 21.35 8.79
CA HIS B 148 -13.24 20.81 9.71
C HIS B 148 -11.89 20.64 9.01
N HIS B 149 -11.90 19.99 7.86
CA HIS B 149 -10.65 19.75 7.13
C HIS B 149 -9.95 21.09 6.94
N PHE B 150 -10.71 22.13 6.57
CA PHE B 150 -10.11 23.44 6.22
C PHE B 150 -9.47 24.03 7.49
N SER B 151 -10.25 24.03 8.55
CA SER B 151 -9.84 24.54 9.89
C SER B 151 -8.54 23.88 10.35
N GLN B 152 -8.38 22.59 10.13
CA GLN B 152 -7.17 21.81 10.45
C GLN B 152 -6.03 22.31 9.60
N THR B 153 -6.34 22.67 8.35
CA THR B 153 -5.34 23.09 7.37
C THR B 153 -4.72 24.40 7.87
N VAL B 154 -5.56 25.33 8.29
CA VAL B 154 -5.13 26.66 8.82
C VAL B 154 -4.32 26.51 10.12
N SER B 155 -4.80 25.69 11.05
CA SER B 155 -4.04 25.30 12.26
C SER B 155 -2.63 24.88 11.95
N ILE B 156 -2.45 23.93 11.03
CA ILE B 156 -1.11 23.41 10.74
C ILE B 156 -0.25 24.54 10.14
N LEU B 157 -0.79 25.39 9.26
CA LEU B 157 -0.03 26.54 8.68
C LEU B 157 0.46 27.53 9.77
N GLN B 158 -0.24 27.59 10.88
CA GLN B 158 0.04 28.50 12.01
C GLN B 158 1.03 27.91 13.05
N LEU B 159 1.40 26.64 12.94
CA LEU B 159 2.44 25.98 13.76
C LEU B 159 3.77 26.65 13.43
N GLU B 160 4.65 26.89 14.41
CA GLU B 160 5.98 27.51 14.15
C GLU B 160 6.73 26.70 13.09
N GLY B 161 7.38 27.41 12.22
CA GLY B 161 8.14 26.86 11.08
C GLY B 161 7.27 26.23 10.00
N HIS B 162 5.95 26.34 10.09
CA HIS B 162 5.02 25.57 9.21
C HIS B 162 4.41 26.48 8.15
N ASN B 163 4.74 27.79 8.13
CA ASN B 163 4.12 28.70 7.14
C ASN B 163 4.89 28.75 5.83
N ILE B 164 4.45 27.88 4.93
CA ILE B 164 5.00 27.66 3.56
C ILE B 164 4.65 28.80 2.61
N PHE B 165 3.82 29.74 3.04
CA PHE B 165 3.39 30.87 2.17
C PHE B 165 4.05 32.15 2.70
N SER B 166 5.01 32.02 3.61
CA SER B 166 5.52 33.16 4.40
C SER B 166 6.03 34.29 3.47
N THR B 167 6.46 33.99 2.23
CA THR B 167 7.01 34.99 1.27
C THR B 167 5.92 35.83 0.55
N LEU B 168 4.69 35.31 0.36
CA LEU B 168 3.53 36.00 -0.29
C LEU B 168 3.16 37.26 0.50
N SER B 169 2.53 38.26 -0.10
CA SER B 169 2.02 39.43 0.67
C SER B 169 0.74 39.08 1.43
N SER B 170 0.29 39.87 2.42
CA SER B 170 -1.06 39.79 3.06
C SER B 170 -2.12 39.45 2.02
N SER B 171 -2.09 40.19 0.92
CA SER B 171 -2.99 40.09 -0.25
C SER B 171 -2.98 38.68 -0.80
N GLU B 172 -1.84 38.29 -1.37
CA GLU B 172 -1.68 36.97 -1.97
C GLU B 172 -1.95 35.87 -0.92
N TYR B 173 -1.49 35.99 0.33
CA TYR B 173 -1.67 34.98 1.38
C TYR B 173 -3.18 34.73 1.47
N GLU B 174 -3.98 35.80 1.59
CA GLU B 174 -5.44 35.72 1.83
C GLU B 174 -6.09 35.05 0.61
N GLN B 175 -5.48 35.28 -0.53
CA GLN B 175 -6.00 34.81 -1.81
C GLN B 175 -5.75 33.31 -2.02
N VAL B 176 -4.54 32.82 -1.66
CA VAL B 176 -4.22 31.36 -1.77
C VAL B 176 -5.04 30.61 -0.68
N LEU B 177 -5.27 31.19 0.49
CA LEU B 177 -6.13 30.55 1.53
C LEU B 177 -7.60 30.45 1.06
N GLU B 178 -8.10 31.39 0.23
CA GLU B 178 -9.46 31.34 -0.35
CA GLU B 178 -9.47 31.33 -0.34
C GLU B 178 -9.54 30.29 -1.47
N ILE B 179 -8.51 30.19 -2.28
CA ILE B 179 -8.41 29.03 -3.23
C ILE B 179 -8.57 27.73 -2.45
N ILE B 180 -7.78 27.55 -1.38
CA ILE B 180 -7.70 26.30 -0.59
C ILE B 180 -9.06 26.09 0.06
N ARG B 181 -9.65 27.13 0.66
CA ARG B 181 -10.93 26.98 1.37
C ARG B 181 -12.02 26.46 0.42
N LYS B 182 -12.19 27.13 -0.71
CA LYS B 182 -13.20 26.71 -1.68
C LYS B 182 -12.85 25.36 -2.30
N ALA B 183 -11.58 25.09 -2.54
CA ALA B 183 -11.22 23.79 -3.12
C ALA B 183 -11.68 22.72 -2.15
N ILE B 184 -11.47 22.92 -0.85
CA ILE B 184 -11.70 21.86 0.17
C ILE B 184 -13.22 21.67 0.31
N ILE B 185 -13.97 22.77 0.42
CA ILE B 185 -15.45 22.74 0.50
C ILE B 185 -16.01 22.01 -0.71
N ALA B 186 -15.46 22.29 -1.89
CA ALA B 186 -15.92 21.63 -3.14
C ALA B 186 -15.92 20.12 -2.99
N THR B 187 -15.08 19.56 -2.15
CA THR B 187 -14.94 18.08 -2.07
C THR B 187 -16.16 17.44 -1.41
N ASP B 188 -17.05 18.23 -0.82
CA ASP B 188 -18.38 17.78 -0.34
C ASP B 188 -19.20 17.29 -1.55
N LEU B 189 -19.43 15.97 -1.70
CA LEU B 189 -20.07 15.47 -2.93
C LEU B 189 -21.48 16.07 -3.02
N ALA B 190 -22.11 16.46 -1.89
CA ALA B 190 -23.45 17.09 -1.90
C ALA B 190 -23.45 18.30 -2.85
N LEU B 191 -22.37 19.06 -2.87
CA LEU B 191 -22.29 20.30 -3.68
C LEU B 191 -21.94 20.00 -5.13
N TYR B 192 -21.40 18.84 -5.43
CA TYR B 192 -20.97 18.51 -6.80
C TYR B 192 -22.15 18.58 -7.80
N PHE B 193 -23.31 18.03 -7.48
CA PHE B 193 -24.42 17.83 -8.49
C PHE B 193 -24.85 19.17 -9.07
N GLY B 194 -25.03 20.15 -8.17
CA GLY B 194 -25.30 21.59 -8.44
C GLY B 194 -24.18 22.24 -9.25
N ASN B 195 -22.95 21.98 -8.86
CA ASN B 195 -21.77 22.62 -9.50
C ASN B 195 -21.63 22.04 -10.91
N ARG B 196 -21.69 20.73 -11.05
CA ARG B 196 -21.57 20.15 -12.39
C ARG B 196 -22.70 20.64 -13.29
N LYS B 197 -23.92 20.85 -12.79
CA LYS B 197 -25.07 21.16 -13.69
C LYS B 197 -24.91 22.58 -14.22
N GLN B 198 -24.61 23.54 -13.37
CA GLN B 198 -24.29 24.93 -13.80
C GLN B 198 -23.13 25.02 -14.81
N LEU B 199 -22.20 24.09 -14.82
CA LEU B 199 -20.99 24.21 -15.68
C LEU B 199 -21.35 23.63 -17.06
N GLU B 200 -22.04 22.48 -17.06
CA GLU B 200 -22.56 21.78 -18.27
C GLU B 200 -23.47 22.77 -18.99
N GLU B 201 -24.25 23.53 -18.24
CA GLU B 201 -25.15 24.50 -18.86
C GLU B 201 -24.27 25.56 -19.49
N MET B 202 -23.40 26.17 -18.70
CA MET B 202 -22.52 27.28 -19.12
C MET B 202 -21.61 26.84 -20.29
N TYR B 203 -21.13 25.62 -20.29
CA TYR B 203 -20.28 25.18 -21.41
C TYR B 203 -21.14 25.04 -22.66
N GLN B 204 -22.25 24.33 -22.61
CA GLN B 204 -22.99 23.97 -23.83
C GLN B 204 -23.69 25.16 -24.51
N THR B 205 -23.96 26.25 -23.79
CA THR B 205 -24.48 27.53 -24.32
C THR B 205 -23.35 28.51 -24.63
N GLY B 206 -22.10 28.07 -24.53
CA GLY B 206 -20.91 28.89 -24.85
C GLY B 206 -20.84 30.15 -24.02
N SER B 207 -21.41 30.21 -22.81
CA SER B 207 -21.19 31.39 -21.92
C SER B 207 -20.04 31.15 -20.89
N LEU B 208 -19.41 29.95 -20.80
CA LEU B 208 -18.34 29.71 -19.78
C LEU B 208 -17.14 30.61 -20.08
N ASN B 209 -16.63 31.27 -19.07
CA ASN B 209 -15.61 32.31 -19.23
C ASN B 209 -14.58 32.21 -18.08
N LEU B 210 -13.43 31.60 -18.36
CA LEU B 210 -12.38 31.31 -17.35
C LEU B 210 -11.75 32.57 -16.76
N ASN B 211 -11.91 33.75 -17.36
CA ASN B 211 -11.46 35.02 -16.74
C ASN B 211 -12.52 35.56 -15.79
N ASN B 212 -13.65 34.88 -15.71
CA ASN B 212 -14.67 35.18 -14.68
C ASN B 212 -14.35 34.37 -13.38
N GLN B 213 -14.02 35.03 -12.27
CA GLN B 213 -13.49 34.35 -11.03
C GLN B 213 -14.51 33.27 -10.61
N SER B 214 -15.77 33.68 -10.57
CA SER B 214 -16.94 32.84 -10.25
C SER B 214 -16.97 31.56 -11.12
N HIS B 215 -16.71 31.65 -12.41
CA HIS B 215 -16.59 30.46 -13.28
C HIS B 215 -15.32 29.68 -12.94
N ARG B 216 -14.20 30.35 -12.65
CA ARG B 216 -12.93 29.63 -12.39
C ARG B 216 -13.16 28.73 -11.16
N ASP B 217 -13.62 29.34 -10.08
CA ASP B 217 -14.09 28.69 -8.81
C ASP B 217 -14.85 27.40 -9.15
N ARG B 218 -15.79 27.47 -10.07
CA ARG B 218 -16.63 26.31 -10.35
C ARG B 218 -15.78 25.24 -11.00
N VAL B 219 -14.99 25.66 -11.98
CA VAL B 219 -14.13 24.69 -12.70
C VAL B 219 -13.18 24.06 -11.66
N ILE B 220 -12.61 24.83 -10.75
CA ILE B 220 -11.68 24.25 -9.74
C ILE B 220 -12.46 23.24 -8.87
N GLY B 221 -13.71 23.56 -8.53
CA GLY B 221 -14.58 22.69 -7.75
C GLY B 221 -14.75 21.38 -8.47
N LEU B 222 -15.01 21.44 -9.78
CA LEU B 222 -15.22 20.20 -10.56
C LEU B 222 -13.88 19.44 -10.61
N MET B 223 -12.78 20.14 -10.76
CA MET B 223 -11.45 19.49 -10.73
C MET B 223 -11.26 18.72 -9.40
N MET B 224 -11.55 19.36 -8.28
CA MET B 224 -11.48 18.72 -6.93
C MET B 224 -12.38 17.45 -6.86
N THR B 225 -13.63 17.50 -7.33
CA THR B 225 -14.47 16.28 -7.42
C THR B 225 -13.76 15.17 -8.20
N ALA B 226 -13.22 15.49 -9.37
CA ALA B 226 -12.59 14.55 -10.30
C ALA B 226 -11.41 13.84 -9.64
N CYS B 227 -10.60 14.62 -9.00
CA CYS B 227 -9.40 14.10 -8.25
C CYS B 227 -9.87 13.25 -7.07
N ASP B 228 -10.90 13.72 -6.37
CA ASP B 228 -11.40 13.02 -5.16
C ASP B 228 -12.00 11.66 -5.53
N LEU B 229 -12.67 11.55 -6.68
CA LEU B 229 -13.35 10.32 -7.16
C LEU B 229 -12.39 9.47 -7.99
N CYS B 230 -11.09 9.82 -8.05
CA CYS B 230 -10.19 9.33 -9.12
C CYS B 230 -9.99 7.83 -9.02
N SER B 231 -10.38 7.18 -7.93
CA SER B 231 -10.31 5.71 -7.83
C SER B 231 -10.84 5.05 -9.13
N VAL B 232 -11.93 5.62 -9.65
CA VAL B 232 -12.75 5.06 -10.79
C VAL B 232 -12.00 5.30 -12.10
N THR B 233 -10.89 6.08 -12.09
CA THR B 233 -10.07 6.45 -13.28
C THR B 233 -8.78 5.65 -13.35
N LYS B 234 -8.61 4.71 -12.47
CA LYS B 234 -7.38 3.90 -12.49
C LYS B 234 -7.65 2.72 -13.42
N LEU B 235 -6.63 1.91 -13.64
CA LEU B 235 -6.81 0.62 -14.31
C LEU B 235 -7.63 -0.29 -13.39
N TRP B 236 -8.37 -1.25 -13.97
CA TRP B 236 -9.35 -2.11 -13.27
C TRP B 236 -8.84 -2.70 -11.94
N PRO B 237 -7.66 -3.35 -11.89
CA PRO B 237 -7.23 -4.03 -10.67
C PRO B 237 -7.05 -3.08 -9.49
N VAL B 238 -6.50 -1.91 -9.73
CA VAL B 238 -6.47 -0.80 -8.74
C VAL B 238 -7.91 -0.37 -8.35
N THR B 239 -8.75 -0.08 -9.33
CA THR B 239 -10.14 0.36 -9.11
C THR B 239 -10.87 -0.68 -8.23
N LYS B 240 -10.74 -1.96 -8.56
CA LYS B 240 -11.43 -3.10 -7.86
C LYS B 240 -10.91 -3.17 -6.42
N LEU B 241 -9.61 -3.05 -6.23
CA LEU B 241 -9.01 -3.17 -4.86
C LEU B 241 -9.38 -1.92 -4.07
N THR B 242 -9.36 -0.73 -4.69
CA THR B 242 -9.70 0.48 -3.97
C THR B 242 -11.16 0.39 -3.53
N ALA B 243 -12.04 -0.27 -4.29
CA ALA B 243 -13.47 -0.28 -3.92
C ALA B 243 -13.64 -1.04 -2.60
N ASN B 244 -12.76 -2.01 -2.31
CA ASN B 244 -12.86 -2.77 -1.03
C ASN B 244 -12.67 -1.83 0.14
N ASP B 245 -11.72 -0.91 0.01
CA ASP B 245 -11.43 0.09 1.07
C ASP B 245 -12.62 1.05 1.23
N ILE B 246 -13.13 1.57 0.13
CA ILE B 246 -14.31 2.48 0.18
C ILE B 246 -15.44 1.85 0.96
N TYR B 247 -15.79 0.60 0.64
CA TYR B 247 -16.89 -0.15 1.28
C TYR B 247 -16.56 -0.55 2.72
N ALA B 248 -15.28 -0.81 3.05
CA ALA B 248 -14.92 -1.13 4.44
C ALA B 248 -15.40 0.04 5.30
N GLU B 249 -15.12 1.29 4.87
CA GLU B 249 -15.56 2.47 5.65
C GLU B 249 -17.08 2.52 5.68
N PHE B 250 -17.70 2.38 4.54
CA PHE B 250 -19.16 2.59 4.40
C PHE B 250 -19.86 1.63 5.33
N TRP B 251 -19.37 0.38 5.38
CA TRP B 251 -19.99 -0.72 6.16
C TRP B 251 -19.83 -0.46 7.65
N ALA B 252 -18.66 0.02 8.07
CA ALA B 252 -18.45 0.45 9.46
C ALA B 252 -19.40 1.62 9.81
N GLU B 253 -19.61 2.57 8.92
CA GLU B 253 -20.61 3.67 9.16
C GLU B 253 -22.03 3.09 9.24
N GLY B 254 -22.35 2.14 8.36
CA GLY B 254 -23.66 1.45 8.45
C GLY B 254 -23.88 0.73 9.77
N ASP B 255 -22.87 0.02 10.25
CA ASP B 255 -22.90 -0.63 11.56
C ASP B 255 -23.22 0.46 12.60
N GLU B 256 -22.58 1.61 12.53
CA GLU B 256 -22.73 2.64 13.58
C GLU B 256 -24.11 3.29 13.49
N MET B 257 -24.71 3.38 12.31
CA MET B 257 -26.13 3.85 12.15
C MET B 257 -27.10 2.88 12.83
N LYS B 258 -26.91 1.56 12.59
CA LYS B 258 -27.68 0.48 13.23
C LYS B 258 -27.56 0.64 14.72
N LYS B 259 -26.41 0.99 15.26
CA LYS B 259 -26.31 1.17 16.75
C LYS B 259 -27.05 2.42 17.22
N LEU B 260 -27.35 3.38 16.36
CA LEU B 260 -28.18 4.56 16.74
C LEU B 260 -29.65 4.21 16.57
N GLY B 261 -29.97 3.07 15.98
CA GLY B 261 -31.35 2.61 15.77
C GLY B 261 -31.86 3.07 14.43
N ILE B 262 -30.99 3.21 13.42
CA ILE B 262 -31.41 3.78 12.11
C ILE B 262 -31.03 2.80 11.03
N GLN B 263 -31.96 2.43 10.15
CA GLN B 263 -31.57 1.50 9.07
C GLN B 263 -30.65 2.27 8.13
N PRO B 264 -29.40 1.85 7.89
CA PRO B 264 -28.55 2.59 6.94
C PRO B 264 -29.10 2.46 5.52
N ILE B 265 -28.67 3.38 4.65
CA ILE B 265 -28.84 3.17 3.18
C ILE B 265 -28.05 1.94 2.77
N PRO B 266 -28.50 1.29 1.70
CA PRO B 266 -27.96 -0.02 1.30
C PRO B 266 -26.46 -0.05 0.99
N MET B 267 -25.98 1.03 0.40
CA MET B 267 -24.55 1.29 0.10
C MET B 267 -23.70 1.02 1.34
N MET B 268 -24.23 1.37 2.51
CA MET B 268 -23.55 1.34 3.84
C MET B 268 -23.87 0.08 4.66
N ASP B 269 -24.68 -0.84 4.10
CA ASP B 269 -25.22 -2.01 4.83
C ASP B 269 -24.47 -3.27 4.39
N ARG B 270 -23.63 -3.78 5.28
CA ARG B 270 -22.78 -4.94 4.93
C ARG B 270 -23.66 -6.14 4.62
N ASP B 271 -24.91 -6.15 5.06
CA ASP B 271 -25.84 -7.26 4.73
C ASP B 271 -26.25 -7.18 3.26
N LYS B 272 -25.92 -6.11 2.56
CA LYS B 272 -26.38 -5.95 1.16
C LYS B 272 -25.18 -5.95 0.24
N LYS B 273 -24.17 -6.74 0.54
CA LYS B 273 -22.89 -6.81 -0.23
C LYS B 273 -23.11 -7.30 -1.66
N ASP B 274 -24.15 -8.10 -1.88
CA ASP B 274 -24.52 -8.65 -3.21
C ASP B 274 -24.91 -7.47 -4.10
N GLU B 275 -25.30 -6.31 -3.57
CA GLU B 275 -25.79 -5.16 -4.38
C GLU B 275 -24.67 -4.24 -4.87
N VAL B 276 -23.41 -4.54 -4.51
CA VAL B 276 -22.27 -3.59 -4.76
C VAL B 276 -22.07 -3.39 -6.27
N PRO B 277 -22.03 -4.44 -7.12
CA PRO B 277 -21.77 -4.24 -8.55
C PRO B 277 -22.84 -3.35 -9.17
N GLN B 278 -24.11 -3.59 -8.88
CA GLN B 278 -25.22 -2.72 -9.33
C GLN B 278 -25.04 -1.31 -8.74
N GLY B 279 -24.57 -1.18 -7.49
CA GLY B 279 -24.39 0.14 -6.86
C GLY B 279 -23.24 0.91 -7.51
N GLN B 280 -22.15 0.25 -7.87
CA GLN B 280 -21.03 0.89 -8.63
C GLN B 280 -21.59 1.37 -9.98
N LEU B 281 -22.32 0.52 -10.70
CA LEU B 281 -23.06 0.84 -11.95
C LEU B 281 -23.86 2.15 -11.82
N GLY B 282 -24.62 2.29 -10.73
CA GLY B 282 -25.52 3.44 -10.57
C GLY B 282 -24.71 4.71 -10.28
N PHE B 283 -23.61 4.55 -9.53
CA PHE B 283 -22.69 5.69 -9.23
C PHE B 283 -21.90 6.15 -10.50
N TYR B 284 -21.44 5.25 -11.37
CA TYR B 284 -20.80 5.66 -12.63
C TYR B 284 -21.79 6.40 -13.55
N ASN B 285 -23.03 5.93 -13.69
CA ASN B 285 -24.07 6.58 -14.54
C ASN B 285 -24.46 7.96 -13.98
N ALA B 286 -24.59 8.10 -12.66
CA ALA B 286 -25.21 9.26 -12.01
C ALA B 286 -24.16 10.26 -11.60
N VAL B 287 -22.94 9.82 -11.31
CA VAL B 287 -21.92 10.80 -10.77
C VAL B 287 -20.64 10.83 -11.64
N ALA B 288 -19.94 9.71 -11.75
CA ALA B 288 -18.56 9.63 -12.31
C ALA B 288 -18.57 10.03 -13.79
N ILE B 289 -19.37 9.36 -14.64
CA ILE B 289 -19.36 9.62 -16.13
C ILE B 289 -19.71 11.08 -16.37
N PRO B 290 -20.81 11.63 -15.82
CA PRO B 290 -21.08 13.06 -16.00
C PRO B 290 -19.97 14.01 -15.52
N CYS B 291 -19.35 13.64 -14.41
CA CYS B 291 -18.23 14.44 -13.84
C CYS B 291 -17.09 14.57 -14.89
N TYR B 292 -16.60 13.44 -15.38
CA TYR B 292 -15.41 13.29 -16.24
C TYR B 292 -15.82 13.73 -17.65
N THR B 293 -17.10 13.57 -18.00
CA THR B 293 -17.56 14.10 -19.31
C THR B 293 -17.42 15.62 -19.36
N THR B 294 -17.97 16.32 -18.37
CA THR B 294 -17.98 17.81 -18.29
C THR B 294 -16.53 18.27 -18.19
N LEU B 295 -15.71 17.59 -17.38
CA LEU B 295 -14.31 18.07 -17.16
C LEU B 295 -13.56 17.99 -18.50
N THR B 296 -13.83 16.94 -19.30
CA THR B 296 -13.12 16.59 -20.56
C THR B 296 -13.54 17.65 -21.60
N GLN B 297 -14.76 18.12 -21.50
CA GLN B 297 -15.26 19.20 -22.38
C GLN B 297 -14.59 20.49 -21.98
N ILE B 298 -14.41 20.73 -20.70
CA ILE B 298 -13.85 22.05 -20.35
C ILE B 298 -12.33 21.94 -20.51
N LEU B 299 -11.69 20.84 -20.12
CA LEU B 299 -10.21 20.62 -20.15
C LEU B 299 -9.97 19.33 -20.92
N PRO B 300 -9.99 19.46 -22.27
CA PRO B 300 -9.83 18.33 -23.20
C PRO B 300 -8.68 17.37 -22.96
N PRO B 301 -7.50 17.84 -22.48
CA PRO B 301 -6.43 16.94 -22.08
C PRO B 301 -6.65 16.05 -20.82
N THR B 302 -7.78 16.22 -20.12
CA THR B 302 -8.24 15.30 -19.02
C THR B 302 -8.98 14.05 -19.55
N GLU B 303 -8.99 13.86 -20.84
CA GLU B 303 -9.75 12.81 -21.55
C GLU B 303 -9.42 11.41 -21.02
N PRO B 304 -8.14 11.10 -20.73
CA PRO B 304 -7.81 9.76 -20.25
C PRO B 304 -8.53 9.43 -18.94
N LEU B 305 -8.98 10.44 -18.19
CA LEU B 305 -9.81 10.23 -16.95
C LEU B 305 -11.13 9.58 -17.36
N LEU B 306 -11.74 10.16 -18.39
CA LEU B 306 -13.06 9.71 -18.88
C LEU B 306 -12.92 8.35 -19.54
N LYS B 307 -11.88 8.13 -20.33
CA LYS B 307 -11.73 6.81 -21.02
C LYS B 307 -11.58 5.70 -19.97
N ALA B 308 -10.79 5.93 -18.92
CA ALA B 308 -10.54 4.94 -17.83
C ALA B 308 -11.88 4.62 -17.14
N CYS B 309 -12.63 5.71 -16.89
CA CYS B 309 -13.91 5.64 -16.18
C CYS B 309 -14.90 4.79 -17.00
N ARG B 310 -14.92 5.00 -18.33
CA ARG B 310 -15.77 4.21 -19.25
C ARG B 310 -15.37 2.74 -19.21
N ASP B 311 -14.08 2.47 -19.27
CA ASP B 311 -13.54 1.08 -19.22
C ASP B 311 -13.99 0.43 -17.92
N ASN B 312 -13.93 1.17 -16.79
CA ASN B 312 -14.31 0.62 -15.47
C ASN B 312 -15.84 0.38 -15.42
N LEU B 313 -16.65 1.25 -16.03
CA LEU B 313 -18.12 1.02 -16.08
C LEU B 313 -18.38 -0.36 -16.73
N SER B 314 -17.71 -0.55 -17.84
CA SER B 314 -17.85 -1.75 -18.67
C SER B 314 -17.41 -2.96 -17.84
N GLN B 315 -16.29 -2.84 -17.12
CA GLN B 315 -15.82 -3.91 -16.20
C GLN B 315 -16.89 -4.22 -15.15
N TRP B 316 -17.62 -3.23 -14.63
CA TRP B 316 -18.67 -3.48 -13.60
C TRP B 316 -19.86 -4.20 -14.26
N GLU B 317 -20.16 -3.83 -15.52
CA GLU B 317 -21.26 -4.46 -16.30
C GLU B 317 -20.96 -5.93 -16.43
N LYS B 318 -19.73 -6.27 -16.77
CA LYS B 318 -19.25 -7.67 -16.82
C LYS B 318 -19.48 -8.36 -15.48
N VAL B 319 -19.10 -7.71 -14.39
CA VAL B 319 -19.27 -8.30 -13.04
C VAL B 319 -20.76 -8.60 -12.83
N ILE B 320 -21.66 -7.73 -13.26
CA ILE B 320 -23.10 -7.84 -12.94
C ILE B 320 -23.66 -9.05 -13.69
N ARG B 321 -23.08 -9.35 -14.85
CA ARG B 321 -23.54 -10.44 -15.74
C ARG B 321 -22.77 -11.71 -15.43
N GLY B 322 -21.76 -11.66 -14.57
CA GLY B 322 -20.99 -12.84 -14.12
C GLY B 322 -19.89 -13.25 -15.09
N GLU B 323 -19.68 -12.50 -16.18
CA GLU B 323 -18.51 -12.69 -17.08
C GLU B 323 -17.21 -12.34 -16.31
N GLU B 324 -17.28 -11.95 -15.04
CA GLU B 324 -16.07 -11.61 -14.22
C GLU B 324 -16.35 -11.68 -12.70
N THR B 325 -15.29 -11.90 -11.89
CA THR B 325 -15.20 -11.85 -10.38
C THR B 325 -14.93 -10.41 -9.92
N GLY C 12 27.62 -11.65 35.24
CA GLY C 12 26.41 -12.52 35.06
C GLY C 12 25.83 -13.02 36.38
N LEU C 13 25.93 -12.21 37.43
CA LEU C 13 25.12 -12.32 38.68
C LEU C 13 23.63 -12.61 38.35
N MET C 14 23.09 -12.01 37.28
CA MET C 14 21.64 -12.06 36.92
C MET C 14 21.38 -13.05 35.80
N GLN C 15 20.84 -14.21 36.11
CA GLN C 15 20.39 -15.16 35.08
C GLN C 15 18.88 -15.15 34.93
N PHE C 16 18.45 -15.66 33.79
CA PHE C 16 17.02 -15.68 33.44
C PHE C 16 16.49 -17.07 33.71
N THR C 17 15.33 -17.16 34.33
CA THR C 17 14.62 -18.45 34.50
C THR C 17 13.30 -18.36 33.77
N LEU C 18 12.88 -19.49 33.23
CA LEU C 18 11.61 -19.60 32.53
C LEU C 18 10.70 -20.42 33.41
N PRO C 19 9.38 -20.14 33.40
CA PRO C 19 8.40 -21.04 33.94
C PRO C 19 8.83 -22.45 33.57
N VAL C 20 8.45 -23.41 34.40
CA VAL C 20 8.85 -24.83 34.29
C VAL C 20 8.50 -25.36 32.90
N ARG C 21 7.28 -25.12 32.42
CA ARG C 21 6.82 -25.68 31.11
C ARG C 21 7.73 -25.12 29.98
N LEU C 22 8.08 -23.83 30.00
CA LEU C 22 8.96 -23.20 28.98
C LEU C 22 10.39 -23.73 29.14
N CYS C 23 10.94 -23.83 30.37
CA CYS C 23 12.32 -24.32 30.63
CA CYS C 23 12.30 -24.37 30.68
C CYS C 23 12.51 -25.68 29.92
N LYS C 24 11.46 -26.48 29.89
CA LYS C 24 11.46 -27.86 29.41
C LYS C 24 11.26 -27.85 27.89
N GLU C 25 10.17 -27.20 27.45
CA GLU C 25 9.70 -27.23 26.05
C GLU C 25 10.72 -26.46 25.19
N ILE C 26 11.39 -25.44 25.71
CA ILE C 26 12.28 -24.59 24.86
C ILE C 26 13.43 -25.43 24.27
N GLU C 27 13.71 -26.57 24.87
CA GLU C 27 14.88 -27.39 24.45
C GLU C 27 14.50 -28.19 23.20
N LEU C 28 13.22 -28.26 22.87
CA LEU C 28 12.64 -29.05 21.75
C LEU C 28 12.63 -28.18 20.50
N PHE C 29 12.89 -28.80 19.35
CA PHE C 29 13.00 -28.07 18.07
C PHE C 29 11.63 -27.46 17.72
N HIS C 30 10.52 -28.07 18.18
CA HIS C 30 9.14 -27.72 17.77
C HIS C 30 8.55 -26.71 18.76
N PHE C 31 9.29 -26.28 19.77
CA PHE C 31 8.84 -25.17 20.63
C PHE C 31 8.20 -24.04 19.82
N ASP C 32 7.16 -23.44 20.39
CA ASP C 32 6.49 -22.21 19.88
C ASP C 32 6.68 -21.15 20.98
N ILE C 33 7.08 -19.94 20.64
CA ILE C 33 7.45 -18.95 21.69
C ILE C 33 6.21 -18.34 22.40
N GLY C 34 5.00 -18.64 21.94
CA GLY C 34 3.76 -18.18 22.55
C GLY C 34 3.31 -16.78 22.11
N PRO C 35 2.09 -16.34 22.52
CA PRO C 35 1.54 -15.05 22.13
C PRO C 35 1.91 -13.84 23.01
N PHE C 36 2.73 -13.99 24.05
CA PHE C 36 2.98 -12.92 25.02
C PHE C 36 4.26 -12.20 24.58
N GLU C 37 4.15 -11.12 23.81
CA GLU C 37 5.30 -10.42 23.19
C GLU C 37 6.33 -10.01 24.24
N ASN C 38 5.88 -9.58 25.41
CA ASN C 38 6.77 -9.03 26.48
C ASN C 38 7.69 -10.09 27.05
N MET C 39 7.45 -11.36 26.79
CA MET C 39 8.31 -12.49 27.20
C MET C 39 9.41 -12.86 26.18
N TRP C 40 9.38 -12.33 24.97
CA TRP C 40 10.30 -12.77 23.89
C TRP C 40 11.71 -12.27 24.17
N PRO C 41 11.93 -10.99 24.57
CA PRO C 41 13.27 -10.54 24.90
C PRO C 41 13.95 -11.49 25.88
N GLY C 42 13.23 -11.83 26.94
CA GLY C 42 13.73 -12.61 28.07
C GLY C 42 14.03 -14.03 27.64
N ILE C 43 13.17 -14.59 26.81
CA ILE C 43 13.41 -15.90 26.15
C ILE C 43 14.69 -15.84 25.30
N PHE C 44 14.88 -14.75 24.53
CA PHE C 44 16.11 -14.55 23.73
C PHE C 44 17.34 -14.51 24.69
N VAL C 45 17.29 -13.71 25.75
CA VAL C 45 18.47 -13.59 26.65
C VAL C 45 18.72 -14.98 27.27
N TYR C 46 17.68 -15.68 27.75
CA TYR C 46 17.81 -17.04 28.34
C TYR C 46 18.59 -17.94 27.37
N MET C 47 18.26 -17.85 26.09
CA MET C 47 18.86 -18.67 25.01
C MET C 47 20.33 -18.25 24.80
N VAL C 48 20.61 -16.97 24.76
CA VAL C 48 22.01 -16.43 24.68
C VAL C 48 22.85 -16.86 25.90
N HIS C 49 22.34 -16.80 27.14
CA HIS C 49 23.08 -17.24 28.36
C HIS C 49 23.44 -18.73 28.27
N ARG C 50 22.47 -19.57 27.90
CA ARG C 50 22.67 -21.04 27.87
C ARG C 50 23.57 -21.44 26.69
N SER C 51 23.70 -20.59 25.69
CA SER C 51 24.10 -20.94 24.30
C SER C 51 25.53 -20.53 24.04
N CYS C 52 25.86 -19.43 24.67
CA CYS C 52 27.05 -18.61 24.41
C CYS C 52 27.77 -18.49 25.76
N GLY C 53 27.06 -18.04 26.79
CA GLY C 53 27.53 -17.96 28.20
C GLY C 53 27.05 -16.66 28.81
N THR C 54 26.88 -16.61 30.13
CA THR C 54 26.36 -15.42 30.86
C THR C 54 27.27 -14.20 30.63
N SER C 55 28.41 -14.42 30.04
CA SER C 55 29.52 -13.45 29.99
C SER C 55 29.74 -12.88 28.58
N CYS C 56 29.22 -13.45 27.49
CA CYS C 56 29.65 -13.05 26.11
C CYS C 56 29.21 -11.63 25.81
N PHE C 57 28.09 -11.18 26.41
CA PHE C 57 27.54 -9.79 26.26
C PHE C 57 27.24 -9.21 27.63
N GLU C 58 27.34 -7.88 27.70
CA GLU C 58 26.94 -7.04 28.85
C GLU C 58 25.41 -6.94 28.80
N LEU C 59 24.69 -7.41 29.84
CA LEU C 59 23.19 -7.49 29.87
C LEU C 59 22.56 -6.15 29.49
N GLU C 60 23.00 -5.04 30.05
CA GLU C 60 22.37 -3.71 29.82
C GLU C 60 22.43 -3.39 28.32
N LYS C 61 23.59 -3.64 27.71
CA LYS C 61 23.86 -3.36 26.27
C LYS C 61 23.05 -4.29 25.37
N LEU C 62 22.97 -5.56 25.76
CA LEU C 62 22.18 -6.60 25.07
C LEU C 62 20.73 -6.14 25.07
N CME C 63 20.22 -5.79 26.23
CA CME C 63 18.79 -5.46 26.40
CB CME C 63 18.36 -5.36 27.83
SG CME C 63 18.07 -7.02 28.57
SD CME C 63 16.23 -7.43 27.72
CE CME C 63 15.06 -7.41 29.11
CZ CME C 63 13.71 -6.92 28.63
OH CME C 63 12.74 -7.93 28.86
C CME C 63 18.53 -4.21 25.59
O CME C 63 17.44 -4.18 25.00
N ARG C 64 19.46 -3.28 25.49
CA ARG C 64 19.06 -2.09 24.72
C ARG C 64 19.21 -2.43 23.23
N PHE C 65 20.05 -3.38 22.87
CA PHE C 65 20.20 -3.82 21.45
C PHE C 65 18.92 -4.53 20.97
N ILE C 66 18.45 -5.43 21.81
CA ILE C 66 17.22 -6.23 21.57
C ILE C 66 16.08 -5.25 21.33
N MET C 67 15.94 -4.22 22.17
CA MET C 67 14.74 -3.36 22.14
C MET C 67 14.84 -2.42 20.93
N SER C 68 16.03 -2.09 20.45
CA SER C 68 16.17 -1.31 19.18
C SER C 68 15.85 -2.15 17.97
N VAL C 69 16.34 -3.39 17.96
CA VAL C 69 16.00 -4.36 16.86
C VAL C 69 14.47 -4.52 16.80
N LYS C 70 13.80 -4.78 17.92
CA LYS C 70 12.31 -4.95 17.96
C LYS C 70 11.60 -3.77 17.31
N LYS C 71 12.05 -2.59 17.69
CA LYS C 71 11.51 -1.29 17.25
C LYS C 71 11.66 -1.20 15.73
N ASN C 72 12.59 -1.93 15.10
CA ASN C 72 12.88 -1.77 13.62
C ASN C 72 12.30 -2.94 12.83
N TYR C 73 11.54 -3.83 13.47
CA TYR C 73 10.59 -4.75 12.77
C TYR C 73 9.25 -4.06 12.58
N ARG C 74 8.56 -4.38 11.51
CA ARG C 74 7.26 -3.76 11.21
C ARG C 74 6.10 -4.69 11.55
N ARG C 75 4.92 -4.09 11.60
CA ARG C 75 3.63 -4.74 11.89
C ARG C 75 3.11 -5.37 10.59
N VAL C 76 3.76 -6.44 10.17
CA VAL C 76 3.39 -7.21 8.95
C VAL C 76 2.93 -8.57 9.46
N PRO C 77 2.20 -9.31 8.63
CA PRO C 77 1.62 -10.57 9.09
C PRO C 77 2.62 -11.68 9.47
N TYR C 78 3.75 -11.78 8.76
CA TYR C 78 4.65 -12.93 9.00
C TYR C 78 6.03 -12.43 9.34
N HIS C 79 6.61 -11.64 8.46
CA HIS C 79 8.02 -11.16 8.64
C HIS C 79 8.12 -10.10 9.77
N ASN C 80 7.72 -10.50 10.96
CA ASN C 80 7.61 -9.57 12.09
C ASN C 80 8.58 -10.01 13.21
N TRP C 81 8.50 -9.32 14.33
CA TRP C 81 9.32 -9.57 15.53
C TRP C 81 9.20 -11.03 15.97
N LYS C 82 8.01 -11.60 15.88
CA LYS C 82 7.77 -13.00 16.32
C LYS C 82 8.57 -13.97 15.44
N HIS C 83 8.66 -13.71 14.15
CA HIS C 83 9.42 -14.55 13.18
C HIS C 83 10.91 -14.50 13.57
N ALA C 84 11.43 -13.32 13.82
CA ALA C 84 12.82 -13.06 14.27
C ALA C 84 13.14 -13.93 15.50
N VAL C 85 12.34 -13.88 16.55
CA VAL C 85 12.67 -14.66 17.79
C VAL C 85 12.54 -16.18 17.52
N THR C 86 11.53 -16.60 16.78
CA THR C 86 11.27 -17.99 16.36
C THR C 86 12.46 -18.58 15.59
N VAL C 87 13.00 -17.77 14.70
CA VAL C 87 14.21 -18.14 13.91
C VAL C 87 15.44 -18.26 14.84
N ALA C 88 15.64 -17.31 15.73
CA ALA C 88 16.69 -17.42 16.77
C ALA C 88 16.51 -18.71 17.57
N HIS C 89 15.30 -19.04 18.02
CA HIS C 89 15.08 -20.27 18.83
C HIS C 89 15.47 -21.52 18.04
N CYS C 90 15.16 -21.59 16.75
CA CYS C 90 15.56 -22.77 15.94
C CYS C 90 17.09 -22.88 15.98
N MET C 91 17.76 -21.76 15.82
CA MET C 91 19.23 -21.69 15.92
C MET C 91 19.68 -22.17 17.31
N TYR C 92 19.02 -21.73 18.42
CA TYR C 92 19.35 -22.20 19.80
C TYR C 92 19.32 -23.75 19.84
N ALA C 93 18.28 -24.39 19.28
CA ALA C 93 18.11 -25.85 19.37
C ALA C 93 19.26 -26.48 18.55
N ILE C 94 19.65 -25.91 17.40
CA ILE C 94 20.73 -26.52 16.58
C ILE C 94 22.04 -26.40 17.35
N LEU C 95 22.34 -25.24 17.88
CA LEU C 95 23.61 -24.98 18.57
C LEU C 95 23.69 -25.87 19.80
N GLN C 96 22.59 -26.09 20.51
CA GLN C 96 22.66 -26.82 21.83
C GLN C 96 22.82 -28.31 21.55
N ASN C 97 22.28 -28.79 20.47
CA ASN C 97 22.40 -30.22 20.10
C ASN C 97 23.67 -30.47 19.28
N ASN C 98 24.48 -29.47 19.01
CA ASN C 98 25.71 -29.68 18.23
C ASN C 98 26.81 -28.92 18.97
N HIS C 99 26.83 -28.91 20.31
CA HIS C 99 27.58 -27.84 21.04
C HIS C 99 29.11 -27.95 20.81
N THR C 100 29.63 -29.04 20.28
CA THR C 100 31.09 -29.20 20.17
C THR C 100 31.55 -28.68 18.83
N LEU C 101 30.65 -28.26 17.96
CA LEU C 101 31.00 -28.00 16.54
C LEU C 101 31.29 -26.51 16.29
N PHE C 102 30.85 -25.59 17.12
CA PHE C 102 31.00 -24.15 16.75
C PHE C 102 31.91 -23.39 17.70
N THR C 103 32.52 -22.36 17.13
CA THR C 103 33.41 -21.43 17.86
C THR C 103 32.60 -20.51 18.79
N ASP C 104 33.31 -19.68 19.52
CA ASP C 104 32.70 -18.72 20.44
C ASP C 104 32.02 -17.60 19.61
N LEU C 105 32.81 -17.00 18.73
CA LEU C 105 32.45 -15.95 17.77
C LEU C 105 31.22 -16.43 17.00
N GLU C 106 31.17 -17.69 16.58
CA GLU C 106 30.00 -18.21 15.82
C GLU C 106 28.80 -18.28 16.76
N ARG C 107 28.96 -18.78 17.97
CA ARG C 107 27.81 -18.90 18.88
C ARG C 107 27.14 -17.52 19.09
N LYS C 108 27.96 -16.53 19.49
CA LYS C 108 27.63 -15.08 19.66
C LYS C 108 26.91 -14.54 18.40
N GLY C 109 27.57 -14.72 17.26
CA GLY C 109 27.17 -14.15 15.98
C GLY C 109 25.83 -14.67 15.48
N LEU C 110 25.52 -15.96 15.71
CA LEU C 110 24.48 -16.65 14.91
C LEU C 110 23.13 -16.30 15.53
N LEU C 111 23.03 -16.25 16.86
CA LEU C 111 21.72 -15.96 17.49
C LEU C 111 21.37 -14.50 17.15
N ILE C 112 22.39 -13.64 17.10
CA ILE C 112 22.25 -12.21 16.75
C ILE C 112 21.85 -12.10 15.28
N ALA C 113 22.52 -12.80 14.39
CA ALA C 113 22.13 -12.76 12.98
C ALA C 113 20.64 -13.13 12.85
N CYS C 114 20.20 -14.19 13.52
CA CYS C 114 18.82 -14.72 13.38
C CYS C 114 17.82 -13.67 13.85
N LEU C 115 18.11 -13.06 14.99
CA LEU C 115 17.25 -11.96 15.52
C LEU C 115 17.17 -10.84 14.48
N CYS C 116 18.28 -10.57 13.78
CA CYS C 116 18.32 -9.36 12.93
C CYS C 116 18.00 -9.65 11.44
N HIS C 117 17.71 -10.89 11.06
CA HIS C 117 17.84 -11.32 9.65
C HIS C 117 16.74 -10.76 8.80
N ASP C 118 15.62 -10.32 9.35
CA ASP C 118 14.53 -9.69 8.53
C ASP C 118 14.25 -8.25 9.01
N LEU C 119 15.27 -7.60 9.57
CA LEU C 119 15.15 -6.19 10.03
C LEU C 119 14.53 -5.28 8.99
N ASP C 120 13.42 -4.62 9.35
CA ASP C 120 12.77 -3.59 8.50
C ASP C 120 12.14 -4.22 7.25
N HIS C 121 11.70 -5.47 7.30
CA HIS C 121 10.98 -6.09 6.18
C HIS C 121 9.60 -5.43 6.03
N ARG C 122 9.14 -5.20 4.81
CA ARG C 122 7.85 -4.50 4.59
CA ARG C 122 7.91 -4.47 4.45
C ARG C 122 6.84 -5.49 4.02
N GLY C 123 7.15 -6.80 4.03
CA GLY C 123 6.25 -7.87 3.63
C GLY C 123 6.32 -8.17 2.14
N PHE C 124 7.28 -7.58 1.43
CA PHE C 124 7.47 -7.81 -0.02
C PHE C 124 8.83 -8.44 -0.31
N SER C 125 8.85 -9.15 -1.40
CA SER C 125 9.95 -10.03 -1.86
C SER C 125 10.90 -9.18 -2.70
N ASN C 126 12.09 -9.70 -2.88
CA ASN C 126 13.09 -9.08 -3.80
C ASN C 126 12.44 -8.85 -5.19
N SER C 127 11.66 -9.80 -5.69
CA SER C 127 11.02 -9.71 -7.04
CA SER C 127 11.01 -9.73 -7.03
C SER C 127 10.15 -8.46 -7.13
N TYR C 128 9.26 -8.27 -6.16
CA TYR C 128 8.35 -7.10 -6.14
C TYR C 128 9.17 -5.82 -6.07
N LEU C 129 10.23 -5.75 -5.29
CA LEU C 129 11.02 -4.47 -5.21
C LEU C 129 11.70 -4.24 -6.58
N GLN C 130 12.07 -5.31 -7.22
CA GLN C 130 12.78 -5.20 -8.52
CA GLN C 130 12.80 -5.16 -8.49
C GLN C 130 11.76 -4.64 -9.51
N LYS C 131 10.56 -5.25 -9.55
CA LYS C 131 9.50 -4.82 -10.51
C LYS C 131 8.94 -3.43 -10.14
N PHE C 132 8.83 -3.09 -8.87
CA PHE C 132 8.36 -1.77 -8.42
C PHE C 132 9.38 -0.70 -8.79
N ASP C 133 10.63 -1.10 -8.99
CA ASP C 133 11.75 -0.12 -9.18
C ASP C 133 12.01 0.63 -7.87
N HIS C 134 11.95 -0.06 -6.73
CA HIS C 134 12.20 0.51 -5.38
C HIS C 134 13.62 0.98 -5.30
N PRO C 135 13.93 2.17 -4.73
CA PRO C 135 15.30 2.59 -4.52
C PRO C 135 16.26 1.48 -4.06
N LEU C 136 15.84 0.62 -3.13
CA LEU C 136 16.76 -0.37 -2.51
C LEU C 136 17.30 -1.31 -3.61
N ALA C 137 16.57 -1.53 -4.70
CA ALA C 137 16.91 -2.50 -5.75
C ALA C 137 18.01 -1.92 -6.64
N ALA C 138 18.10 -0.58 -6.69
CA ALA C 138 19.17 0.16 -7.41
C ALA C 138 20.47 0.05 -6.59
N LEU C 139 20.38 0.17 -5.27
CA LEU C 139 21.56 0.10 -4.34
C LEU C 139 22.06 -1.35 -4.21
N TYR C 140 21.18 -2.33 -4.15
CA TYR C 140 21.56 -3.74 -3.96
C TYR C 140 20.86 -4.52 -5.06
N SER C 141 21.60 -4.85 -6.10
CA SER C 141 21.10 -5.46 -7.35
C SER C 141 20.63 -6.89 -7.10
N THR C 142 21.29 -7.65 -6.20
CA THR C 142 20.85 -9.01 -5.76
C THR C 142 20.71 -9.09 -4.24
N SER C 143 20.00 -10.11 -3.75
CA SER C 143 19.69 -10.29 -2.31
C SER C 143 19.36 -8.91 -1.70
N THR C 144 18.49 -8.16 -2.37
CA THR C 144 18.15 -6.73 -2.06
C THR C 144 17.73 -6.54 -0.60
N MET C 145 16.74 -7.31 -0.16
CA MET C 145 16.17 -7.10 1.19
C MET C 145 17.22 -7.52 2.21
N GLU C 146 17.96 -8.61 1.91
CA GLU C 146 18.94 -9.25 2.84
C GLU C 146 20.13 -8.31 3.03
N GLN C 147 20.60 -7.69 1.97
CA GLN C 147 21.61 -6.62 2.09
C GLN C 147 21.03 -5.44 2.88
N HIS C 148 19.77 -5.10 2.70
CA HIS C 148 19.17 -4.06 3.58
C HIS C 148 19.15 -4.55 5.04
N HIS C 149 18.87 -5.82 5.31
CA HIS C 149 18.73 -6.34 6.71
C HIS C 149 20.09 -6.17 7.39
N PHE C 150 21.14 -6.62 6.72
CA PHE C 150 22.49 -6.55 7.30
C PHE C 150 22.86 -5.07 7.57
N SER C 151 22.52 -4.24 6.62
CA SER C 151 22.72 -2.78 6.71
C SER C 151 22.07 -2.18 7.96
N GLN C 152 20.80 -2.49 8.18
CA GLN C 152 20.06 -2.02 9.36
C GLN C 152 20.72 -2.57 10.63
N THR C 153 21.22 -3.80 10.55
CA THR C 153 21.92 -4.45 11.68
C THR C 153 23.08 -3.56 12.10
N VAL C 154 23.97 -3.25 11.14
CA VAL C 154 25.20 -2.41 11.38
C VAL C 154 24.78 -1.05 11.97
N SER C 155 23.79 -0.36 11.38
CA SER C 155 23.19 0.86 11.97
C SER C 155 22.93 0.70 13.47
N ILE C 156 22.22 -0.36 13.85
CA ILE C 156 21.78 -0.51 15.27
C ILE C 156 23.01 -0.67 16.17
N LEU C 157 23.98 -1.46 15.69
CA LEU C 157 25.24 -1.78 16.43
C LEU C 157 26.06 -0.52 16.72
N GLN C 158 25.94 0.48 15.86
CA GLN C 158 26.67 1.77 15.87
C GLN C 158 25.87 2.87 16.58
N LEU C 159 24.64 2.61 16.99
CA LEU C 159 23.94 3.49 17.96
C LEU C 159 24.68 3.52 19.30
N GLU C 160 24.45 4.61 20.07
CA GLU C 160 25.17 4.83 21.34
C GLU C 160 24.74 3.80 22.37
N GLY C 161 25.69 3.16 23.05
CA GLY C 161 25.43 2.16 24.11
C GLY C 161 24.83 0.87 23.56
N HIS C 162 24.89 0.64 22.24
CA HIS C 162 24.35 -0.56 21.56
C HIS C 162 25.45 -1.50 21.07
N ASN C 163 26.75 -1.17 21.16
CA ASN C 163 27.78 -2.07 20.61
C ASN C 163 28.08 -3.21 21.61
N ILE C 164 27.23 -4.24 21.54
CA ILE C 164 27.30 -5.53 22.26
C ILE C 164 28.60 -6.27 21.96
N PHE C 165 29.35 -5.88 20.93
CA PHE C 165 30.66 -6.52 20.60
C PHE C 165 31.83 -5.62 21.04
N SER C 166 31.61 -4.63 21.89
CA SER C 166 32.66 -3.62 22.22
C SER C 166 33.91 -4.30 22.85
N THR C 167 33.83 -5.42 23.55
CA THR C 167 35.04 -5.96 24.25
C THR C 167 35.90 -6.75 23.26
N LEU C 168 35.39 -7.07 22.08
CA LEU C 168 36.16 -7.86 21.08
C LEU C 168 37.28 -6.97 20.58
N SER C 169 38.30 -7.57 19.96
CA SER C 169 39.39 -6.89 19.18
C SER C 169 38.87 -6.44 17.82
N SER C 170 39.46 -5.44 17.17
CA SER C 170 39.13 -4.98 15.78
C SER C 170 39.03 -6.16 14.79
N SER C 171 39.84 -7.17 15.04
CA SER C 171 39.97 -8.40 14.22
C SER C 171 38.73 -9.25 14.37
N GLU C 172 38.52 -9.69 15.61
CA GLU C 172 37.43 -10.58 16.05
C GLU C 172 36.11 -9.87 15.74
N TYR C 173 36.02 -8.57 15.96
CA TYR C 173 34.83 -7.76 15.61
C TYR C 173 34.59 -7.85 14.09
N GLU C 174 35.60 -7.72 13.25
CA GLU C 174 35.36 -7.78 11.80
C GLU C 174 34.92 -9.20 11.41
N GLN C 175 35.37 -10.20 12.15
CA GLN C 175 35.04 -11.63 11.94
C GLN C 175 33.57 -11.88 12.30
N VAL C 176 33.14 -11.52 13.49
CA VAL C 176 31.73 -11.69 13.92
C VAL C 176 30.79 -10.96 12.96
N LEU C 177 31.17 -9.79 12.43
CA LEU C 177 30.26 -9.01 11.55
C LEU C 177 30.17 -9.73 10.20
N GLU C 178 31.20 -10.50 9.87
CA GLU C 178 31.29 -11.21 8.58
C GLU C 178 30.53 -12.54 8.71
N ILE C 179 30.53 -13.15 9.89
CA ILE C 179 29.68 -14.32 10.18
C ILE C 179 28.23 -13.87 10.01
N ILE C 180 27.92 -12.69 10.56
CA ILE C 180 26.54 -12.14 10.57
C ILE C 180 26.13 -11.82 9.13
N ARG C 181 27.01 -11.15 8.38
CA ARG C 181 26.65 -10.71 7.02
C ARG C 181 26.33 -11.97 6.22
N LYS C 182 27.25 -12.93 6.21
CA LYS C 182 27.06 -14.14 5.36
C LYS C 182 25.77 -14.85 5.78
N ALA C 183 25.51 -14.97 7.07
CA ALA C 183 24.33 -15.71 7.56
C ALA C 183 23.05 -14.98 7.11
N ILE C 184 22.99 -13.67 7.17
CA ILE C 184 21.77 -12.92 6.78
C ILE C 184 21.57 -13.04 5.27
N ILE C 185 22.64 -12.85 4.51
CA ILE C 185 22.57 -12.93 3.02
C ILE C 185 22.05 -14.33 2.65
N ALA C 186 22.46 -15.37 3.41
CA ALA C 186 22.11 -16.79 3.14
C ALA C 186 20.58 -17.02 3.23
N THR C 187 19.86 -16.17 4.00
CA THR C 187 18.40 -16.27 4.14
C THR C 187 17.75 -15.76 2.84
N ASP C 188 18.53 -15.43 1.83
CA ASP C 188 17.95 -15.21 0.48
C ASP C 188 17.63 -16.59 -0.13
N LEU C 189 16.36 -16.92 -0.30
CA LEU C 189 16.01 -18.30 -0.66
C LEU C 189 16.53 -18.60 -2.08
N ALA C 190 16.74 -17.59 -2.91
CA ALA C 190 17.25 -17.82 -4.27
C ALA C 190 18.64 -18.45 -4.19
N LEU C 191 19.36 -18.24 -3.11
CA LEU C 191 20.75 -18.72 -2.97
C LEU C 191 20.76 -20.13 -2.37
N TYR C 192 19.68 -20.51 -1.68
CA TYR C 192 19.61 -21.78 -0.95
C TYR C 192 19.90 -22.92 -1.92
N PHE C 193 19.31 -22.87 -3.10
CA PHE C 193 19.28 -23.99 -4.08
C PHE C 193 20.69 -24.45 -4.45
N GLY C 194 21.45 -23.52 -5.02
CA GLY C 194 22.91 -23.67 -5.26
C GLY C 194 23.74 -24.09 -4.02
N ASN C 195 23.49 -23.47 -2.85
CA ASN C 195 24.27 -23.72 -1.61
C ASN C 195 24.08 -25.20 -1.27
N ARG C 196 22.84 -25.66 -1.29
CA ARG C 196 22.50 -27.01 -0.80
C ARG C 196 23.06 -28.08 -1.74
N LYS C 197 22.96 -27.82 -3.04
CA LYS C 197 23.50 -28.71 -4.09
C LYS C 197 25.00 -28.89 -3.89
N GLN C 198 25.73 -27.79 -3.72
CA GLN C 198 27.18 -27.85 -3.39
C GLN C 198 27.41 -28.64 -2.11
N LEU C 199 26.61 -28.37 -1.08
CA LEU C 199 26.87 -28.96 0.23
C LEU C 199 26.65 -30.45 0.07
N GLU C 200 25.63 -30.85 -0.70
CA GLU C 200 25.24 -32.27 -0.87
C GLU C 200 26.37 -33.01 -1.60
N GLU C 201 26.89 -32.46 -2.66
CA GLU C 201 28.03 -33.09 -3.37
C GLU C 201 29.23 -33.25 -2.41
N MET C 202 29.59 -32.25 -1.63
CA MET C 202 30.74 -32.32 -0.71
C MET C 202 30.52 -33.43 0.33
N TYR C 203 29.33 -33.52 0.92
CA TYR C 203 28.97 -34.55 1.93
C TYR C 203 29.11 -35.94 1.29
N GLN C 204 28.55 -36.13 0.09
CA GLN C 204 28.44 -37.45 -0.56
C GLN C 204 29.83 -37.94 -0.99
N THR C 205 30.68 -37.07 -1.53
CA THR C 205 32.03 -37.42 -2.01
C THR C 205 32.99 -37.48 -0.80
N GLY C 206 32.56 -37.05 0.37
CA GLY C 206 33.32 -37.04 1.61
C GLY C 206 34.37 -35.93 1.65
N SER C 207 34.30 -34.94 0.75
CA SER C 207 35.25 -33.79 0.72
C SER C 207 34.86 -32.70 1.76
N LEU C 208 33.63 -32.75 2.31
CA LEU C 208 33.16 -31.81 3.35
C LEU C 208 34.15 -31.73 4.51
N ASN C 209 34.59 -30.54 4.87
CA ASN C 209 35.62 -30.38 5.93
C ASN C 209 35.31 -29.14 6.77
N LEU C 210 34.85 -29.33 7.99
CA LEU C 210 34.47 -28.16 8.85
C LEU C 210 35.67 -27.31 9.27
N ASN C 211 36.91 -27.73 9.03
CA ASN C 211 38.13 -26.93 9.30
C ASN C 211 38.30 -25.97 8.13
N ASN C 212 37.66 -26.25 7.00
CA ASN C 212 37.70 -25.37 5.82
C ASN C 212 36.61 -24.29 5.97
N GLN C 213 36.97 -23.00 5.91
CA GLN C 213 36.12 -21.84 6.34
C GLN C 213 35.01 -21.64 5.31
N SER C 214 35.31 -21.87 4.04
CA SER C 214 34.32 -21.73 2.93
C SER C 214 33.25 -22.83 3.02
N HIS C 215 33.63 -23.99 3.55
CA HIS C 215 32.71 -25.09 3.90
C HIS C 215 31.89 -24.74 5.14
N ARG C 216 32.51 -24.23 6.20
CA ARG C 216 31.79 -23.79 7.42
C ARG C 216 30.74 -22.77 6.96
N ASP C 217 31.13 -21.90 6.05
CA ASP C 217 30.26 -20.80 5.58
C ASP C 217 29.03 -21.40 4.90
N ARG C 218 29.20 -22.45 4.12
CA ARG C 218 28.01 -23.10 3.48
C ARG C 218 27.15 -23.78 4.51
N VAL C 219 27.77 -24.49 5.47
CA VAL C 219 26.99 -25.23 6.50
C VAL C 219 26.10 -24.25 7.27
N ILE C 220 26.65 -23.08 7.60
CA ILE C 220 25.99 -22.06 8.45
C ILE C 220 24.85 -21.54 7.60
N GLY C 221 25.13 -21.35 6.30
CA GLY C 221 24.13 -20.97 5.29
C GLY C 221 22.89 -21.83 5.30
N LEU C 222 23.07 -23.14 5.33
CA LEU C 222 21.95 -24.10 5.34
C LEU C 222 21.30 -24.10 6.72
N MET C 223 22.07 -23.94 7.76
CA MET C 223 21.44 -23.81 9.11
C MET C 223 20.50 -22.59 9.07
N MET C 224 20.87 -21.48 8.38
CA MET C 224 20.04 -20.24 8.31
C MET C 224 18.73 -20.54 7.51
N THR C 225 18.85 -21.27 6.40
CA THR C 225 17.65 -21.61 5.62
C THR C 225 16.73 -22.44 6.54
N ALA C 226 17.29 -23.48 7.13
CA ALA C 226 16.54 -24.40 7.98
C ALA C 226 15.83 -23.59 9.08
N CYS C 227 16.53 -22.68 9.74
CA CYS C 227 15.89 -21.83 10.84
C CYS C 227 14.78 -20.94 10.22
N ASP C 228 15.06 -20.37 9.06
CA ASP C 228 14.10 -19.45 8.43
C ASP C 228 12.81 -20.17 7.99
N LEU C 229 12.93 -21.43 7.54
CA LEU C 229 11.73 -22.21 7.15
C LEU C 229 11.10 -22.93 8.32
N CYS C 230 11.55 -22.76 9.55
CA CYS C 230 11.24 -23.73 10.64
C CYS C 230 9.72 -23.87 10.87
N SER C 231 8.89 -23.01 10.29
CA SER C 231 7.42 -23.09 10.51
C SER C 231 6.87 -24.47 10.08
N VAL C 232 7.55 -25.09 9.12
CA VAL C 232 7.20 -26.42 8.55
C VAL C 232 7.70 -27.55 9.46
N THR C 233 8.44 -27.24 10.55
CA THR C 233 8.97 -28.23 11.51
C THR C 233 8.29 -28.15 12.87
N LYS C 234 7.18 -27.42 12.94
CA LYS C 234 6.38 -27.35 14.17
C LYS C 234 5.37 -28.49 14.16
N LEU C 235 4.67 -28.59 15.28
CA LEU C 235 3.47 -29.45 15.36
C LEU C 235 2.42 -28.85 14.41
N TRP C 236 1.64 -29.73 13.81
CA TRP C 236 0.66 -29.41 12.74
C TRP C 236 -0.23 -28.21 13.10
N PRO C 237 -0.77 -28.09 14.32
CA PRO C 237 -1.59 -26.91 14.61
C PRO C 237 -0.87 -25.55 14.47
N VAL C 238 0.41 -25.50 14.83
CA VAL C 238 1.23 -24.29 14.72
C VAL C 238 1.57 -24.09 13.24
N THR C 239 1.90 -25.16 12.54
CA THR C 239 2.28 -25.13 11.10
C THR C 239 1.15 -24.51 10.26
N LYS C 240 -0.08 -24.95 10.52
CA LYS C 240 -1.34 -24.55 9.82
C LYS C 240 -1.63 -23.09 10.11
N LEU C 241 -1.56 -22.66 11.36
CA LEU C 241 -1.84 -21.25 11.71
C LEU C 241 -0.78 -20.33 11.10
N THR C 242 0.51 -20.67 11.19
CA THR C 242 1.61 -19.81 10.66
C THR C 242 1.42 -19.68 9.13
N ALA C 243 0.97 -20.75 8.45
CA ALA C 243 0.73 -20.75 6.97
C ALA C 243 -0.29 -19.67 6.61
N ASN C 244 -1.27 -19.40 7.47
CA ASN C 244 -2.27 -18.33 7.23
C ASN C 244 -1.53 -16.98 7.10
N ASP C 245 -0.56 -16.76 7.96
CA ASP C 245 0.18 -15.48 8.12
C ASP C 245 1.11 -15.32 6.92
N ILE C 246 1.72 -16.42 6.53
CA ILE C 246 2.60 -16.50 5.33
C ILE C 246 1.81 -16.08 4.08
N TYR C 247 0.63 -16.63 3.85
CA TYR C 247 -0.14 -16.30 2.63
C TYR C 247 -0.79 -14.92 2.76
N ALA C 248 -1.10 -14.42 3.96
CA ALA C 248 -1.63 -13.04 4.07
C ALA C 248 -0.59 -12.10 3.46
N GLU C 249 0.68 -12.29 3.78
CA GLU C 249 1.76 -11.53 3.06
C GLU C 249 1.83 -11.84 1.55
N PHE C 250 1.98 -13.09 1.12
CA PHE C 250 2.00 -13.38 -0.33
C PHE C 250 0.80 -12.69 -1.05
N TRP C 251 -0.42 -12.82 -0.50
CA TRP C 251 -1.65 -12.33 -1.20
C TRP C 251 -1.63 -10.81 -1.32
N ALA C 252 -1.13 -10.09 -0.33
CA ALA C 252 -1.03 -8.62 -0.38
C ALA C 252 -0.03 -8.26 -1.46
N GLU C 253 1.07 -9.00 -1.54
CA GLU C 253 2.11 -8.69 -2.56
C GLU C 253 1.52 -8.94 -3.96
N GLY C 254 0.75 -10.01 -4.13
CA GLY C 254 0.07 -10.31 -5.39
C GLY C 254 -0.90 -9.18 -5.76
N ASP C 255 -1.63 -8.70 -4.78
CA ASP C 255 -2.47 -7.49 -4.96
C ASP C 255 -1.62 -6.39 -5.56
N GLU C 256 -0.42 -6.17 -5.00
CA GLU C 256 0.41 -5.01 -5.38
C GLU C 256 1.02 -5.31 -6.74
N MET C 257 1.16 -6.57 -7.14
CA MET C 257 1.75 -6.90 -8.46
C MET C 257 0.66 -6.52 -9.49
N LYS C 258 -0.58 -6.89 -9.16
CA LYS C 258 -1.77 -6.63 -9.99
C LYS C 258 -1.89 -5.14 -10.24
N LYS C 259 -1.49 -4.31 -9.27
CA LYS C 259 -1.56 -2.83 -9.40
C LYS C 259 -0.42 -2.29 -10.24
N LEU C 260 0.66 -3.03 -10.45
CA LEU C 260 1.80 -2.60 -11.31
C LEU C 260 1.40 -2.91 -12.76
N GLY C 261 0.39 -3.71 -12.98
CA GLY C 261 0.06 -4.23 -14.32
C GLY C 261 0.68 -5.60 -14.55
N ILE C 262 1.08 -6.33 -13.51
CA ILE C 262 1.66 -7.71 -13.69
C ILE C 262 0.76 -8.72 -13.01
N GLN C 263 0.38 -9.81 -13.68
CA GLN C 263 -0.38 -10.91 -13.03
C GLN C 263 0.63 -11.50 -12.08
N PRO C 264 0.28 -11.76 -10.81
CA PRO C 264 1.23 -12.45 -9.93
C PRO C 264 1.32 -13.95 -10.22
N ILE C 265 2.35 -14.62 -9.71
CA ILE C 265 2.40 -16.12 -9.68
C ILE C 265 1.24 -16.63 -8.79
N PRO C 266 0.73 -17.86 -9.05
CA PRO C 266 -0.42 -18.36 -8.30
C PRO C 266 -0.31 -18.33 -6.76
N MET C 267 0.92 -18.41 -6.28
CA MET C 267 1.25 -18.54 -4.84
C MET C 267 0.87 -17.22 -4.16
N MET C 268 0.95 -16.09 -4.87
CA MET C 268 0.58 -14.72 -4.38
C MET C 268 -0.77 -14.22 -4.91
N ASP C 269 -1.54 -15.09 -5.57
CA ASP C 269 -2.86 -14.70 -6.11
C ASP C 269 -3.93 -15.20 -5.16
N ARG C 270 -4.65 -14.29 -4.51
CA ARG C 270 -5.69 -14.72 -3.53
C ARG C 270 -6.90 -15.31 -4.26
N ASP C 271 -7.05 -15.13 -5.59
CA ASP C 271 -8.10 -15.87 -6.36
C ASP C 271 -7.75 -17.34 -6.54
N LYS C 272 -6.53 -17.75 -6.21
CA LYS C 272 -6.06 -19.15 -6.43
C LYS C 272 -5.78 -19.77 -5.08
N LYS C 273 -6.53 -19.35 -4.07
CA LYS C 273 -6.55 -19.86 -2.67
C LYS C 273 -6.72 -21.37 -2.61
N ASP C 274 -7.50 -21.93 -3.51
CA ASP C 274 -7.93 -23.36 -3.52
C ASP C 274 -6.69 -24.23 -3.75
N GLU C 275 -5.66 -23.68 -4.43
CA GLU C 275 -4.39 -24.38 -4.75
C GLU C 275 -3.39 -24.40 -3.60
N VAL C 276 -3.71 -23.84 -2.42
CA VAL C 276 -2.73 -23.75 -1.29
C VAL C 276 -2.28 -25.15 -0.84
N PRO C 277 -3.17 -26.12 -0.59
CA PRO C 277 -2.69 -27.46 -0.24
C PRO C 277 -1.60 -27.99 -1.18
N GLN C 278 -1.90 -27.95 -2.46
CA GLN C 278 -1.02 -28.48 -3.51
C GLN C 278 0.29 -27.69 -3.49
N GLY C 279 0.20 -26.40 -3.21
CA GLY C 279 1.32 -25.46 -3.28
C GLY C 279 2.30 -25.77 -2.18
N GLN C 280 1.77 -25.99 -0.98
CA GLN C 280 2.54 -26.51 0.18
C GLN C 280 3.23 -27.83 -0.24
N LEU C 281 2.50 -28.78 -0.82
CA LEU C 281 3.04 -30.13 -1.18
C LEU C 281 4.29 -29.91 -1.99
N GLY C 282 4.13 -29.08 -3.00
CA GLY C 282 5.23 -28.75 -3.91
C GLY C 282 6.40 -28.14 -3.16
N PHE C 283 6.14 -27.29 -2.15
CA PHE C 283 7.20 -26.51 -1.48
C PHE C 283 8.03 -27.50 -0.62
N TYR C 284 7.36 -28.38 0.12
CA TYR C 284 7.99 -29.42 0.95
C TYR C 284 8.86 -30.34 0.08
N ASN C 285 8.32 -30.81 -1.05
CA ASN C 285 9.02 -31.77 -1.95
C ASN C 285 10.27 -31.09 -2.51
N ALA C 286 10.14 -29.86 -2.94
CA ALA C 286 11.17 -29.18 -3.73
C ALA C 286 12.16 -28.40 -2.86
N VAL C 287 11.81 -28.10 -1.60
CA VAL C 287 12.55 -27.07 -0.81
C VAL C 287 12.76 -27.62 0.58
N ALA C 288 11.72 -27.80 1.37
CA ALA C 288 11.88 -28.04 2.83
C ALA C 288 12.51 -29.40 3.10
N ILE C 289 11.94 -30.47 2.53
CA ILE C 289 12.44 -31.87 2.75
C ILE C 289 13.91 -31.98 2.31
N PRO C 290 14.36 -31.55 1.11
CA PRO C 290 15.80 -31.55 0.80
C PRO C 290 16.70 -30.77 1.79
N CYS C 291 16.19 -29.62 2.24
CA CYS C 291 16.92 -28.72 3.16
C CYS C 291 17.23 -29.53 4.44
N TYR C 292 16.20 -30.04 5.06
CA TYR C 292 16.29 -30.75 6.36
C TYR C 292 16.99 -32.12 6.25
N THR C 293 16.98 -32.71 5.08
CA THR C 293 17.64 -34.00 4.75
C THR C 293 19.16 -33.82 4.72
N THR C 294 19.62 -32.87 3.90
CA THR C 294 21.03 -32.39 3.86
C THR C 294 21.49 -31.95 5.25
N LEU C 295 20.68 -31.21 5.99
CA LEU C 295 21.08 -30.75 7.33
C LEU C 295 21.21 -31.95 8.26
N THR C 296 20.35 -32.96 8.11
CA THR C 296 20.39 -34.14 9.02
C THR C 296 21.63 -34.98 8.75
N GLN C 297 22.10 -34.96 7.52
CA GLN C 297 23.28 -35.72 7.05
C GLN C 297 24.52 -35.07 7.61
N ILE C 298 24.62 -33.76 7.46
CA ILE C 298 25.77 -33.01 8.02
C ILE C 298 25.64 -32.94 9.55
N LEU C 299 24.45 -32.84 10.10
CA LEU C 299 24.26 -32.59 11.56
C LEU C 299 23.15 -33.49 12.06
N PRO C 300 23.46 -34.75 12.38
CA PRO C 300 22.44 -35.73 12.79
C PRO C 300 21.59 -35.40 14.00
N PRO C 301 22.05 -34.61 15.00
CA PRO C 301 21.13 -34.20 16.06
C PRO C 301 20.00 -33.25 15.62
N THR C 302 19.91 -32.85 14.34
CA THR C 302 18.83 -31.98 13.81
C THR C 302 17.72 -32.82 13.19
N GLU C 303 17.81 -34.14 13.42
CA GLU C 303 16.91 -35.16 12.83
CA GLU C 303 16.90 -35.17 12.85
C GLU C 303 15.46 -34.79 13.15
N PRO C 304 15.11 -34.39 14.39
CA PRO C 304 13.72 -34.03 14.70
C PRO C 304 13.06 -32.97 13.78
N LEU C 305 13.85 -32.09 13.12
CA LEU C 305 13.36 -31.05 12.19
C LEU C 305 12.87 -31.74 10.94
N LEU C 306 13.68 -32.66 10.41
CA LEU C 306 13.31 -33.52 9.25
C LEU C 306 12.02 -34.29 9.58
N LYS C 307 11.91 -34.88 10.76
CA LYS C 307 10.78 -35.80 11.07
C LYS C 307 9.50 -34.96 11.14
N ALA C 308 9.60 -33.80 11.77
CA ALA C 308 8.42 -32.92 11.95
C ALA C 308 7.98 -32.45 10.56
N CYS C 309 8.92 -32.24 9.67
CA CYS C 309 8.63 -31.74 8.31
C CYS C 309 7.94 -32.87 7.51
N ARG C 310 8.42 -34.11 7.63
CA ARG C 310 7.75 -35.29 6.98
CA ARG C 310 7.76 -35.33 7.05
C ARG C 310 6.33 -35.44 7.59
N ASP C 311 6.16 -35.24 8.89
CA ASP C 311 4.81 -35.36 9.50
C ASP C 311 3.84 -34.36 8.85
N ASN C 312 4.31 -33.14 8.60
CA ASN C 312 3.46 -32.02 8.11
C ASN C 312 3.25 -32.22 6.61
N LEU C 313 4.21 -32.83 5.92
CA LEU C 313 4.00 -33.19 4.47
C LEU C 313 2.81 -34.14 4.36
N SER C 314 2.74 -35.12 5.26
CA SER C 314 1.64 -36.11 5.31
C SER C 314 0.34 -35.39 5.74
N GLN C 315 0.37 -34.37 6.60
CA GLN C 315 -0.86 -33.63 7.04
C GLN C 315 -1.44 -32.85 5.84
N TRP C 316 -0.59 -32.37 4.97
CA TRP C 316 -1.04 -31.63 3.76
C TRP C 316 -1.63 -32.60 2.75
N GLU C 317 -1.06 -33.79 2.61
CA GLU C 317 -1.57 -34.80 1.63
C GLU C 317 -2.99 -35.18 2.03
N LYS C 318 -3.21 -35.28 3.34
CA LYS C 318 -4.50 -35.62 3.97
C LYS C 318 -5.49 -34.48 3.63
N VAL C 319 -5.07 -33.23 3.75
CA VAL C 319 -5.90 -32.04 3.40
C VAL C 319 -6.24 -32.07 1.90
N ILE C 320 -5.29 -32.39 1.03
CA ILE C 320 -5.48 -32.51 -0.43
C ILE C 320 -6.48 -33.64 -0.73
N ARG C 321 -6.58 -34.68 0.10
CA ARG C 321 -7.54 -35.80 -0.14
C ARG C 321 -8.84 -35.57 0.66
N GLY C 322 -9.21 -34.35 1.01
CA GLY C 322 -10.46 -34.07 1.74
C GLY C 322 -10.56 -34.69 3.15
N GLU C 323 -9.52 -35.32 3.73
CA GLU C 323 -9.63 -35.96 5.09
C GLU C 323 -9.41 -34.90 6.17
N GLU C 324 -9.22 -33.65 5.70
CA GLU C 324 -9.08 -32.38 6.47
C GLU C 324 -8.88 -31.22 5.49
N TRP D 10 42.31 -7.82 -41.34
CA TRP D 10 43.65 -7.31 -41.77
C TRP D 10 43.49 -5.87 -42.26
N GLN D 11 42.51 -5.63 -43.14
CA GLN D 11 42.27 -4.32 -43.80
C GLN D 11 40.85 -3.79 -43.48
N GLY D 12 40.04 -4.53 -42.65
CA GLY D 12 38.75 -4.11 -42.06
C GLY D 12 38.95 -3.30 -40.77
N LEU D 13 40.11 -2.64 -40.65
CA LEU D 13 40.60 -1.89 -39.47
C LEU D 13 40.24 -0.43 -39.73
N MET D 14 39.25 -0.23 -40.58
CA MET D 14 38.94 1.08 -41.18
C MET D 14 37.55 1.53 -40.72
N GLN D 15 37.54 2.29 -39.65
CA GLN D 15 36.33 2.83 -39.04
C GLN D 15 36.13 4.27 -39.53
N PHE D 16 35.04 4.89 -39.09
CA PHE D 16 34.73 6.31 -39.32
C PHE D 16 34.73 7.00 -37.98
N THR D 17 35.18 8.25 -37.96
CA THR D 17 35.04 9.15 -36.80
C THR D 17 34.35 10.42 -37.25
N LEU D 18 33.73 11.08 -36.29
CA LEU D 18 33.07 12.37 -36.50
C LEU D 18 33.93 13.36 -35.74
N PRO D 19 33.90 14.64 -36.12
CA PRO D 19 34.44 15.70 -35.28
C PRO D 19 33.79 15.71 -33.89
N VAL D 20 34.54 16.24 -32.93
CA VAL D 20 34.19 16.06 -31.50
C VAL D 20 32.72 16.41 -31.29
N ARG D 21 32.22 17.56 -31.73
CA ARG D 21 30.83 17.96 -31.41
C ARG D 21 29.85 16.90 -31.92
N LEU D 22 30.06 16.37 -33.10
CA LEU D 22 29.06 15.46 -33.72
C LEU D 22 29.11 14.12 -32.99
N CYS D 23 30.32 13.62 -32.76
CA CYS D 23 30.64 12.39 -31.98
C CYS D 23 29.88 12.41 -30.66
N LYS D 24 29.92 13.54 -29.97
CA LYS D 24 29.21 13.73 -28.68
C LYS D 24 27.70 13.92 -28.92
N GLU D 25 27.31 14.68 -29.92
CA GLU D 25 25.91 15.19 -29.97
C GLU D 25 25.01 14.13 -30.68
N ILE D 26 25.61 13.26 -31.50
CA ILE D 26 24.89 12.21 -32.30
C ILE D 26 24.18 11.22 -31.35
N GLU D 27 24.61 11.17 -30.09
CA GLU D 27 24.14 10.16 -29.13
C GLU D 27 22.86 10.69 -28.53
N LEU D 28 22.62 12.00 -28.64
CA LEU D 28 21.39 12.70 -28.16
C LEU D 28 20.21 12.40 -29.15
N PHE D 29 18.98 12.30 -28.68
CA PHE D 29 17.79 12.05 -29.53
C PHE D 29 17.57 13.28 -30.45
N HIS D 30 17.82 14.49 -29.95
CA HIS D 30 17.40 15.76 -30.63
C HIS D 30 18.49 16.18 -31.64
N PHE D 31 19.57 15.44 -31.77
CA PHE D 31 20.64 15.78 -32.74
C PHE D 31 20.07 16.04 -34.15
N ASP D 32 20.73 16.96 -34.84
CA ASP D 32 20.42 17.46 -36.21
C ASP D 32 21.65 17.13 -37.03
N ILE D 33 21.46 16.58 -38.22
CA ILE D 33 22.57 15.97 -39.02
C ILE D 33 23.29 17.09 -39.82
N GLY D 34 22.77 18.31 -39.76
CA GLY D 34 23.43 19.46 -40.36
C GLY D 34 23.19 19.60 -41.88
N PRO D 35 23.59 20.78 -42.42
CA PRO D 35 23.33 21.13 -43.82
C PRO D 35 24.41 20.72 -44.83
N PHE D 36 25.45 19.98 -44.42
CA PHE D 36 26.51 19.41 -45.30
C PHE D 36 26.14 17.97 -45.75
N GLU D 37 25.37 17.91 -46.85
CA GLU D 37 24.93 16.73 -47.62
C GLU D 37 26.05 15.68 -47.64
N ASN D 38 27.29 16.08 -47.85
CA ASN D 38 28.43 15.18 -48.10
C ASN D 38 28.87 14.44 -46.86
N MET D 39 28.41 14.93 -45.70
CA MET D 39 28.76 14.27 -44.44
C MET D 39 27.67 13.21 -44.10
N TRP D 40 26.54 13.19 -44.80
CA TRP D 40 25.41 12.32 -44.36
C TRP D 40 25.72 10.83 -44.53
N PRO D 41 26.33 10.37 -45.66
CA PRO D 41 26.73 8.95 -45.79
C PRO D 41 27.67 8.45 -44.68
N GLY D 42 28.68 9.25 -44.34
CA GLY D 42 29.65 8.92 -43.30
C GLY D 42 29.03 8.85 -41.93
N ILE D 43 28.10 9.77 -41.63
CA ILE D 43 27.27 9.78 -40.40
C ILE D 43 26.44 8.50 -40.35
N PHE D 44 25.92 8.06 -41.50
CA PHE D 44 25.08 6.83 -41.58
C PHE D 44 25.93 5.58 -41.31
N VAL D 45 27.06 5.45 -42.01
CA VAL D 45 28.00 4.34 -41.74
C VAL D 45 28.47 4.35 -40.27
N TYR D 46 28.77 5.51 -39.69
CA TYR D 46 29.27 5.57 -38.29
C TYR D 46 28.21 4.88 -37.45
N MET D 47 26.93 5.22 -37.69
CA MET D 47 25.80 4.72 -36.85
C MET D 47 25.69 3.21 -37.07
N VAL D 48 25.81 2.75 -38.31
CA VAL D 48 25.67 1.31 -38.62
C VAL D 48 26.83 0.57 -37.90
N HIS D 49 28.04 1.16 -37.83
CA HIS D 49 29.20 0.50 -37.18
C HIS D 49 28.98 0.39 -35.67
N ARG D 50 28.68 1.50 -34.98
CA ARG D 50 28.44 1.52 -33.50
C ARG D 50 27.20 0.70 -33.11
N SER D 51 26.25 0.61 -34.02
CA SER D 51 24.86 0.21 -33.72
C SER D 51 24.75 -1.31 -33.81
N CYS D 52 25.28 -1.90 -34.88
CA CYS D 52 25.20 -3.38 -35.08
C CYS D 52 26.56 -4.03 -35.26
N GLY D 53 27.62 -3.30 -35.64
CA GLY D 53 29.00 -3.85 -35.67
C GLY D 53 29.82 -3.41 -36.89
N THR D 54 31.15 -3.42 -36.72
CA THR D 54 32.17 -2.99 -37.73
C THR D 54 32.11 -3.97 -38.93
N SER D 55 31.55 -5.15 -38.68
CA SER D 55 31.62 -6.38 -39.50
C SER D 55 30.27 -6.71 -40.12
N CYS D 56 29.17 -6.20 -39.57
CA CYS D 56 27.85 -6.67 -40.06
CA CYS D 56 27.78 -6.48 -40.04
C CYS D 56 27.71 -6.40 -41.57
N PHE D 57 28.40 -5.41 -42.15
CA PHE D 57 28.39 -5.13 -43.62
C PHE D 57 29.80 -4.91 -44.18
N GLU D 58 29.99 -5.42 -45.40
CA GLU D 58 31.13 -5.15 -46.29
C GLU D 58 31.06 -3.66 -46.68
N LEU D 59 32.08 -2.88 -46.28
CA LEU D 59 32.11 -1.41 -46.47
C LEU D 59 31.82 -0.98 -47.90
N GLU D 60 32.39 -1.63 -48.91
CA GLU D 60 32.30 -1.16 -50.32
C GLU D 60 30.87 -1.39 -50.84
N LYS D 61 30.28 -2.56 -50.56
CA LYS D 61 28.88 -2.87 -50.90
C LYS D 61 27.95 -1.86 -50.21
N LEU D 62 28.24 -1.51 -48.95
CA LEU D 62 27.40 -0.59 -48.11
C LEU D 62 27.46 0.80 -48.73
N CME D 63 28.65 1.29 -49.00
CA CME D 63 28.81 2.67 -49.54
CB CME D 63 30.26 3.17 -49.55
SG CME D 63 30.87 3.68 -47.89
SD CME D 63 29.88 5.46 -47.43
CE CME D 63 30.18 6.58 -48.84
CZ CME D 63 31.30 7.56 -48.54
OH CME D 63 31.69 8.17 -49.75
C CME D 63 28.10 2.75 -50.89
O CME D 63 27.44 3.79 -51.19
N ARG D 64 28.12 1.69 -51.68
CA ARG D 64 27.52 1.87 -53.02
C ARG D 64 26.00 1.70 -52.90
N PHE D 65 25.54 0.84 -51.99
CA PHE D 65 24.10 0.77 -51.57
C PHE D 65 23.60 2.17 -51.16
N ILE D 66 24.36 2.88 -50.34
CA ILE D 66 23.93 4.20 -49.77
C ILE D 66 23.78 5.22 -50.92
N MET D 67 24.73 5.16 -51.86
CA MET D 67 24.86 6.17 -52.92
C MET D 67 23.75 5.95 -53.95
N SER D 68 23.36 4.69 -54.17
CA SER D 68 22.18 4.32 -54.97
C SER D 68 20.87 4.74 -54.26
N VAL D 69 20.77 4.49 -52.97
CA VAL D 69 19.57 4.96 -52.20
C VAL D 69 19.43 6.48 -52.34
N LYS D 70 20.48 7.25 -52.07
CA LYS D 70 20.46 8.75 -52.20
C LYS D 70 19.91 9.15 -53.57
N LYS D 71 20.48 8.54 -54.60
CA LYS D 71 20.16 8.85 -56.02
C LYS D 71 18.66 8.61 -56.27
N ASN D 72 17.98 7.77 -55.49
CA ASN D 72 16.55 7.44 -55.76
C ASN D 72 15.62 8.12 -54.77
N TYR D 73 16.14 9.01 -53.94
CA TYR D 73 15.30 10.06 -53.29
C TYR D 73 15.32 11.26 -54.20
N ARG D 74 14.26 12.04 -54.19
CA ARG D 74 14.07 13.20 -55.09
C ARG D 74 14.11 14.54 -54.37
N ARG D 75 14.13 15.61 -55.18
CA ARG D 75 14.38 17.01 -54.68
C ARG D 75 13.02 17.61 -54.37
N VAL D 76 12.43 17.13 -53.29
CA VAL D 76 11.11 17.56 -52.80
C VAL D 76 11.41 18.27 -51.49
N PRO D 77 10.56 19.19 -51.02
CA PRO D 77 10.88 19.99 -49.83
C PRO D 77 11.13 19.24 -48.50
N TYR D 78 10.48 18.10 -48.35
CA TYR D 78 10.48 17.35 -47.06
C TYR D 78 10.88 15.89 -47.26
N HIS D 79 10.19 15.11 -48.13
CA HIS D 79 10.36 13.62 -48.22
C HIS D 79 11.59 13.30 -49.06
N ASN D 80 12.77 13.75 -48.58
CA ASN D 80 14.03 13.80 -49.33
C ASN D 80 15.11 13.05 -48.57
N TRP D 81 16.32 13.04 -49.13
CA TRP D 81 17.47 12.27 -48.60
C TRP D 81 17.71 12.64 -47.14
N LYS D 82 17.48 13.92 -46.81
CA LYS D 82 17.83 14.43 -45.46
C LYS D 82 16.87 13.83 -44.44
N HIS D 83 15.58 13.73 -44.79
CA HIS D 83 14.53 13.02 -44.00
C HIS D 83 14.94 11.55 -43.80
N ALA D 84 15.40 10.86 -44.83
CA ALA D 84 15.83 9.44 -44.72
C ALA D 84 16.93 9.29 -43.64
N VAL D 85 17.97 10.12 -43.65
CA VAL D 85 19.13 9.98 -42.72
C VAL D 85 18.72 10.45 -41.30
N THR D 86 17.84 11.44 -41.19
CA THR D 86 17.25 11.92 -39.91
C THR D 86 16.48 10.80 -39.27
N VAL D 87 15.58 10.18 -40.01
CA VAL D 87 14.79 9.02 -39.47
C VAL D 87 15.70 7.88 -38.97
N ALA D 88 16.72 7.55 -39.74
CA ALA D 88 17.72 6.55 -39.34
C ALA D 88 18.44 6.97 -38.06
N HIS D 89 18.82 8.24 -37.95
CA HIS D 89 19.47 8.73 -36.71
C HIS D 89 18.57 8.48 -35.52
N CYS D 90 17.26 8.78 -35.59
CA CYS D 90 16.32 8.56 -34.46
C CYS D 90 16.35 7.06 -34.09
N MET D 91 16.24 6.17 -35.07
CA MET D 91 16.28 4.72 -34.89
C MET D 91 17.62 4.39 -34.23
N TYR D 92 18.72 4.99 -34.69
CA TYR D 92 20.08 4.77 -34.11
C TYR D 92 19.98 4.99 -32.60
N ALA D 93 19.46 6.16 -32.20
CA ALA D 93 19.40 6.59 -30.78
C ALA D 93 18.46 5.64 -30.02
N ILE D 94 17.43 5.09 -30.65
CA ILE D 94 16.52 4.15 -29.92
C ILE D 94 17.31 2.87 -29.66
N LEU D 95 17.93 2.36 -30.71
CA LEU D 95 18.68 1.11 -30.60
C LEU D 95 19.84 1.25 -29.60
N GLN D 96 20.52 2.37 -29.55
CA GLN D 96 21.73 2.45 -28.68
C GLN D 96 21.31 2.40 -27.20
N ASN D 97 20.11 2.86 -26.91
CA ASN D 97 19.55 3.16 -25.58
C ASN D 97 18.69 1.99 -25.12
N ASN D 98 18.54 0.96 -25.96
CA ASN D 98 17.72 -0.25 -25.75
C ASN D 98 18.50 -1.46 -26.29
N HIS D 99 19.82 -1.52 -26.05
CA HIS D 99 20.73 -2.35 -26.88
C HIS D 99 20.56 -3.85 -26.56
N THR D 100 20.09 -4.21 -25.37
CA THR D 100 19.90 -5.63 -24.95
C THR D 100 18.59 -6.16 -25.53
N LEU D 101 17.68 -5.27 -25.96
CA LEU D 101 16.29 -5.65 -26.37
C LEU D 101 16.24 -6.19 -27.81
N PHE D 102 17.24 -5.97 -28.69
CA PHE D 102 17.04 -6.21 -30.14
C PHE D 102 17.95 -7.31 -30.65
N THR D 103 17.45 -8.09 -31.61
CA THR D 103 18.18 -9.22 -32.21
C THR D 103 19.19 -8.63 -33.19
N ASP D 104 20.05 -9.48 -33.71
CA ASP D 104 21.19 -9.11 -34.60
C ASP D 104 20.64 -8.69 -35.98
N LEU D 105 19.62 -9.40 -36.46
CA LEU D 105 18.93 -9.15 -37.77
C LEU D 105 18.11 -7.88 -37.69
N GLU D 106 17.42 -7.69 -36.56
CA GLU D 106 16.65 -6.46 -36.29
C GLU D 106 17.62 -5.29 -36.40
N ARG D 107 18.81 -5.45 -35.85
CA ARG D 107 19.74 -4.31 -35.80
C ARG D 107 20.11 -3.90 -37.23
N LYS D 108 20.64 -4.85 -38.01
CA LYS D 108 20.94 -4.70 -39.46
C LYS D 108 19.73 -4.13 -40.21
N GLY D 109 18.57 -4.80 -40.14
CA GLY D 109 17.35 -4.45 -40.92
C GLY D 109 16.84 -3.03 -40.65
N LEU D 110 16.83 -2.56 -39.40
CA LEU D 110 16.05 -1.35 -39.01
C LEU D 110 16.72 -0.03 -39.46
N LEU D 111 18.05 0.09 -39.40
CA LEU D 111 18.77 1.30 -39.90
C LEU D 111 18.59 1.32 -41.43
N ILE D 112 18.64 0.16 -42.06
CA ILE D 112 18.40 0.09 -43.53
C ILE D 112 16.94 0.50 -43.79
N ALA D 113 15.97 -0.05 -43.09
CA ALA D 113 14.56 0.24 -43.40
C ALA D 113 14.39 1.72 -43.29
N CYS D 114 14.98 2.37 -42.28
CA CYS D 114 14.77 3.84 -42.04
C CYS D 114 15.34 4.61 -43.25
N LEU D 115 16.52 4.22 -43.73
CA LEU D 115 17.16 4.90 -44.87
C LEU D 115 16.35 4.74 -46.15
N CYS D 116 15.64 3.63 -46.33
CA CYS D 116 14.88 3.35 -47.59
C CYS D 116 13.40 3.73 -47.48
N HIS D 117 12.89 4.09 -46.30
CA HIS D 117 11.42 3.98 -46.00
C HIS D 117 10.63 4.97 -46.85
N ASP D 118 11.30 5.95 -47.47
CA ASP D 118 10.59 6.93 -48.34
C ASP D 118 11.11 6.98 -49.80
N LEU D 119 11.89 5.98 -50.22
CA LEU D 119 12.45 5.82 -51.60
C LEU D 119 11.43 6.23 -52.67
N ASP D 120 11.80 7.24 -53.43
CA ASP D 120 11.12 7.65 -54.69
C ASP D 120 9.82 8.38 -54.37
N HIS D 121 9.73 8.99 -53.18
CA HIS D 121 8.61 9.85 -52.75
C HIS D 121 8.54 11.02 -53.74
N ARG D 122 7.34 11.39 -54.18
CA ARG D 122 7.13 12.60 -55.03
C ARG D 122 6.47 13.75 -54.25
N GLY D 123 6.19 13.57 -52.97
CA GLY D 123 5.72 14.65 -52.08
C GLY D 123 4.22 14.61 -51.96
N PHE D 124 3.65 13.49 -52.38
CA PHE D 124 2.19 13.25 -52.46
C PHE D 124 1.81 12.01 -51.63
N SER D 125 0.70 12.17 -50.92
CA SER D 125 0.01 11.23 -50.00
C SER D 125 -0.69 10.12 -50.80
N ASN D 126 -0.99 8.99 -50.14
CA ASN D 126 -1.79 7.85 -50.69
C ASN D 126 -3.15 8.37 -51.21
N SER D 127 -3.79 9.36 -50.53
CA SER D 127 -5.12 9.89 -50.94
C SER D 127 -5.00 10.44 -52.35
N TYR D 128 -3.95 11.26 -52.56
CA TYR D 128 -3.83 12.07 -53.79
C TYR D 128 -3.60 11.12 -54.97
N LEU D 129 -2.73 10.12 -54.80
CA LEU D 129 -2.47 9.15 -55.89
C LEU D 129 -3.83 8.50 -56.26
N GLN D 130 -4.68 8.29 -55.26
CA GLN D 130 -5.95 7.57 -55.44
C GLN D 130 -6.91 8.48 -56.22
N LYS D 131 -6.95 9.76 -55.90
CA LYS D 131 -7.86 10.73 -56.55
C LYS D 131 -7.38 11.12 -57.94
N PHE D 132 -6.06 11.20 -58.10
CA PHE D 132 -5.42 11.39 -59.41
C PHE D 132 -5.76 10.19 -60.32
N ASP D 133 -5.84 8.99 -59.73
CA ASP D 133 -5.97 7.72 -60.48
C ASP D 133 -4.60 7.37 -61.00
N HIS D 134 -3.62 7.43 -60.12
CA HIS D 134 -2.22 7.08 -60.43
C HIS D 134 -2.04 5.57 -60.60
N PRO D 135 -1.28 5.13 -61.63
CA PRO D 135 -0.86 3.74 -61.79
C PRO D 135 -0.38 3.04 -60.52
N LEU D 136 0.33 3.73 -59.64
CA LEU D 136 0.75 3.07 -58.37
C LEU D 136 -0.49 2.68 -57.54
N ALA D 137 -1.60 3.41 -57.63
CA ALA D 137 -2.80 3.10 -56.81
C ALA D 137 -3.57 1.89 -57.41
N ALA D 138 -3.36 1.57 -58.69
CA ALA D 138 -3.94 0.35 -59.32
C ALA D 138 -3.18 -0.88 -58.81
N LEU D 139 -1.88 -0.75 -58.61
CA LEU D 139 -0.95 -1.86 -58.30
C LEU D 139 -0.99 -2.22 -56.81
N TYR D 140 -1.34 -1.23 -55.97
CA TYR D 140 -1.23 -1.20 -54.48
C TYR D 140 -2.44 -0.41 -53.95
N SER D 141 -3.52 -1.10 -53.58
CA SER D 141 -4.81 -0.46 -53.19
C SER D 141 -4.68 0.11 -51.76
N THR D 142 -3.68 -0.38 -51.04
CA THR D 142 -3.43 -0.15 -49.62
C THR D 142 -1.99 0.27 -49.42
N SER D 143 -1.72 1.22 -48.53
CA SER D 143 -0.37 1.66 -48.17
C SER D 143 0.41 1.85 -49.49
N THR D 144 -0.17 2.63 -50.40
CA THR D 144 0.26 2.65 -51.82
C THR D 144 1.74 3.07 -51.88
N MET D 145 2.07 4.26 -51.38
CA MET D 145 3.44 4.78 -51.48
C MET D 145 4.37 3.81 -50.72
N GLU D 146 3.89 3.21 -49.63
CA GLU D 146 4.74 2.43 -48.70
C GLU D 146 5.16 1.13 -49.38
N GLN D 147 4.29 0.54 -50.18
CA GLN D 147 4.59 -0.73 -50.85
C GLN D 147 5.56 -0.41 -51.98
N HIS D 148 5.36 0.74 -52.66
CA HIS D 148 6.35 1.30 -53.63
C HIS D 148 7.70 1.45 -52.93
N HIS D 149 7.79 2.09 -51.75
CA HIS D 149 9.11 2.28 -51.11
C HIS D 149 9.80 0.91 -50.94
N PHE D 150 9.05 -0.09 -50.47
CA PHE D 150 9.67 -1.42 -50.24
C PHE D 150 10.13 -2.04 -51.58
N SER D 151 9.35 -1.81 -52.64
CA SER D 151 9.63 -2.31 -54.01
C SER D 151 10.96 -1.75 -54.51
N GLN D 152 11.10 -0.42 -54.38
CA GLN D 152 12.34 0.33 -54.74
C GLN D 152 13.52 -0.23 -53.96
N THR D 153 13.31 -0.53 -52.69
CA THR D 153 14.35 -1.03 -51.78
C THR D 153 14.88 -2.33 -52.37
N VAL D 154 13.97 -3.23 -52.76
CA VAL D 154 14.28 -4.60 -53.21
C VAL D 154 15.06 -4.49 -54.52
N SER D 155 14.56 -3.69 -55.45
CA SER D 155 15.27 -3.32 -56.70
C SER D 155 16.73 -3.04 -56.44
N ILE D 156 16.97 -2.10 -55.55
CA ILE D 156 18.34 -1.59 -55.30
C ILE D 156 19.18 -2.75 -54.77
N LEU D 157 18.62 -3.60 -53.90
CA LEU D 157 19.40 -4.68 -53.23
C LEU D 157 19.80 -5.74 -54.27
N GLN D 158 19.04 -5.81 -55.36
CA GLN D 158 19.22 -6.76 -56.49
C GLN D 158 20.10 -6.13 -57.60
N LEU D 159 20.58 -4.89 -57.44
CA LEU D 159 21.55 -4.22 -58.33
C LEU D 159 22.90 -4.91 -58.10
N GLU D 160 23.71 -5.05 -59.15
CA GLU D 160 25.06 -5.67 -59.06
C GLU D 160 25.87 -4.99 -57.97
N GLY D 161 26.48 -5.79 -57.08
CA GLY D 161 27.41 -5.31 -56.05
C GLY D 161 26.72 -4.58 -54.91
N HIS D 162 25.39 -4.56 -54.85
CA HIS D 162 24.58 -3.84 -53.83
C HIS D 162 24.01 -4.76 -52.73
N ASN D 163 24.12 -6.09 -52.82
CA ASN D 163 23.55 -7.01 -51.79
C ASN D 163 24.42 -7.04 -50.51
N ILE D 164 24.03 -6.16 -49.61
CA ILE D 164 24.67 -5.93 -48.29
C ILE D 164 24.29 -7.08 -47.36
N PHE D 165 23.36 -7.93 -47.76
CA PHE D 165 22.99 -9.12 -46.94
C PHE D 165 23.49 -10.41 -47.62
N SER D 166 24.48 -10.34 -48.51
CA SER D 166 24.99 -11.55 -49.22
C SER D 166 25.61 -12.57 -48.24
N THR D 167 26.09 -12.22 -47.05
CA THR D 167 26.69 -13.24 -46.13
C THR D 167 25.59 -13.91 -45.27
N LEU D 168 24.30 -13.70 -45.55
CA LEU D 168 23.22 -14.26 -44.69
C LEU D 168 22.71 -15.54 -45.35
N SER D 169 22.26 -16.51 -44.56
CA SER D 169 21.48 -17.68 -45.05
C SER D 169 20.33 -17.21 -45.96
N SER D 170 19.79 -18.14 -46.76
CA SER D 170 18.52 -17.98 -47.53
C SER D 170 17.41 -17.53 -46.57
N SER D 171 17.50 -18.01 -45.33
CA SER D 171 16.45 -17.92 -44.28
C SER D 171 16.54 -16.61 -43.52
N GLU D 172 17.71 -16.36 -42.95
CA GLU D 172 18.05 -15.07 -42.27
C GLU D 172 17.78 -13.94 -43.23
N TYR D 173 18.21 -14.12 -44.47
CA TYR D 173 17.97 -13.16 -45.57
C TYR D 173 16.46 -12.93 -45.77
N GLU D 174 15.67 -13.99 -45.84
CA GLU D 174 14.23 -13.79 -46.09
C GLU D 174 13.59 -13.09 -44.87
N GLN D 175 14.25 -13.26 -43.75
CA GLN D 175 13.79 -12.80 -42.42
C GLN D 175 14.04 -11.31 -42.29
N VAL D 176 15.24 -10.85 -42.66
CA VAL D 176 15.63 -9.42 -42.53
C VAL D 176 14.82 -8.62 -43.55
N LEU D 177 14.51 -9.25 -44.71
CA LEU D 177 13.74 -8.58 -45.79
C LEU D 177 12.32 -8.37 -45.27
N GLU D 178 11.85 -9.31 -44.44
CA GLU D 178 10.50 -9.26 -43.76
C GLU D 178 10.51 -8.20 -42.63
N ILE D 179 11.58 -8.08 -41.86
CA ILE D 179 11.71 -6.97 -40.86
C ILE D 179 11.49 -5.66 -41.60
N ILE D 180 12.15 -5.53 -42.75
CA ILE D 180 12.27 -4.21 -43.46
C ILE D 180 10.91 -3.83 -43.99
N ARG D 181 10.27 -4.82 -44.62
CA ARG D 181 8.95 -4.65 -45.26
C ARG D 181 7.94 -4.20 -44.21
N LYS D 182 7.85 -4.92 -43.10
CA LYS D 182 6.83 -4.60 -42.09
C LYS D 182 7.12 -3.19 -41.59
N ALA D 183 8.39 -2.91 -41.32
CA ALA D 183 8.85 -1.59 -40.82
C ALA D 183 8.52 -0.49 -41.83
N ILE D 184 8.68 -0.70 -43.14
CA ILE D 184 8.40 0.38 -44.15
C ILE D 184 6.91 0.53 -44.25
N ILE D 185 6.18 -0.58 -44.29
CA ILE D 185 4.69 -0.51 -44.33
C ILE D 185 4.13 0.26 -43.12
N ALA D 186 4.76 0.11 -41.96
CA ALA D 186 4.27 0.69 -40.68
C ALA D 186 4.38 2.23 -40.72
N THR D 187 5.27 2.79 -41.56
CA THR D 187 5.35 4.29 -41.76
C THR D 187 4.10 4.87 -42.43
N ASP D 188 3.17 4.06 -42.93
CA ASP D 188 1.84 4.59 -43.35
C ASP D 188 1.13 5.02 -42.08
N LEU D 189 1.04 6.33 -41.81
CA LEU D 189 0.49 6.87 -40.56
C LEU D 189 -0.94 6.33 -40.38
N ALA D 190 -1.67 6.04 -41.46
CA ALA D 190 -3.06 5.59 -41.32
C ALA D 190 -3.12 4.37 -40.39
N LEU D 191 -2.03 3.61 -40.33
CA LEU D 191 -2.03 2.26 -39.69
C LEU D 191 -1.64 2.37 -38.21
N TYR D 192 -0.90 3.42 -37.90
CA TYR D 192 -0.30 3.72 -36.57
C TYR D 192 -1.42 3.77 -35.53
N PHE D 193 -2.55 4.42 -35.82
CA PHE D 193 -3.63 4.71 -34.82
C PHE D 193 -4.07 3.42 -34.14
N GLY D 194 -4.49 2.48 -35.00
CA GLY D 194 -4.79 1.08 -34.65
C GLY D 194 -3.66 0.43 -33.90
N ASN D 195 -2.39 0.64 -34.33
CA ASN D 195 -1.22 -0.12 -33.81
C ASN D 195 -0.96 0.39 -32.38
N ARG D 196 -1.14 1.69 -32.14
CA ARG D 196 -0.79 2.32 -30.83
C ARG D 196 -1.81 1.88 -29.77
N LYS D 197 -3.09 1.81 -30.19
CA LYS D 197 -4.28 1.48 -29.35
C LYS D 197 -4.12 0.06 -28.86
N GLN D 198 -3.68 -0.84 -29.76
CA GLN D 198 -3.34 -2.26 -29.45
C GLN D 198 -2.19 -2.32 -28.45
N LEU D 199 -1.04 -1.70 -28.72
CA LEU D 199 0.14 -1.76 -27.80
C LEU D 199 -0.24 -1.18 -26.42
N GLU D 200 -1.14 -0.22 -26.41
CA GLU D 200 -1.54 0.47 -25.16
C GLU D 200 -2.22 -0.57 -24.27
N GLU D 201 -3.27 -1.18 -24.79
CA GLU D 201 -4.06 -2.22 -24.09
C GLU D 201 -3.14 -3.36 -23.71
N MET D 202 -2.31 -3.85 -24.62
CA MET D 202 -1.37 -4.95 -24.30
C MET D 202 -0.47 -4.51 -23.15
N TYR D 203 0.17 -3.33 -23.20
CA TYR D 203 1.17 -2.93 -22.16
C TYR D 203 0.43 -2.60 -20.82
N GLN D 204 -0.74 -1.95 -20.86
CA GLN D 204 -1.48 -1.49 -19.65
C GLN D 204 -1.99 -2.69 -18.85
N THR D 205 -2.61 -3.65 -19.55
CA THR D 205 -3.12 -4.92 -18.99
C THR D 205 -1.97 -5.89 -18.67
N GLY D 206 -0.71 -5.60 -19.01
CA GLY D 206 0.45 -6.48 -18.68
C GLY D 206 0.55 -7.76 -19.51
N SER D 207 -0.24 -7.91 -20.58
CA SER D 207 -0.19 -8.99 -21.58
C SER D 207 0.89 -8.78 -22.68
N LEU D 208 1.54 -7.61 -22.79
CA LEU D 208 2.53 -7.38 -23.87
C LEU D 208 3.73 -8.31 -23.61
N ASN D 209 4.18 -9.00 -24.65
CA ASN D 209 5.23 -10.05 -24.54
C ASN D 209 6.21 -9.95 -25.72
N LEU D 210 7.44 -9.50 -25.47
CA LEU D 210 8.46 -9.31 -26.54
C LEU D 210 9.00 -10.63 -27.10
N ASN D 211 8.52 -11.78 -26.65
CA ASN D 211 9.06 -13.11 -27.08
C ASN D 211 8.10 -13.65 -28.11
N ASN D 212 7.04 -12.86 -28.33
CA ASN D 212 5.92 -13.13 -29.25
C ASN D 212 6.22 -12.34 -30.53
N GLN D 213 6.51 -12.98 -31.67
CA GLN D 213 6.92 -12.22 -32.89
C GLN D 213 5.89 -11.14 -33.21
N SER D 214 4.62 -11.49 -33.05
CA SER D 214 3.46 -10.62 -33.35
C SER D 214 3.53 -9.33 -32.54
N HIS D 215 4.04 -9.40 -31.31
CA HIS D 215 4.14 -8.24 -30.40
C HIS D 215 5.38 -7.44 -30.80
N ARG D 216 6.45 -8.13 -31.15
CA ARG D 216 7.67 -7.45 -31.62
C ARG D 216 7.36 -6.60 -32.84
N ASP D 217 6.57 -7.10 -33.79
CA ASP D 217 6.30 -6.37 -35.06
C ASP D 217 5.57 -5.09 -34.70
N ARG D 218 4.63 -5.19 -33.76
CA ARG D 218 3.83 -4.01 -33.29
C ARG D 218 4.78 -2.99 -32.66
N VAL D 219 5.74 -3.43 -31.86
CA VAL D 219 6.66 -2.48 -31.17
C VAL D 219 7.52 -1.77 -32.22
N ILE D 220 8.02 -2.53 -33.19
CA ILE D 220 8.85 -1.99 -34.31
C ILE D 220 7.99 -1.03 -35.14
N GLY D 221 6.73 -1.36 -35.41
CA GLY D 221 5.80 -0.42 -36.05
C GLY D 221 5.82 0.93 -35.33
N LEU D 222 5.65 0.88 -34.01
CA LEU D 222 5.59 2.13 -33.22
C LEU D 222 6.93 2.86 -33.31
N MET D 223 8.03 2.15 -33.15
CA MET D 223 9.36 2.78 -33.27
C MET D 223 9.47 3.50 -34.64
N MET D 224 8.95 2.88 -35.71
CA MET D 224 9.04 3.46 -37.10
C MET D 224 8.21 4.76 -37.17
N THR D 225 6.96 4.80 -36.66
CA THR D 225 6.13 6.01 -36.56
C THR D 225 6.89 7.09 -35.79
N ALA D 226 7.51 6.70 -34.70
CA ALA D 226 8.18 7.59 -33.74
C ALA D 226 9.36 8.28 -34.44
N CYS D 227 10.22 7.48 -35.06
CA CYS D 227 11.36 7.93 -35.92
C CYS D 227 10.88 8.84 -37.06
N ASP D 228 9.76 8.44 -37.63
CA ASP D 228 9.24 9.06 -38.84
C ASP D 228 8.74 10.46 -38.50
N LEU D 229 8.13 10.64 -37.32
CA LEU D 229 7.54 11.95 -36.88
C LEU D 229 8.57 12.80 -36.15
N CYS D 230 9.85 12.38 -36.15
CA CYS D 230 10.82 12.81 -35.14
C CYS D 230 11.20 14.30 -35.28
N SER D 231 10.66 15.03 -36.28
CA SER D 231 10.80 16.51 -36.34
C SER D 231 10.20 17.17 -35.08
N VAL D 232 9.12 16.61 -34.49
CA VAL D 232 8.48 17.15 -33.26
C VAL D 232 9.30 16.87 -31.97
N THR D 233 10.39 16.14 -32.07
CA THR D 233 11.22 15.76 -30.89
C THR D 233 12.58 16.47 -30.97
N LYS D 234 12.71 17.43 -31.88
CA LYS D 234 13.98 18.19 -31.98
C LYS D 234 13.82 19.46 -31.15
N LEU D 235 14.90 20.23 -31.04
CA LEU D 235 14.88 21.54 -30.34
C LEU D 235 14.07 22.52 -31.17
N TRP D 236 13.38 23.44 -30.52
CA TRP D 236 12.29 24.22 -31.12
C TRP D 236 12.71 24.91 -32.44
N PRO D 237 13.89 25.51 -32.57
CA PRO D 237 14.31 26.04 -33.87
C PRO D 237 14.36 25.03 -35.03
N VAL D 238 14.84 23.79 -34.80
CA VAL D 238 14.88 22.72 -35.84
C VAL D 238 13.43 22.33 -36.13
N THR D 239 12.60 22.18 -35.09
CA THR D 239 11.18 21.77 -35.18
C THR D 239 10.43 22.81 -36.04
N LYS D 240 10.64 24.10 -35.77
CA LYS D 240 9.91 25.22 -36.44
C LYS D 240 10.37 25.36 -37.92
N LEU D 241 11.65 25.22 -38.20
CA LEU D 241 12.14 25.29 -39.59
C LEU D 241 11.71 24.04 -40.37
N THR D 242 11.69 22.85 -39.77
CA THR D 242 11.21 21.65 -40.49
C THR D 242 9.71 21.77 -40.83
N ALA D 243 8.90 22.45 -40.01
CA ALA D 243 7.44 22.58 -40.28
C ALA D 243 7.21 23.27 -41.63
N ASN D 244 8.07 24.23 -41.99
CA ASN D 244 8.02 24.99 -43.26
C ASN D 244 8.20 24.05 -44.43
N ASP D 245 9.10 23.08 -44.31
CA ASP D 245 9.30 22.02 -45.33
C ASP D 245 8.01 21.17 -45.43
N ILE D 246 7.52 20.64 -44.32
CA ILE D 246 6.35 19.71 -44.28
C ILE D 246 5.16 20.40 -44.97
N TYR D 247 4.92 21.67 -44.66
CA TYR D 247 3.75 22.41 -45.17
C TYR D 247 4.01 22.75 -46.64
N ALA D 248 5.26 23.00 -47.03
CA ALA D 248 5.58 23.24 -48.47
C ALA D 248 4.97 22.11 -49.30
N GLU D 249 5.24 20.87 -48.91
CA GLU D 249 4.66 19.67 -49.55
C GLU D 249 3.14 19.63 -49.42
N PHE D 250 2.61 19.79 -48.23
CA PHE D 250 1.14 19.68 -48.01
C PHE D 250 0.43 20.64 -48.94
N TRP D 251 0.91 21.87 -49.02
CA TRP D 251 0.26 22.92 -49.85
C TRP D 251 0.37 22.61 -51.34
N ALA D 252 1.53 22.08 -51.75
CA ALA D 252 1.72 21.71 -53.18
C ALA D 252 0.67 20.64 -53.52
N GLU D 253 0.49 19.67 -52.61
CA GLU D 253 -0.54 18.60 -52.79
C GLU D 253 -1.92 19.25 -52.78
N GLY D 254 -2.15 20.24 -51.93
CA GLY D 254 -3.47 20.87 -51.87
C GLY D 254 -3.80 21.48 -53.21
N ASP D 255 -2.81 22.13 -53.81
CA ASP D 255 -2.92 22.83 -55.11
C ASP D 255 -3.32 21.82 -56.19
N GLU D 256 -2.74 20.62 -56.13
CA GLU D 256 -3.04 19.57 -57.10
C GLU D 256 -4.42 19.03 -56.81
N MET D 257 -4.90 19.07 -55.56
CA MET D 257 -6.29 18.64 -55.26
C MET D 257 -7.23 19.66 -55.93
N LYS D 258 -6.98 20.96 -55.79
CA LYS D 258 -7.85 22.04 -56.39
C LYS D 258 -7.85 21.87 -57.93
N LYS D 259 -6.73 21.51 -58.51
CA LYS D 259 -6.62 21.24 -59.94
C LYS D 259 -7.40 20.00 -60.32
N LEU D 260 -7.72 19.08 -59.40
CA LEU D 260 -8.53 17.89 -59.75
C LEU D 260 -10.02 18.23 -59.61
N GLY D 261 -10.40 19.29 -58.92
CA GLY D 261 -11.81 19.66 -58.76
C GLY D 261 -12.25 19.48 -57.33
N ILE D 262 -11.34 19.00 -56.49
CA ILE D 262 -11.57 18.68 -55.06
C ILE D 262 -11.03 19.76 -54.10
N GLN D 263 -11.79 20.11 -53.07
CA GLN D 263 -11.36 21.03 -51.98
C GLN D 263 -10.45 20.23 -51.07
N PRO D 264 -9.17 20.61 -50.89
CA PRO D 264 -8.33 19.83 -50.00
C PRO D 264 -8.74 20.16 -48.58
N ILE D 265 -8.38 19.24 -47.66
CA ILE D 265 -8.54 19.43 -46.20
C ILE D 265 -7.72 20.65 -45.83
N PRO D 266 -8.18 21.42 -44.83
CA PRO D 266 -7.52 22.66 -44.43
C PRO D 266 -6.00 22.58 -44.26
N MET D 267 -5.50 21.41 -43.85
CA MET D 267 -4.08 21.16 -43.47
C MET D 267 -3.16 21.46 -44.69
N MET D 268 -3.67 21.12 -45.91
CA MET D 268 -3.01 21.15 -47.24
C MET D 268 -3.49 22.37 -48.05
N ASP D 269 -4.30 23.23 -47.44
CA ASP D 269 -4.85 24.44 -48.09
C ASP D 269 -4.02 25.65 -47.65
N ARG D 270 -3.30 26.26 -48.60
CA ARG D 270 -2.39 27.41 -48.39
C ARG D 270 -3.20 28.71 -48.21
N ASP D 271 -4.45 28.74 -48.66
CA ASP D 271 -5.37 29.86 -48.31
C ASP D 271 -5.68 29.85 -46.81
N LYS D 272 -5.32 28.80 -46.08
CA LYS D 272 -5.69 28.58 -44.65
C LYS D 272 -4.39 28.50 -43.82
N LYS D 273 -3.40 29.28 -44.20
CA LYS D 273 -2.03 29.27 -43.63
C LYS D 273 -2.00 29.84 -42.19
N ASP D 274 -2.88 30.79 -41.90
CA ASP D 274 -3.12 31.31 -40.53
C ASP D 274 -3.41 30.14 -39.58
N GLU D 275 -4.15 29.08 -40.00
CA GLU D 275 -4.66 27.97 -39.15
C GLU D 275 -3.53 26.99 -38.72
N VAL D 276 -2.28 27.25 -39.08
CA VAL D 276 -1.15 26.27 -38.97
C VAL D 276 -0.92 25.95 -37.50
N PRO D 277 -0.73 26.96 -36.61
CA PRO D 277 -0.36 26.70 -35.22
C PRO D 277 -1.46 25.92 -34.48
N GLN D 278 -2.74 26.19 -34.77
CA GLN D 278 -3.88 25.37 -34.31
C GLN D 278 -3.75 23.93 -34.86
N GLY D 279 -3.38 23.81 -36.13
CA GLY D 279 -3.26 22.53 -36.85
C GLY D 279 -2.23 21.64 -36.18
N GLN D 280 -1.09 22.22 -35.80
CA GLN D 280 0.00 21.57 -35.04
C GLN D 280 -0.47 21.14 -33.65
N LEU D 281 -1.16 22.06 -32.97
CA LEU D 281 -1.71 21.81 -31.62
C LEU D 281 -2.46 20.50 -31.71
N GLY D 282 -3.37 20.46 -32.68
CA GLY D 282 -4.23 19.29 -32.99
C GLY D 282 -3.41 18.03 -33.19
N PHE D 283 -2.27 18.15 -33.90
CA PHE D 283 -1.41 17.04 -34.36
C PHE D 283 -0.68 16.41 -33.17
N TYR D 284 -0.08 17.25 -32.33
CA TYR D 284 0.58 16.86 -31.07
C TYR D 284 -0.38 16.15 -30.08
N ASN D 285 -1.58 16.73 -29.88
CA ASN D 285 -2.65 16.20 -28.98
C ASN D 285 -3.18 14.84 -29.49
N ALA D 286 -3.44 14.68 -30.78
CA ALA D 286 -4.12 13.50 -31.34
C ALA D 286 -3.13 12.46 -31.91
N VAL D 287 -1.88 12.82 -32.25
CA VAL D 287 -0.92 11.87 -32.89
C VAL D 287 0.42 11.80 -32.13
N ALA D 288 1.16 12.92 -32.06
CA ALA D 288 2.57 12.90 -31.62
C ALA D 288 2.65 12.53 -30.13
N ILE D 289 1.93 13.21 -29.23
CA ILE D 289 2.05 12.95 -27.76
C ILE D 289 1.64 11.51 -27.48
N PRO D 290 0.48 11.07 -27.98
CA PRO D 290 0.16 9.64 -27.80
C PRO D 290 1.32 8.72 -28.24
N CYS D 291 1.92 8.98 -29.38
CA CYS D 291 2.97 8.14 -29.98
C CYS D 291 4.11 7.97 -28.97
N TYR D 292 4.74 9.06 -28.53
CA TYR D 292 5.95 9.00 -27.66
C TYR D 292 5.60 8.62 -26.22
N THR D 293 4.39 8.96 -25.73
CA THR D 293 3.87 8.48 -24.41
C THR D 293 3.97 6.94 -24.40
N THR D 294 3.28 6.29 -25.34
CA THR D 294 3.20 4.82 -25.46
C THR D 294 4.59 4.23 -25.68
N LEU D 295 5.43 4.92 -26.45
CA LEU D 295 6.75 4.34 -26.77
C LEU D 295 7.59 4.36 -25.49
N THR D 296 7.57 5.48 -24.76
CA THR D 296 8.27 5.69 -23.46
C THR D 296 7.77 4.66 -22.42
N GLN D 297 6.48 4.33 -22.43
CA GLN D 297 5.87 3.22 -21.60
CA GLN D 297 5.95 3.25 -21.53
C GLN D 297 6.71 1.95 -21.86
N ILE D 298 6.82 1.53 -23.12
CA ILE D 298 7.38 0.21 -23.51
C ILE D 298 8.93 0.22 -23.49
N LEU D 299 9.57 1.28 -23.95
CA LEU D 299 11.05 1.45 -23.93
C LEU D 299 11.38 2.72 -23.13
N PRO D 300 11.33 2.69 -21.79
CA PRO D 300 11.54 3.89 -21.00
C PRO D 300 12.72 4.78 -21.36
N PRO D 301 13.89 4.29 -21.84
CA PRO D 301 15.00 5.20 -22.16
C PRO D 301 14.72 6.06 -23.42
N THR D 302 13.60 5.86 -24.13
CA THR D 302 13.12 6.76 -25.23
C THR D 302 12.44 8.02 -24.70
N GLU D 303 12.28 8.18 -23.37
CA GLU D 303 11.63 9.35 -22.70
C GLU D 303 12.12 10.71 -23.24
N PRO D 304 13.40 10.94 -23.57
CA PRO D 304 13.78 12.25 -24.10
C PRO D 304 12.97 12.66 -25.36
N LEU D 305 12.49 11.72 -26.17
CA LEU D 305 11.66 12.05 -27.36
C LEU D 305 10.39 12.70 -26.82
N LEU D 306 9.77 12.08 -25.82
CA LEU D 306 8.49 12.52 -25.20
C LEU D 306 8.68 13.92 -24.59
N LYS D 307 9.73 14.09 -23.79
CA LYS D 307 10.10 15.38 -23.17
C LYS D 307 10.12 16.54 -24.19
N ALA D 308 10.91 16.38 -25.27
CA ALA D 308 11.16 17.35 -26.37
C ALA D 308 9.85 17.63 -27.10
N CYS D 309 9.02 16.62 -27.35
CA CYS D 309 7.68 16.76 -27.94
C CYS D 309 6.80 17.67 -27.06
N ARG D 310 6.86 17.47 -25.74
CA ARG D 310 5.96 18.23 -24.83
C ARG D 310 6.43 19.69 -24.85
N ASP D 311 7.74 19.91 -24.84
CA ASP D 311 8.30 21.29 -24.94
C ASP D 311 7.79 22.02 -26.20
N ASN D 312 7.83 21.35 -27.37
CA ASN D 312 7.37 21.91 -28.68
C ASN D 312 5.86 22.15 -28.63
N LEU D 313 5.06 21.29 -27.96
CA LEU D 313 3.60 21.52 -27.78
C LEU D 313 3.42 22.89 -27.14
N SER D 314 4.29 23.22 -26.18
CA SER D 314 4.11 24.41 -25.29
C SER D 314 4.56 25.66 -26.05
N GLN D 315 5.52 25.50 -26.99
CA GLN D 315 5.88 26.53 -28.00
C GLN D 315 4.73 26.79 -28.98
N TRP D 316 4.07 25.75 -29.51
CA TRP D 316 2.91 25.96 -30.42
C TRP D 316 1.83 26.75 -29.64
N GLU D 317 1.60 26.47 -28.36
CA GLU D 317 0.64 27.16 -27.48
C GLU D 317 1.03 28.65 -27.38
N LYS D 318 2.30 28.96 -27.21
CA LYS D 318 2.81 30.37 -27.15
C LYS D 318 2.61 31.10 -28.47
N VAL D 319 2.68 30.37 -29.60
CA VAL D 319 2.65 30.97 -30.96
C VAL D 319 1.20 31.44 -31.14
N ILE D 320 0.27 30.63 -30.70
CA ILE D 320 -1.20 30.86 -30.77
C ILE D 320 -1.62 32.13 -29.98
N ARG D 321 -0.76 32.69 -29.11
CA ARG D 321 -1.01 34.01 -28.47
C ARG D 321 0.16 34.97 -28.75
N GLY D 322 1.38 34.67 -28.30
CA GLY D 322 2.58 35.53 -28.50
C GLY D 322 3.45 35.49 -27.25
ZN ZN E . -14.41 -6.55 31.80
MG MG F . -11.84 -8.96 33.25
C1 GOL G . -11.61 10.48 17.62
O1 GOL G . -12.80 11.21 17.92
C2 GOL G . -11.71 9.63 16.36
O2 GOL G . -12.64 10.24 15.47
C3 GOL G . -12.04 8.16 16.63
O3 GOL G . -12.98 7.60 15.68
N1 K3O H . -21.01 -14.25 25.76
N3 K3O H . -20.68 -12.08 26.87
C4 K3O H . -20.16 -14.86 26.53
C6 K3O H . -18.19 -13.14 29.18
C7 K3O H . -18.41 -14.28 28.55
C8 K3O H . -19.49 -14.07 27.54
C13 K3O H . -18.11 -17.84 29.87
C15 K3O H . -18.62 -16.65 29.32
C17 K3O H . -19.02 -19.06 30.18
C22 K3O H . -20.70 -16.86 25.15
C2 K3O H . -21.26 -12.91 25.95
N5 K3O H . -18.96 -12.17 28.61
C9 K3O H . -19.76 -12.65 27.65
N10 K3O H . -22.23 -12.35 25.12
C11 K3O H . -16.43 -15.60 29.51
C12 K3O H . -17.76 -15.53 29.05
C14 K3O H . -16.74 -17.89 30.24
C16 K3O H . -15.91 -16.77 30.07
F18 K3O H . -19.98 -19.41 29.19
F19 K3O H . -18.23 -20.19 30.58
F20 K3O H . -19.75 -18.67 31.31
N21 K3O H . -19.98 -16.24 26.26
C23 K3O H . -21.08 -18.27 25.66
ZN ZN I . -11.37 12.82 -0.24
MG MG J . -13.82 14.38 2.05
N1 K3O K . -18.17 4.53 -5.02
N3 K3O K . -16.22 5.88 -5.07
C4 K3O K . -18.79 5.43 -4.24
C6 K3O K . -17.33 8.59 -3.04
C7 K3O K . -18.38 7.74 -2.98
C8 K3O K . -18.09 6.60 -3.85
C13 K3O K . -22.11 8.47 -2.83
C15 K3O K . -20.86 8.04 -3.28
C17 K3O K . -23.43 8.44 -3.64
C22 K3O K . -20.59 3.92 -4.40
C2 K3O K . -16.90 4.79 -5.45
N5 K3O K . -16.35 7.92 -3.76
C9 K3O K . -16.78 6.79 -4.28
N10 K3O K . -16.21 3.89 -6.26
C11 K3O K . -19.81 8.72 -1.20
C12 K3O K . -19.69 8.12 -2.43
C14 K3O K . -22.20 9.04 -1.57
C16 K3O K . -21.05 9.13 -0.76
F18 K3O K . -23.29 7.39 -4.51
F19 K3O K . -24.56 8.27 -2.83
F20 K3O K . -23.65 9.63 -4.38
N21 K3O K . -20.09 5.20 -3.88
C23 K3O K . -22.02 4.16 -4.86
ZN ZN L . 12.97 -14.76 7.81
MG MG M . 14.22 -12.73 4.81
N1 K3O N . 5.51 -21.96 2.26
N3 K3O N . 6.92 -21.32 4.18
C4 K3O N . 6.27 -21.20 1.43
C6 K3O N . 9.18 -19.24 2.42
C7 K3O N . 8.39 -19.66 1.40
C8 K3O N . 7.40 -20.52 1.97
C13 K3O N . 8.87 -19.90 -2.40
C15 K3O N . 8.52 -20.24 -1.06
C17 K3O N . 8.80 -21.00 -3.47
C22 K3O N . 4.73 -21.25 -0.47
C2 K3O N . 5.85 -21.99 3.59
N5 K3O N . 8.76 -19.73 3.62
C9 K3O N . 7.70 -20.57 3.40
N10 K3O N . 5.01 -22.73 4.43
C11 K3O N . 9.12 -17.99 -0.37
C12 K3O N . 8.65 -19.28 -0.02
C14 K3O N . 9.33 -18.63 -2.80
C16 K3O N . 9.42 -17.70 -1.73
F18 K3O N . 7.55 -21.73 -3.37
F19 K3O N . 9.09 -20.53 -4.75
F20 K3O N . 9.97 -21.79 -3.32
N21 K3O N . 6.08 -21.11 0.06
C23 K3O N . 4.52 -22.56 -1.20
ZN ZN O . 9.08 9.42 -43.75
MG MG P . 6.36 7.77 -45.98
N1 K3O Q . 2.82 17.76 -38.79
N3 K3O Q . 4.75 16.38 -38.82
C4 K3O Q . 2.10 16.87 -39.47
C6 K3O Q . 3.43 13.67 -40.74
C7 K3O Q . 2.34 14.50 -40.67
C8 K3O Q . 2.74 15.67 -39.92
C13 K3O Q . -1.42 13.96 -40.62
C15 K3O Q . -0.11 14.31 -40.28
C17 K3O Q . -2.62 14.14 -39.64
C22 K3O Q . 0.28 18.56 -39.62
C2 K3O Q . 4.10 17.50 -38.47
N5 K3O Q . 4.52 14.20 -40.10
C9 K3O Q . 4.12 15.43 -39.56
N10 K3O Q . 4.75 18.49 -37.72
C11 K3O Q . 0.72 13.44 -42.38
C12 K3O Q . 0.99 14.13 -41.17
C14 K3O Q . -1.65 13.32 -41.86
C16 K3O Q . -0.58 13.11 -42.71
F18 K3O Q . -2.58 15.28 -38.85
F19 K3O Q . -3.85 14.04 -40.32
F20 K3O Q . -2.62 13.01 -38.81
N21 K3O Q . 0.80 17.20 -39.78
C23 K3O Q . -1.22 18.38 -39.27
#